data_7BUA
#
_entry.id   7BUA
#
_cell.length_a   1.00
_cell.length_b   1.00
_cell.length_c   1.00
_cell.angle_alpha   90.00
_cell.angle_beta   90.00
_cell.angle_gamma   90.00
#
_symmetry.space_group_name_H-M   'P 1'
#
loop_
_entity.id
_entity.type
_entity.pdbx_description
1 polymer 'Genome polyprotein'
2 polymer 'zika virus M protein'
3 polymer 'SIgN-3C Fab heavy chain'
4 polymer 'SIgN-3C Fab light chain'
5 non-polymer 2-acetamido-2-deoxy-beta-D-glucopyranose
#
loop_
_entity_poly.entity_id
_entity_poly.type
_entity_poly.pdbx_seq_one_letter_code
_entity_poly.pdbx_strand_id
1 'polypeptide(L)'
;IRCIGVSNRDFVEGMSGGTWVDVVLEHGGCVTVMAQDKPTVDIELVTTTVSNMAEVRSYCYEASISDMASDSRCPTQGEA
YLDKQSDTQYVCKRTLVDRGWGNGCGLFGKGSLVTCAKFACSKKMTGKSIQPENLEYRIMLSVHGSQHSGMIVNDTGHET
DENRAKVEITPNSPRAEATLGGFGSLGLDCEPRTGLDFSDLYYLTMNNKHWLVHKEWFHDIPLPWHAGADTGTPHWNNKE
ALVEFKDAHAKRQTVVVLGSQEGAVHTALAGALEAEMDGAKGRLSSGHLKCRLKMDKLRLKGVSYSLCTAAFTFTKIPAE
TLHGTVTVEVQYAGTDGPCKVPAQMAVDMQTLTPVGRLITANPVITESTENSKMMLELDPPFGDSYIVIGVGEKKITHHW
HRSGSTIGKAFEATVRGAKRMAVLGDTAWDFGSVGGALNSLGKGIHQIFGAAFKSLFGGMSWFSQILIGTLLMWLGLNTK
NGSISLMCLALGGVLIFLSTAVSA
;
A,C,B
2 'polypeptide(L)' AVTLPSHSTRKLQTRSQTWLESREYTKHLIRVENWIFRNPGFALAAAAIAWLLGSSTSQKVIYLVMILLIAPAYS D,E,F
3 'polypeptide(L)'
;EVQLVQSGPDVEKPGASVKVSCKASGYTFTSNYIHWVRQAPGQGLEWMGVINPRGGSTASAQKFQGRITMTRDTSTSTVY
MELSSLRSDDTAVYYCARGGRALFYDSYTTPRDGGSWWFDPWGQGSLVTVSS
;
G,H,J
4 'polypeptide(L)'
;DIQLTQSPSSLSASVGDRVTFTCQASQDIRKYLNWYQQKPGKAPKLLIYDASNLKTGVPSRFSGSGSGTDFTFTISSLQP
EDVATYYCQQFDDLPITFGQGTRLQIK
;
I,L,K
#
loop_
_chem_comp.id
_chem_comp.type
_chem_comp.name
_chem_comp.formula
NAG D-saccharide, beta linking 2-acetamido-2-deoxy-beta-D-glucopyranose 'C8 H15 N O6'
#
# COMPACT_ATOMS: atom_id res chain seq x y z
N ILE A 1 27.76 43.86 -25.38
CA ILE A 1 28.49 42.82 -24.67
C ILE A 1 27.53 41.96 -23.86
N ARG A 2 27.76 40.64 -23.89
CA ARG A 2 27.16 39.71 -22.93
C ARG A 2 25.67 39.57 -23.16
N CYS A 3 25.08 40.42 -23.99
CA CYS A 3 23.65 40.39 -24.21
C CYS A 3 23.32 40.47 -25.68
N ILE A 4 24.26 40.08 -26.53
CA ILE A 4 24.07 40.11 -27.98
C ILE A 4 23.98 38.67 -28.48
N GLY A 5 22.95 38.39 -29.27
CA GLY A 5 22.67 37.02 -29.64
C GLY A 5 22.04 36.22 -28.53
N VAL A 6 21.39 36.91 -27.58
CA VAL A 6 20.71 36.26 -26.47
C VAL A 6 19.23 36.62 -26.51
N SER A 7 18.65 36.69 -27.71
CA SER A 7 17.30 37.16 -28.02
C SER A 7 16.28 36.76 -26.97
N ASN A 8 15.27 37.61 -26.75
CA ASN A 8 14.57 37.83 -25.48
C ASN A 8 15.31 38.85 -24.62
N ARG A 9 16.31 39.52 -25.17
CA ARG A 9 16.87 40.68 -24.50
C ARG A 9 15.93 41.86 -24.68
N ASP A 10 16.12 42.89 -23.86
CA ASP A 10 15.42 44.15 -24.06
C ASP A 10 16.31 45.34 -23.78
N PHE A 11 15.88 46.49 -24.28
CA PHE A 11 16.50 47.78 -23.96
C PHE A 11 15.47 48.66 -23.26
N VAL A 12 15.86 49.21 -22.12
CA VAL A 12 15.03 50.13 -21.36
C VAL A 12 15.83 51.38 -21.05
N GLU A 13 15.17 52.54 -21.14
CA GLU A 13 15.79 53.81 -20.84
C GLU A 13 15.14 54.33 -19.56
N GLY A 14 15.50 55.54 -19.17
CA GLY A 14 14.89 56.14 -18.01
C GLY A 14 14.88 57.64 -18.20
N MET A 15 13.70 58.24 -18.13
CA MET A 15 13.59 59.68 -18.36
C MET A 15 14.41 60.45 -17.36
N SER A 16 15.48 61.11 -17.82
CA SER A 16 16.58 61.49 -16.94
C SER A 16 16.13 62.41 -15.82
N GLY A 17 16.83 62.35 -14.70
CA GLY A 17 16.38 63.02 -13.50
C GLY A 17 15.70 62.04 -12.58
N GLY A 18 16.40 61.62 -11.52
CA GLY A 18 15.88 60.63 -10.61
C GLY A 18 15.96 59.21 -11.12
N THR A 19 17.18 58.67 -11.22
CA THR A 19 17.40 57.30 -11.69
C THR A 19 16.48 56.35 -10.93
N TRP A 20 15.57 55.73 -11.68
CA TRP A 20 14.48 54.95 -11.09
C TRP A 20 14.22 53.69 -11.92
N VAL A 21 15.28 53.10 -12.47
CA VAL A 21 15.08 52.06 -13.48
C VAL A 21 14.90 50.71 -12.78
N ASP A 22 13.65 50.40 -12.46
CA ASP A 22 13.31 49.10 -11.92
C ASP A 22 13.11 48.11 -13.05
N VAL A 23 14.08 47.22 -13.21
CA VAL A 23 14.03 46.25 -14.30
C VAL A 23 13.40 44.96 -13.77
N VAL A 24 12.78 44.22 -14.67
CA VAL A 24 12.33 42.88 -14.36
C VAL A 24 13.45 41.92 -14.75
N LEU A 25 14.31 41.63 -13.79
CA LEU A 25 15.46 40.80 -14.02
C LEU A 25 15.03 39.41 -14.44
N GLU A 26 15.74 38.87 -15.43
CA GLU A 26 15.35 37.66 -16.15
C GLU A 26 16.47 36.64 -16.05
N HIS A 27 16.10 35.43 -15.64
CA HIS A 27 17.04 34.33 -15.66
C HIS A 27 16.94 33.57 -16.98
N GLY A 28 16.29 34.17 -17.96
CA GLY A 28 16.20 33.58 -19.28
C GLY A 28 16.36 34.59 -20.40
N GLY A 29 17.17 35.62 -20.18
CA GLY A 29 17.37 36.67 -21.16
C GLY A 29 18.15 37.81 -20.55
N CYS A 30 18.52 38.81 -21.35
CA CYS A 30 19.25 39.95 -20.81
C CYS A 30 18.41 41.22 -20.89
N VAL A 31 18.83 42.23 -20.14
CA VAL A 31 18.21 43.55 -20.25
C VAL A 31 19.30 44.60 -20.22
N THR A 32 19.30 45.46 -21.23
CA THR A 32 20.26 46.55 -21.35
C THR A 32 19.54 47.86 -21.08
N VAL A 33 20.06 48.63 -20.13
CA VAL A 33 19.57 49.95 -19.82
C VAL A 33 20.49 50.97 -20.46
N MET A 34 19.91 52.04 -21.02
CA MET A 34 20.70 53.11 -21.59
C MET A 34 20.34 54.42 -20.89
N ALA A 35 21.24 55.38 -21.01
CA ALA A 35 21.03 56.73 -20.50
C ALA A 35 21.91 57.66 -21.32
N GLN A 36 21.49 58.92 -21.45
CA GLN A 36 22.28 59.91 -22.17
C GLN A 36 23.66 60.03 -21.55
N ASP A 37 23.70 59.98 -20.23
CA ASP A 37 24.91 59.82 -19.44
C ASP A 37 25.09 58.35 -19.06
N LYS A 38 25.99 58.09 -18.12
CA LYS A 38 25.90 56.88 -17.33
C LYS A 38 26.08 55.65 -18.22
N PRO A 39 27.33 55.31 -18.57
CA PRO A 39 27.60 54.36 -19.67
C PRO A 39 26.65 53.18 -19.69
N THR A 40 26.14 52.88 -20.89
CA THR A 40 25.08 51.90 -21.06
C THR A 40 25.45 50.58 -20.38
N VAL A 41 24.46 49.96 -19.76
CA VAL A 41 24.70 48.86 -18.83
C VAL A 41 23.84 47.68 -19.26
N ASP A 42 24.32 46.47 -19.01
CA ASP A 42 23.52 45.29 -19.24
C ASP A 42 23.38 44.53 -17.93
N ILE A 43 22.39 43.65 -17.85
CA ILE A 43 22.27 42.73 -16.72
C ILE A 43 21.64 41.43 -17.20
N GLU A 44 22.26 40.33 -16.78
CA GLU A 44 21.86 38.99 -17.15
C GLU A 44 21.97 38.11 -15.91
N LEU A 45 20.89 37.38 -15.61
CA LEU A 45 20.84 36.53 -14.43
C LEU A 45 21.49 35.19 -14.67
N VAL A 46 22.66 34.96 -14.11
CA VAL A 46 23.43 33.75 -14.40
C VAL A 46 22.71 32.50 -13.92
N THR A 47 22.50 32.37 -12.61
CA THR A 47 22.03 31.14 -12.01
C THR A 47 21.08 31.48 -10.87
N THR A 48 20.36 30.48 -10.36
CA THR A 48 19.61 30.67 -9.13
C THR A 48 19.98 29.53 -8.19
N THR A 49 20.26 29.85 -6.94
CA THR A 49 20.81 28.85 -6.04
C THR A 49 20.06 28.86 -4.71
N VAL A 50 19.94 27.68 -4.12
CA VAL A 50 19.29 27.48 -2.84
C VAL A 50 20.29 26.80 -1.92
N SER A 51 20.47 27.37 -0.73
CA SER A 51 21.47 26.87 0.20
C SER A 51 20.93 25.73 1.05
N ASN A 52 19.90 26.01 1.83
CA ASN A 52 19.40 25.04 2.81
C ASN A 52 18.01 24.55 2.43
N MET A 53 17.88 23.23 2.28
CA MET A 53 16.60 22.59 2.05
C MET A 53 16.31 21.60 3.16
N ALA A 54 15.05 21.57 3.60
CA ALA A 54 14.63 20.68 4.67
C ALA A 54 14.01 19.40 4.12
N GLU A 55 14.19 18.31 4.86
CA GLU A 55 13.85 16.96 4.39
C GLU A 55 12.43 16.62 4.81
N VAL A 56 11.46 17.03 3.99
CA VAL A 56 10.06 16.71 4.18
C VAL A 56 9.84 15.32 3.59
N ARG A 57 8.66 14.74 3.80
CA ARG A 57 8.30 13.38 3.41
C ARG A 57 8.93 12.90 2.11
N SER A 58 9.44 11.68 2.12
CA SER A 58 9.98 11.07 0.91
C SER A 58 9.00 10.04 0.38
N TYR A 59 9.27 9.55 -0.82
CA TYR A 59 8.38 8.62 -1.49
C TYR A 59 9.16 7.43 -2.00
N CYS A 60 8.51 6.28 -2.01
CA CYS A 60 9.10 5.08 -2.59
C CYS A 60 8.21 4.60 -3.73
N TYR A 61 8.83 4.35 -4.87
CA TYR A 61 8.13 3.87 -6.05
C TYR A 61 8.64 2.52 -6.50
N GLU A 62 9.75 2.06 -5.93
CA GLU A 62 10.28 0.73 -6.20
C GLU A 62 10.25 -0.07 -4.90
N ALA A 63 9.33 -1.01 -4.84
CA ALA A 63 9.15 -1.83 -3.65
C ALA A 63 9.47 -3.28 -3.98
N SER A 64 9.56 -4.10 -2.94
CA SER A 64 9.81 -5.53 -3.10
C SER A 64 9.04 -6.25 -2.01
N ILE A 65 8.58 -7.45 -2.32
CA ILE A 65 7.74 -8.21 -1.41
C ILE A 65 8.38 -9.56 -1.16
N SER A 66 8.09 -10.16 -0.01
CA SER A 66 8.67 -11.44 0.35
C SER A 66 7.77 -12.10 1.39
N ASP A 67 8.18 -13.28 1.86
CA ASP A 67 7.64 -13.99 3.02
C ASP A 67 6.14 -13.80 3.19
N MET A 68 5.36 -14.13 2.16
CA MET A 68 3.94 -13.84 2.12
C MET A 68 3.19 -14.63 3.19
N ALA A 69 1.92 -14.31 3.39
CA ALA A 69 1.14 -14.93 4.45
C ALA A 69 -0.36 -14.74 4.21
N SER A 70 -1.13 -15.77 4.53
CA SER A 70 -2.55 -15.80 4.19
C SER A 70 -3.44 -15.91 5.42
N ASP A 71 -3.17 -16.91 6.27
CA ASP A 71 -3.88 -17.09 7.53
C ASP A 71 -5.37 -17.34 7.33
N SER A 72 -5.73 -18.48 6.76
CA SER A 72 -7.13 -18.84 6.53
C SER A 72 -7.86 -19.03 7.85
N ARG A 73 -9.17 -18.78 7.82
CA ARG A 73 -10.04 -19.00 8.96
C ARG A 73 -11.41 -19.47 8.51
N CYS A 74 -12.01 -20.36 9.29
CA CYS A 74 -13.30 -20.97 9.04
C CYS A 74 -14.38 -19.93 8.80
N PRO A 75 -15.51 -20.30 8.17
CA PRO A 75 -16.58 -19.33 7.93
C PRO A 75 -17.08 -18.67 9.20
N THR A 76 -17.08 -19.39 10.31
CA THR A 76 -17.48 -18.81 11.58
C THR A 76 -16.50 -19.22 12.68
N GLN A 77 -15.44 -18.46 12.83
CA GLN A 77 -14.63 -18.47 14.04
C GLN A 77 -14.01 -17.10 14.31
N GLY A 78 -14.73 -16.04 13.97
CA GLY A 78 -14.14 -14.72 13.89
C GLY A 78 -13.66 -14.46 12.48
N GLU A 79 -12.55 -13.74 12.39
CA GLU A 79 -11.84 -13.66 11.13
C GLU A 79 -10.34 -13.60 11.43
N ALA A 80 -9.54 -13.83 10.40
CA ALA A 80 -8.13 -14.17 10.50
C ALA A 80 -7.34 -13.19 11.37
N TYR A 81 -6.36 -13.73 12.10
CA TYR A 81 -5.50 -12.90 12.92
C TYR A 81 -4.15 -12.66 12.27
N LEU A 82 -3.40 -13.74 11.98
CA LEU A 82 -2.12 -13.60 11.32
C LEU A 82 -1.16 -12.71 12.10
N ASP A 83 -0.57 -13.23 13.16
CA ASP A 83 0.38 -12.45 13.94
C ASP A 83 1.39 -11.66 13.09
N LYS A 84 1.64 -12.11 11.86
CA LYS A 84 2.46 -11.31 10.94
C LYS A 84 1.97 -9.87 10.85
N GLN A 85 0.69 -9.68 10.59
CA GLN A 85 0.03 -8.39 10.53
C GLN A 85 0.43 -7.48 11.69
N SER A 86 0.78 -8.07 12.83
CA SER A 86 1.24 -7.30 13.99
C SER A 86 2.26 -6.24 13.62
N ASP A 87 3.22 -6.57 12.76
CA ASP A 87 4.24 -5.62 12.38
C ASP A 87 3.75 -4.70 11.26
N THR A 88 4.30 -3.50 11.20
CA THR A 88 3.97 -2.57 10.13
C THR A 88 4.91 -2.67 8.94
N GLN A 89 6.11 -3.22 9.12
CA GLN A 89 6.96 -3.51 7.98
C GLN A 89 6.27 -4.42 6.99
N TYR A 90 5.25 -5.16 7.42
CA TYR A 90 4.40 -5.94 6.54
C TYR A 90 3.19 -5.11 6.19
N VAL A 91 2.74 -5.22 4.95
CA VAL A 91 1.47 -4.65 4.53
C VAL A 91 0.49 -5.80 4.37
N CYS A 92 -0.71 -5.60 4.93
CA CYS A 92 -1.74 -6.63 4.94
C CYS A 92 -3.12 -6.07 4.65
N LYS A 93 -3.92 -6.87 3.95
CA LYS A 93 -5.33 -6.59 3.76
C LYS A 93 -6.12 -7.87 3.98
N ARG A 94 -7.33 -7.68 4.48
CA ARG A 94 -8.18 -8.73 5.02
C ARG A 94 -9.29 -9.00 4.02
N THR A 95 -9.45 -10.25 3.59
CA THR A 95 -10.38 -10.56 2.52
C THR A 95 -11.23 -11.77 2.88
N LEU A 96 -12.50 -11.67 2.56
CA LEU A 96 -13.46 -12.75 2.71
C LEU A 96 -13.30 -13.71 1.55
N VAL A 97 -13.00 -14.96 1.86
CA VAL A 97 -12.69 -15.98 0.87
C VAL A 97 -13.67 -17.12 1.06
N ASP A 98 -13.90 -17.89 -0.01
CA ASP A 98 -14.79 -19.05 0.11
C ASP A 98 -14.10 -20.17 0.88
N ARG A 99 -14.86 -20.89 1.68
CA ARG A 99 -14.37 -22.01 2.46
C ARG A 99 -15.44 -23.10 2.43
N GLY A 100 -15.12 -24.21 1.82
CA GLY A 100 -16.11 -25.23 1.56
C GLY A 100 -15.86 -26.51 2.33
N TRP A 101 -16.56 -27.57 1.91
CA TRP A 101 -16.26 -28.88 2.44
C TRP A 101 -14.99 -29.43 1.82
N GLY A 102 -14.42 -30.48 2.42
CA GLY A 102 -13.11 -30.93 2.03
C GLY A 102 -12.10 -29.80 2.05
N ASN A 103 -12.30 -28.86 2.96
CA ASN A 103 -11.46 -27.70 3.09
C ASN A 103 -11.16 -27.43 4.55
N GLY A 104 -11.27 -28.45 5.39
CA GLY A 104 -11.30 -28.25 6.82
C GLY A 104 -12.60 -27.59 7.20
N CYS A 105 -12.64 -26.99 8.39
CA CYS A 105 -13.73 -26.08 8.73
C CYS A 105 -15.08 -26.78 8.61
N GLY A 106 -15.38 -27.66 9.57
CA GLY A 106 -16.58 -28.47 9.57
C GLY A 106 -17.85 -27.78 9.06
N LEU A 107 -17.93 -26.47 9.27
CA LEU A 107 -18.99 -25.66 8.68
C LEU A 107 -18.66 -25.48 7.19
N PHE A 108 -19.30 -24.51 6.54
CA PHE A 108 -18.71 -23.89 5.36
C PHE A 108 -19.63 -22.83 4.78
N GLY A 109 -19.10 -22.11 3.79
CA GLY A 109 -19.64 -20.85 3.34
C GLY A 109 -18.51 -19.84 3.20
N LYS A 110 -18.86 -18.56 3.27
CA LYS A 110 -17.85 -17.51 3.26
C LYS A 110 -17.04 -17.52 4.54
N GLY A 111 -15.77 -17.90 4.45
CA GLY A 111 -14.82 -17.67 5.51
C GLY A 111 -14.00 -16.44 5.19
N SER A 112 -12.87 -16.30 5.88
CA SER A 112 -12.04 -15.11 5.74
C SER A 112 -10.58 -15.43 6.05
N LEU A 113 -9.69 -14.70 5.38
CA LEU A 113 -8.26 -14.80 5.61
C LEU A 113 -7.60 -13.46 5.29
N VAL A 114 -6.44 -13.23 5.89
CA VAL A 114 -5.74 -11.97 5.75
C VAL A 114 -4.43 -12.19 4.99
N THR A 115 -4.43 -11.84 3.72
CA THR A 115 -3.23 -12.04 2.93
C THR A 115 -2.29 -10.87 3.18
N CYS A 116 -0.99 -11.16 3.33
CA CYS A 116 -0.04 -10.06 3.42
C CYS A 116 1.40 -10.51 3.36
N ALA A 117 2.28 -9.51 3.22
CA ALA A 117 3.69 -9.77 3.00
C ALA A 117 4.52 -8.57 3.43
N LYS A 118 5.84 -8.77 3.49
CA LYS A 118 6.74 -7.70 3.88
C LYS A 118 6.84 -6.66 2.79
N PHE A 119 6.94 -5.40 3.19
CA PHE A 119 7.07 -4.28 2.27
C PHE A 119 8.48 -3.71 2.37
N ALA A 120 9.39 -4.31 1.61
CA ALA A 120 10.72 -3.73 1.47
C ALA A 120 10.75 -2.91 0.19
N CYS A 121 11.48 -1.82 0.21
CA CYS A 121 11.44 -0.88 -0.91
C CYS A 121 12.80 -0.26 -1.13
N SER A 122 12.94 0.35 -2.31
CA SER A 122 14.17 1.01 -2.73
C SER A 122 13.84 2.18 -3.64
N LYS A 123 14.85 2.98 -3.99
CA LYS A 123 14.70 4.17 -4.81
C LYS A 123 13.74 5.15 -4.16
N LYS A 124 14.15 5.70 -3.02
CA LYS A 124 13.38 6.72 -2.34
C LYS A 124 13.34 8.01 -3.16
N MET A 125 12.26 8.75 -3.01
CA MET A 125 12.13 10.07 -3.62
C MET A 125 12.34 11.16 -2.59
N THR A 126 13.54 11.72 -2.51
CA THR A 126 13.79 12.77 -1.54
C THR A 126 13.11 14.07 -1.95
N GLY A 127 11.92 14.32 -1.39
CA GLY A 127 11.20 15.53 -1.69
C GLY A 127 11.42 16.64 -0.68
N LYS A 128 12.60 17.24 -0.69
CA LYS A 128 12.94 18.24 0.31
C LYS A 128 12.13 19.52 0.10
N SER A 129 12.18 20.40 1.09
CA SER A 129 11.51 21.70 1.01
C SER A 129 12.51 22.83 1.02
N ILE A 130 12.14 23.94 0.41
CA ILE A 130 12.93 25.17 0.45
C ILE A 130 12.01 26.31 0.84
N GLN A 131 12.60 27.37 1.37
CA GLN A 131 11.86 28.53 1.82
C GLN A 131 12.46 29.80 1.23
N PRO A 132 11.67 30.87 1.10
CA PRO A 132 12.18 32.10 0.48
C PRO A 132 13.44 32.66 1.12
N GLU A 133 13.85 32.18 2.28
CA GLU A 133 15.12 32.61 2.83
C GLU A 133 16.19 31.54 2.66
N ASN A 134 17.43 31.95 2.85
CA ASN A 134 18.65 31.21 2.51
C ASN A 134 18.57 30.58 1.13
N LEU A 135 17.77 31.16 0.23
CA LEU A 135 17.95 30.99 -1.20
C LEU A 135 18.90 32.08 -1.66
N GLU A 136 19.41 31.96 -2.89
CA GLU A 136 20.46 32.89 -3.31
C GLU A 136 20.38 33.16 -4.79
N TYR A 137 20.27 34.44 -5.14
CA TYR A 137 20.41 34.87 -6.52
C TYR A 137 21.86 35.20 -6.84
N ARG A 138 22.28 34.93 -8.08
CA ARG A 138 23.62 35.28 -8.53
C ARG A 138 23.56 35.76 -9.98
N ILE A 139 23.89 37.02 -10.18
CA ILE A 139 23.84 37.65 -11.49
C ILE A 139 25.24 38.10 -11.89
N MET A 140 25.40 38.39 -13.16
CA MET A 140 26.57 39.10 -13.65
C MET A 140 26.12 40.17 -14.64
N LEU A 141 26.82 41.29 -14.62
CA LEU A 141 26.47 42.44 -15.43
C LEU A 141 27.73 42.96 -16.12
N SER A 142 27.54 43.80 -17.13
CA SER A 142 28.64 44.20 -18.00
C SER A 142 28.32 45.54 -18.65
N VAL A 143 29.21 46.50 -18.49
CA VAL A 143 29.12 47.77 -19.20
C VAL A 143 29.82 47.61 -20.54
N HIS A 144 29.38 48.41 -21.51
CA HIS A 144 29.89 48.30 -22.87
C HIS A 144 31.17 49.11 -23.04
N GLY A 145 31.60 49.27 -24.29
CA GLY A 145 32.81 50.03 -24.54
C GLY A 145 34.02 49.16 -24.79
N SER A 146 34.83 48.98 -23.75
CA SER A 146 36.09 48.25 -23.86
C SER A 146 35.79 46.76 -23.89
N GLN A 147 36.82 45.95 -23.65
CA GLN A 147 36.66 44.52 -23.51
C GLN A 147 36.18 43.91 -24.82
N HIS A 148 37.06 43.97 -25.83
CA HIS A 148 36.91 43.17 -27.04
C HIS A 148 36.42 41.78 -26.68
N SER A 149 35.42 41.29 -27.41
CA SER A 149 34.89 39.94 -27.24
C SER A 149 34.61 39.63 -25.77
N GLY A 150 33.63 40.32 -25.18
CA GLY A 150 33.28 40.15 -23.79
C GLY A 150 33.11 38.71 -23.37
N MET A 151 32.02 38.07 -23.81
CA MET A 151 32.07 36.64 -24.06
C MET A 151 32.43 35.81 -22.83
N ILE A 152 31.44 35.52 -22.00
CA ILE A 152 31.57 34.94 -20.66
C ILE A 152 32.77 34.00 -20.50
N VAL A 153 33.30 33.48 -21.60
CA VAL A 153 34.33 32.43 -21.61
C VAL A 153 35.37 32.61 -20.50
N ASN A 154 35.89 33.82 -20.31
CA ASN A 154 36.90 34.03 -19.28
C ASN A 154 36.36 34.99 -18.21
N ASP A 155 35.11 34.79 -17.82
CA ASP A 155 34.45 35.60 -16.79
C ASP A 155 35.26 35.72 -15.51
N THR A 156 36.11 34.73 -15.22
CA THR A 156 36.82 34.70 -13.94
C THR A 156 37.55 36.01 -13.67
N GLY A 157 38.42 36.43 -14.58
CA GLY A 157 39.11 37.69 -14.42
C GLY A 157 38.27 38.91 -14.75
N HIS A 158 37.11 38.71 -15.36
CA HIS A 158 36.29 39.84 -15.78
C HIS A 158 35.53 40.47 -14.63
N GLU A 159 35.19 39.70 -13.60
CA GLU A 159 34.66 40.30 -12.38
C GLU A 159 35.76 41.02 -11.61
N THR A 160 37.00 40.54 -11.70
CA THR A 160 38.16 41.26 -11.21
C THR A 160 38.45 42.46 -12.11
N ASP A 161 37.99 42.41 -13.35
CA ASP A 161 38.20 43.50 -14.29
C ASP A 161 37.05 44.50 -14.18
N GLU A 162 37.11 45.54 -15.02
CA GLU A 162 36.20 46.66 -14.84
C GLU A 162 34.92 46.54 -15.64
N ASN A 163 34.96 45.84 -16.78
CA ASN A 163 33.80 45.83 -17.66
C ASN A 163 32.72 44.87 -17.19
N ARG A 164 33.05 43.90 -16.35
CA ARG A 164 32.09 42.92 -15.87
C ARG A 164 32.09 42.86 -14.35
N ALA A 165 30.98 42.40 -13.78
CA ALA A 165 30.84 42.34 -12.34
C ALA A 165 29.89 41.20 -11.98
N LYS A 166 30.15 40.57 -10.83
CA LYS A 166 29.37 39.44 -10.35
C LYS A 166 28.75 39.80 -9.00
N VAL A 167 27.44 39.57 -8.88
CA VAL A 167 26.66 40.06 -7.74
C VAL A 167 25.88 38.90 -7.14
N GLU A 168 25.95 38.77 -5.82
CA GLU A 168 25.13 37.81 -5.07
C GLU A 168 24.05 38.57 -4.31
N ILE A 169 22.83 38.07 -4.36
CA ILE A 169 21.70 38.71 -3.71
C ILE A 169 21.02 37.71 -2.79
N THR A 170 20.73 38.15 -1.56
CA THR A 170 20.04 37.38 -0.55
C THR A 170 18.80 38.14 -0.11
N PRO A 171 17.73 37.45 0.28
CA PRO A 171 16.66 38.12 1.03
C PRO A 171 17.13 38.72 2.34
N ASN A 172 18.34 38.39 2.80
CA ASN A 172 18.91 39.08 3.95
C ASN A 172 19.61 40.36 3.53
N SER A 173 20.38 40.31 2.44
CA SER A 173 21.12 41.47 1.93
C SER A 173 20.67 41.75 0.51
N PRO A 174 19.57 42.49 0.34
CA PRO A 174 19.06 42.75 -1.00
C PRO A 174 19.90 43.75 -1.78
N ARG A 175 20.41 44.78 -1.10
CA ARG A 175 21.19 45.82 -1.77
C ARG A 175 22.53 45.28 -2.22
N ALA A 176 23.01 45.84 -3.32
CA ALA A 176 24.35 45.61 -3.84
C ALA A 176 24.68 46.75 -4.78
N GLU A 177 25.72 47.51 -4.46
CA GLU A 177 26.21 48.52 -5.38
C GLU A 177 27.30 47.87 -6.22
N ALA A 178 26.93 47.48 -7.44
CA ALA A 178 27.90 46.92 -8.36
C ALA A 178 28.88 48.01 -8.70
N THR A 179 30.06 47.92 -8.08
CA THR A 179 31.07 48.97 -8.16
C THR A 179 32.07 48.61 -9.25
N LEU A 180 32.33 49.58 -10.12
CA LEU A 180 33.21 49.38 -11.26
C LEU A 180 34.22 50.53 -11.24
N GLY A 181 35.43 50.23 -10.75
CA GLY A 181 36.45 51.24 -10.60
C GLY A 181 36.65 52.03 -11.86
N GLY A 182 36.28 53.31 -11.82
CA GLY A 182 36.35 54.16 -12.99
C GLY A 182 35.05 54.26 -13.76
N PHE A 183 34.12 53.34 -13.52
CA PHE A 183 32.85 53.38 -14.23
C PHE A 183 31.73 53.80 -13.29
N GLY A 184 31.51 53.09 -12.19
CA GLY A 184 30.47 53.52 -11.30
C GLY A 184 30.15 52.60 -10.14
N SER A 185 28.92 52.73 -9.64
CA SER A 185 28.52 52.10 -8.38
C SER A 185 27.34 51.15 -8.59
N LEU A 186 26.61 51.33 -9.68
CA LEU A 186 25.45 50.52 -10.07
C LEU A 186 24.58 50.10 -8.88
N GLY A 187 23.87 51.05 -8.27
CA GLY A 187 23.01 50.71 -7.15
C GLY A 187 21.92 49.72 -7.50
N LEU A 188 21.81 48.63 -6.75
CA LEU A 188 20.76 47.65 -6.98
C LEU A 188 20.11 47.23 -5.67
N ASP A 189 18.78 47.13 -5.69
CA ASP A 189 18.01 46.61 -4.56
C ASP A 189 16.82 45.86 -5.12
N CYS A 190 16.70 44.58 -4.76
CA CYS A 190 15.71 43.74 -5.41
C CYS A 190 14.72 43.18 -4.40
N GLU A 191 13.75 42.42 -4.92
CA GLU A 191 12.75 41.73 -4.12
C GLU A 191 13.06 40.24 -4.15
N PRO A 192 13.87 39.74 -3.22
CA PRO A 192 14.24 38.33 -3.26
C PRO A 192 13.13 37.40 -2.84
N ARG A 193 11.90 37.89 -2.78
CA ARG A 193 10.79 37.06 -2.32
C ARG A 193 9.85 36.71 -3.46
N THR A 194 9.34 37.71 -4.16
CA THR A 194 8.23 37.51 -5.10
C THR A 194 8.72 37.02 -6.47
N GLY A 195 9.89 36.41 -6.51
CA GLY A 195 10.42 35.91 -7.76
C GLY A 195 9.69 34.69 -8.29
N LEU A 196 9.68 33.60 -7.52
CA LEU A 196 9.11 32.34 -7.96
C LEU A 196 7.94 31.90 -7.11
N ASP A 197 7.36 32.82 -6.34
CA ASP A 197 6.31 32.51 -5.38
C ASP A 197 6.65 31.27 -4.56
N PHE A 198 7.75 31.39 -3.81
CA PHE A 198 8.25 30.26 -3.04
C PHE A 198 7.33 29.95 -1.88
N SER A 199 7.80 29.04 -1.02
CA SER A 199 7.07 28.52 0.14
C SER A 199 5.94 27.58 -0.28
N ASP A 200 5.62 27.57 -1.58
CA ASP A 200 4.78 26.53 -2.16
C ASP A 200 5.57 25.64 -3.10
N LEU A 201 6.87 25.50 -2.90
CA LEU A 201 7.76 24.84 -3.84
C LEU A 201 8.65 23.86 -3.12
N TYR A 202 8.70 22.64 -3.62
CA TYR A 202 9.51 21.57 -3.07
C TYR A 202 10.58 21.14 -4.07
N TYR A 203 11.75 20.83 -3.54
CA TYR A 203 12.89 20.35 -4.32
C TYR A 203 12.89 18.83 -4.31
N LEU A 204 12.43 18.22 -5.39
CA LEU A 204 12.39 16.76 -5.47
C LEU A 204 13.63 16.25 -6.17
N THR A 205 14.33 15.33 -5.50
CA THR A 205 15.44 14.59 -6.09
C THR A 205 15.06 13.12 -6.07
N MET A 206 14.84 12.54 -7.26
CA MET A 206 14.48 11.13 -7.30
C MET A 206 15.64 10.20 -7.61
N ASN A 207 16.08 10.19 -8.87
CA ASN A 207 17.24 9.39 -9.25
C ASN A 207 18.44 10.31 -9.50
N ASN A 208 18.94 10.94 -8.43
CA ASN A 208 19.88 12.06 -8.54
C ASN A 208 19.44 13.05 -9.63
N LYS A 209 18.15 13.11 -9.90
CA LYS A 209 17.56 14.07 -10.82
C LYS A 209 16.64 14.97 -10.01
N HIS A 210 16.90 16.26 -10.11
CA HIS A 210 16.28 17.24 -9.23
C HIS A 210 15.34 18.12 -10.04
N TRP A 211 14.32 18.61 -9.38
CA TRP A 211 13.44 19.62 -9.96
C TRP A 211 12.60 20.27 -8.87
N LEU A 212 11.83 21.28 -9.27
CA LEU A 212 10.97 22.00 -8.36
C LEU A 212 9.52 21.69 -8.68
N VAL A 213 8.72 21.52 -7.64
CA VAL A 213 7.34 21.10 -7.78
C VAL A 213 6.47 21.95 -6.87
N HIS A 214 5.30 22.32 -7.37
CA HIS A 214 4.34 23.04 -6.56
C HIS A 214 3.84 22.12 -5.44
N LYS A 215 4.22 22.46 -4.21
CA LYS A 215 4.13 21.52 -3.10
C LYS A 215 2.74 20.90 -2.96
N GLU A 216 1.71 21.58 -3.47
CA GLU A 216 0.38 20.98 -3.49
C GLU A 216 0.39 19.65 -4.22
N TRP A 217 0.90 19.64 -5.45
CA TRP A 217 1.05 18.41 -6.22
C TRP A 217 1.87 17.38 -5.45
N PHE A 218 2.91 17.83 -4.76
CA PHE A 218 3.75 16.89 -4.03
C PHE A 218 3.01 16.27 -2.87
N HIS A 219 2.13 17.02 -2.24
CA HIS A 219 1.33 16.47 -1.15
C HIS A 219 0.29 15.50 -1.68
N ASP A 220 -0.12 15.64 -2.93
CA ASP A 220 -1.22 14.86 -3.46
C ASP A 220 -0.79 13.55 -4.11
N ILE A 221 0.48 13.19 -4.05
CA ILE A 221 0.90 11.96 -4.74
C ILE A 221 0.71 10.75 -3.85
N PRO A 222 -0.04 9.75 -4.31
CA PRO A 222 -0.40 8.59 -3.48
C PRO A 222 0.57 7.42 -3.56
N LEU A 223 1.79 7.63 -3.08
CA LEU A 223 2.77 6.56 -2.92
C LEU A 223 3.07 6.40 -1.44
N PRO A 224 3.84 5.38 -1.07
CA PRO A 224 4.21 5.24 0.35
C PRO A 224 4.99 6.45 0.84
N TRP A 225 4.68 6.87 2.06
CA TRP A 225 5.35 8.00 2.69
C TRP A 225 6.47 7.55 3.62
N HIS A 226 7.61 8.22 3.50
CA HIS A 226 8.50 8.34 4.64
C HIS A 226 7.92 9.33 5.63
N ALA A 227 7.18 10.29 5.09
CA ALA A 227 6.17 11.14 5.73
C ALA A 227 6.72 12.23 6.64
N GLY A 228 7.89 12.04 7.23
CA GLY A 228 8.73 13.15 7.63
C GLY A 228 10.12 12.64 7.88
N ALA A 229 10.26 11.33 7.75
CA ALA A 229 10.99 10.57 8.76
C ALA A 229 12.48 10.75 8.61
N ASP A 230 13.19 10.27 9.63
CA ASP A 230 14.64 10.22 9.65
C ASP A 230 15.07 8.77 9.80
N THR A 231 16.35 8.55 10.11
CA THR A 231 16.89 7.22 10.28
C THR A 231 16.05 6.37 11.22
N GLY A 232 16.23 5.06 11.13
CA GLY A 232 15.27 4.10 11.63
C GLY A 232 14.60 3.47 10.42
N THR A 233 14.14 2.24 10.58
CA THR A 233 13.50 1.55 9.47
C THR A 233 12.31 2.37 8.99
N PRO A 234 12.25 2.72 7.70
CA PRO A 234 11.19 3.60 7.23
C PRO A 234 9.81 2.96 7.35
N HIS A 235 9.00 3.48 8.26
CA HIS A 235 7.62 3.02 8.39
C HIS A 235 6.80 3.72 7.31
N TRP A 236 6.66 3.05 6.16
CA TRP A 236 6.00 3.68 5.03
C TRP A 236 4.53 3.90 5.30
N ASN A 237 3.98 4.99 4.79
CA ASN A 237 2.58 5.29 5.01
C ASN A 237 1.75 4.99 3.77
N ASN A 238 0.52 4.53 4.04
CA ASN A 238 -0.54 4.22 3.09
C ASN A 238 -0.27 2.97 2.27
N LYS A 239 1.00 2.59 2.13
CA LYS A 239 1.48 1.22 1.94
C LYS A 239 0.60 0.31 1.08
N GLU A 240 -0.38 0.86 0.37
CA GLU A 240 -1.39 0.02 -0.24
C GLU A 240 -1.45 0.13 -1.76
N ALA A 241 -1.45 1.34 -2.29
CA ALA A 241 -1.56 1.49 -3.73
C ALA A 241 -0.42 0.80 -4.46
N LEU A 242 0.78 0.80 -3.86
CA LEU A 242 1.92 0.14 -4.48
C LEU A 242 1.68 -1.34 -4.67
N VAL A 243 1.48 -2.10 -3.60
CA VAL A 243 1.20 -3.51 -3.70
C VAL A 243 -0.24 -3.70 -4.18
N GLU A 244 -0.53 -4.87 -4.72
CA GLU A 244 -1.86 -5.19 -5.20
C GLU A 244 -2.19 -6.61 -4.82
N PHE A 245 -3.33 -6.80 -4.16
CA PHE A 245 -3.75 -8.10 -3.68
C PHE A 245 -4.67 -8.74 -4.71
N LYS A 246 -4.61 -10.06 -4.84
CA LYS A 246 -5.48 -10.74 -5.77
C LYS A 246 -5.69 -12.20 -5.39
N ASP A 247 -6.93 -12.58 -5.18
CA ASP A 247 -7.29 -13.97 -4.91
C ASP A 247 -7.70 -14.66 -6.19
N ALA A 248 -7.86 -15.98 -6.12
CA ALA A 248 -8.50 -16.71 -7.21
C ALA A 248 -9.97 -16.34 -7.23
N HIS A 249 -10.72 -16.99 -8.13
CA HIS A 249 -12.16 -16.80 -8.22
C HIS A 249 -12.80 -16.74 -6.85
N ALA A 250 -12.35 -17.58 -5.94
CA ALA A 250 -12.85 -17.60 -4.57
C ALA A 250 -11.76 -17.67 -3.52
N LYS A 251 -10.53 -18.00 -3.89
CA LYS A 251 -9.57 -18.53 -2.94
C LYS A 251 -8.14 -18.01 -3.16
N ARG A 252 -7.24 -18.51 -2.31
CA ARG A 252 -5.78 -18.48 -2.48
C ARG A 252 -5.27 -17.12 -2.96
N GLN A 253 -5.40 -16.12 -2.09
CA GLN A 253 -4.97 -14.76 -2.44
C GLN A 253 -3.45 -14.61 -2.38
N THR A 254 -2.90 -13.95 -3.39
CA THR A 254 -1.49 -13.62 -3.47
C THR A 254 -1.35 -12.12 -3.66
N VAL A 255 -0.13 -11.67 -3.91
CA VAL A 255 0.19 -10.25 -3.97
C VAL A 255 1.19 -10.01 -5.09
N VAL A 256 1.05 -8.87 -5.77
CA VAL A 256 2.01 -8.40 -6.75
C VAL A 256 2.49 -7.03 -6.32
N VAL A 257 3.65 -6.62 -6.83
CA VAL A 257 4.31 -5.43 -6.29
C VAL A 257 4.12 -4.23 -7.18
N LEU A 258 3.82 -4.45 -8.47
CA LEU A 258 3.75 -3.41 -9.48
C LEU A 258 5.07 -2.68 -9.68
N GLY A 259 6.19 -3.36 -9.45
CA GLY A 259 7.50 -2.88 -9.81
C GLY A 259 7.81 -1.44 -9.42
N SER A 260 8.58 -0.77 -10.28
CA SER A 260 8.95 0.60 -10.03
C SER A 260 8.19 1.53 -10.98
N GLN A 261 7.73 2.66 -10.46
CA GLN A 261 7.02 3.64 -11.27
C GLN A 261 7.84 4.90 -11.50
N GLU A 262 9.13 4.71 -11.76
CA GLU A 262 10.03 5.83 -12.03
C GLU A 262 9.58 6.62 -13.26
N GLY A 263 9.48 5.95 -14.40
CA GLY A 263 8.95 6.62 -15.57
C GLY A 263 7.52 7.10 -15.39
N ALA A 264 6.75 6.44 -14.54
CA ALA A 264 5.40 6.88 -14.28
C ALA A 264 5.40 8.24 -13.58
N VAL A 265 6.26 8.42 -12.58
CA VAL A 265 6.31 9.72 -11.95
C VAL A 265 6.90 10.73 -12.92
N HIS A 266 7.78 10.29 -13.83
CA HIS A 266 8.22 11.19 -14.88
C HIS A 266 7.05 11.71 -15.70
N THR A 267 6.26 10.83 -16.29
CA THR A 267 5.14 11.31 -17.09
C THR A 267 4.10 12.06 -16.25
N ALA A 268 4.07 11.82 -14.94
CA ALA A 268 3.22 12.63 -14.08
C ALA A 268 3.89 13.93 -13.69
N LEU A 269 5.14 14.13 -14.06
CA LEU A 269 5.89 15.31 -13.68
C LEU A 269 5.82 16.40 -14.74
N ALA A 270 4.74 16.46 -15.50
CA ALA A 270 4.68 17.20 -16.75
C ALA A 270 4.63 18.71 -16.57
N GLY A 271 4.92 19.22 -15.37
CA GLY A 271 4.91 20.65 -15.20
C GLY A 271 6.06 21.21 -14.40
N ALA A 272 6.89 20.35 -13.85
CA ALA A 272 8.00 20.78 -13.02
C ALA A 272 9.12 21.35 -13.87
N LEU A 273 10.03 22.06 -13.21
CA LEU A 273 11.24 22.56 -13.84
C LEU A 273 12.44 21.89 -13.20
N GLU A 274 13.26 21.25 -14.03
CA GLU A 274 14.42 20.52 -13.58
C GLU A 274 15.46 21.46 -12.99
N ALA A 275 16.36 20.88 -12.18
CA ALA A 275 17.32 21.61 -11.40
C ALA A 275 18.56 20.74 -11.21
N GLU A 276 19.69 21.40 -11.02
CA GLU A 276 20.99 20.77 -11.08
C GLU A 276 21.78 21.09 -9.82
N MET A 277 23.11 20.98 -9.93
CA MET A 277 24.05 20.73 -8.85
C MET A 277 23.50 21.21 -7.53
N ASP A 278 23.52 20.29 -6.55
CA ASP A 278 22.50 20.15 -5.51
C ASP A 278 23.21 20.09 -4.16
N GLY A 279 24.28 19.28 -4.09
CA GLY A 279 25.22 19.25 -2.98
C GLY A 279 24.56 19.53 -1.65
N ALA A 280 25.14 20.48 -0.91
CA ALA A 280 24.35 21.36 -0.08
C ALA A 280 24.04 22.66 -0.82
N LYS A 281 24.32 22.69 -2.12
CA LYS A 281 24.13 23.90 -2.92
C LYS A 281 23.31 23.49 -4.14
N GLY A 282 22.02 23.80 -4.13
CA GLY A 282 21.14 23.35 -5.20
C GLY A 282 20.88 24.42 -6.23
N ARG A 283 21.34 24.23 -7.46
CA ARG A 283 21.19 25.29 -8.45
C ARG A 283 19.97 24.98 -9.30
N LEU A 284 19.34 26.02 -9.82
CA LEU A 284 18.24 25.85 -10.74
C LEU A 284 18.28 26.96 -11.79
N SER A 285 17.59 26.67 -12.89
CA SER A 285 17.50 27.53 -14.06
C SER A 285 16.52 28.63 -13.76
N SER A 286 16.01 29.23 -14.83
CA SER A 286 15.32 30.51 -14.82
C SER A 286 14.36 30.69 -13.66
N GLY A 287 14.30 31.93 -13.20
CA GLY A 287 13.32 32.48 -12.29
C GLY A 287 13.56 33.97 -12.18
N HIS A 288 12.48 34.74 -12.34
CA HIS A 288 12.57 36.17 -12.55
C HIS A 288 12.63 36.88 -11.20
N LEU A 289 12.82 38.20 -11.25
CA LEU A 289 12.61 39.00 -10.05
C LEU A 289 12.53 40.49 -10.38
N LYS A 290 12.30 41.30 -9.36
CA LYS A 290 12.13 42.74 -9.47
C LYS A 290 13.33 43.46 -8.88
N CYS A 291 14.03 44.23 -9.71
CA CYS A 291 15.27 44.86 -9.25
C CYS A 291 15.26 46.35 -9.52
N ARG A 292 15.03 47.13 -8.47
CA ARG A 292 15.22 48.56 -8.52
C ARG A 292 16.69 48.87 -8.78
N LEU A 293 16.96 49.49 -9.92
CA LEU A 293 18.30 49.83 -10.34
C LEU A 293 18.45 51.34 -10.37
N LYS A 294 19.50 51.83 -9.75
CA LYS A 294 19.78 53.24 -9.63
C LYS A 294 21.14 53.55 -10.25
N MET A 295 21.14 54.52 -11.18
CA MET A 295 22.35 55.21 -11.60
C MET A 295 22.70 56.33 -10.64
N ASP A 296 23.03 55.98 -9.40
CA ASP A 296 23.47 56.99 -8.44
C ASP A 296 24.79 57.59 -8.86
N LYS A 297 25.78 56.74 -9.14
CA LYS A 297 27.14 57.18 -9.37
C LYS A 297 27.79 56.32 -10.45
N LEU A 298 27.75 56.78 -11.69
CA LEU A 298 28.43 56.11 -12.80
C LEU A 298 29.15 57.15 -13.64
N ARG A 299 30.47 57.23 -13.49
CA ARG A 299 31.25 58.15 -14.29
C ARG A 299 31.71 57.45 -15.56
N LEU A 300 31.71 58.19 -16.67
CA LEU A 300 31.83 57.56 -17.97
C LEU A 300 33.26 57.28 -18.39
N LYS A 301 34.23 57.71 -17.58
CA LYS A 301 35.63 57.33 -17.77
C LYS A 301 36.14 57.69 -19.16
N GLY A 302 36.27 58.98 -19.46
CA GLY A 302 36.91 59.36 -20.71
C GLY A 302 36.10 60.24 -21.63
N VAL A 303 35.15 60.99 -21.07
CA VAL A 303 34.46 62.00 -21.88
C VAL A 303 35.47 63.02 -22.39
N SER A 304 36.57 63.22 -21.68
CA SER A 304 37.62 64.15 -22.11
C SER A 304 38.60 63.49 -23.07
N TYR A 305 38.54 62.17 -23.20
CA TYR A 305 39.49 61.43 -24.03
C TYR A 305 39.41 61.90 -25.48
N SER A 306 40.58 62.01 -26.10
CA SER A 306 40.68 62.51 -27.46
C SER A 306 40.26 61.44 -28.47
N LEU A 307 39.98 61.88 -29.69
CA LEU A 307 39.62 60.98 -30.78
C LEU A 307 40.83 60.69 -31.66
N CYS A 308 41.72 59.81 -31.18
CA CYS A 308 42.99 59.54 -31.86
C CYS A 308 42.76 59.16 -33.31
N THR A 309 43.50 59.84 -34.18
CA THR A 309 43.23 59.80 -35.61
C THR A 309 44.06 58.70 -36.26
N ALA A 310 43.81 57.46 -35.85
CA ALA A 310 44.29 56.30 -36.60
C ALA A 310 43.15 55.82 -37.49
N ALA A 311 43.48 55.19 -38.60
CA ALA A 311 42.48 54.59 -39.46
C ALA A 311 41.94 53.31 -38.81
N PHE A 312 40.62 53.19 -38.76
CA PHE A 312 39.97 52.05 -38.13
C PHE A 312 39.55 51.05 -39.19
N THR A 313 39.55 49.76 -38.86
CA THR A 313 39.16 48.73 -39.81
C THR A 313 38.20 47.76 -39.16
N PHE A 314 37.13 47.42 -39.87
CA PHE A 314 36.25 46.35 -39.42
C PHE A 314 37.05 45.07 -39.28
N THR A 315 36.48 44.10 -38.56
CA THR A 315 36.94 42.73 -38.80
C THR A 315 35.79 41.81 -39.17
N LYS A 316 34.68 41.87 -38.44
CA LYS A 316 33.61 40.93 -38.64
C LYS A 316 32.31 41.62 -39.02
N ILE A 317 32.17 41.93 -40.31
CA ILE A 317 30.91 41.76 -41.04
C ILE A 317 29.74 42.00 -40.10
N PRO A 318 29.47 43.24 -39.72
CA PRO A 318 28.61 43.49 -38.55
C PRO A 318 27.16 43.11 -38.82
N ALA A 319 26.84 41.84 -38.58
CA ALA A 319 25.46 41.33 -38.63
C ALA A 319 24.64 41.92 -37.49
N GLU A 320 23.32 41.89 -37.65
CA GLU A 320 22.39 42.53 -36.73
C GLU A 320 21.67 41.50 -35.88
N THR A 321 21.04 41.96 -34.80
CA THR A 321 20.24 41.09 -33.95
C THR A 321 18.75 41.16 -34.31
N LEU A 322 17.97 40.30 -33.69
CA LEU A 322 16.51 40.33 -33.85
C LEU A 322 15.93 41.65 -33.37
N HIS A 323 16.60 42.29 -32.42
CA HIS A 323 16.18 43.58 -31.90
C HIS A 323 16.57 44.70 -32.84
N GLY A 324 17.03 44.36 -34.04
CA GLY A 324 17.28 45.34 -35.05
C GLY A 324 18.66 45.94 -35.00
N THR A 325 19.25 46.02 -33.81
CA THR A 325 20.56 46.62 -33.67
C THR A 325 21.62 45.70 -34.25
N VAL A 326 22.82 46.26 -34.41
CA VAL A 326 23.92 45.62 -35.12
C VAL A 326 25.21 45.89 -34.37
N THR A 327 26.00 44.84 -34.15
CA THR A 327 27.25 44.96 -33.42
C THR A 327 28.41 44.79 -34.38
N VAL A 328 29.45 45.57 -34.15
CA VAL A 328 30.66 45.55 -34.97
C VAL A 328 31.86 45.47 -34.04
N GLU A 329 32.87 44.70 -34.44
CA GLU A 329 34.14 44.69 -33.75
C GLU A 329 35.18 45.31 -34.68
N VAL A 330 35.65 46.50 -34.31
CA VAL A 330 36.56 47.27 -35.13
C VAL A 330 37.94 47.27 -34.50
N GLN A 331 38.92 46.81 -35.28
CA GLN A 331 40.29 46.81 -34.82
C GLN A 331 41.08 47.96 -35.42
N TYR A 332 42.05 48.45 -34.66
CA TYR A 332 43.01 49.42 -35.18
C TYR A 332 44.21 49.51 -34.26
N ALA A 333 45.38 49.47 -34.86
CA ALA A 333 46.59 50.09 -34.36
C ALA A 333 46.71 51.49 -34.94
N GLY A 334 47.89 52.06 -34.86
CA GLY A 334 48.16 53.33 -35.51
C GLY A 334 48.28 54.48 -34.55
N THR A 335 47.61 54.38 -33.40
CA THR A 335 47.76 55.35 -32.34
C THR A 335 47.76 54.64 -30.99
N ASP A 336 47.79 55.44 -29.92
CA ASP A 336 48.03 54.89 -28.60
C ASP A 336 47.12 55.48 -27.55
N GLY A 337 47.19 54.98 -26.33
CA GLY A 337 46.60 55.65 -25.20
C GLY A 337 45.14 55.33 -24.97
N PRO A 338 44.60 55.81 -23.86
CA PRO A 338 43.17 55.63 -23.57
C PRO A 338 42.33 56.49 -24.49
N CYS A 339 42.04 55.97 -25.67
CA CYS A 339 41.40 56.73 -26.72
C CYS A 339 39.89 56.74 -26.57
N LYS A 340 39.31 57.90 -26.84
CA LYS A 340 37.94 57.95 -27.30
C LYS A 340 37.93 57.79 -28.81
N VAL A 341 36.87 57.18 -29.34
CA VAL A 341 36.79 56.92 -30.78
C VAL A 341 35.38 57.30 -31.25
N PRO A 342 35.27 57.93 -32.42
CA PRO A 342 33.94 58.28 -32.95
C PRO A 342 33.25 57.07 -33.53
N ALA A 343 31.92 57.08 -33.47
CA ALA A 343 31.11 56.06 -34.11
C ALA A 343 29.71 56.59 -34.33
N GLN A 344 29.40 56.96 -35.57
CA GLN A 344 28.05 57.44 -35.85
C GLN A 344 27.55 56.74 -37.11
N MET A 345 26.42 57.21 -37.62
CA MET A 345 25.91 56.71 -38.89
C MET A 345 25.06 57.78 -39.54
N ALA A 346 24.82 57.60 -40.84
CA ALA A 346 24.25 58.63 -41.69
C ALA A 346 23.51 57.99 -42.87
N VAL A 347 22.83 58.85 -43.63
CA VAL A 347 22.34 58.48 -44.95
C VAL A 347 23.18 59.14 -46.05
N ASP A 348 23.80 60.28 -45.74
CA ASP A 348 24.77 60.87 -46.66
C ASP A 348 25.90 61.52 -45.87
N MET A 349 27.08 61.58 -46.48
CA MET A 349 28.20 62.32 -45.91
C MET A 349 28.78 63.28 -46.94
N GLN A 350 29.79 64.06 -46.55
CA GLN A 350 29.72 65.52 -46.55
C GLN A 350 28.60 66.08 -45.67
N THR A 351 27.98 65.24 -44.84
CA THR A 351 27.22 65.72 -43.72
C THR A 351 27.66 64.99 -42.46
N LEU A 352 27.76 63.67 -42.61
CA LEU A 352 27.89 62.68 -41.56
C LEU A 352 26.68 62.68 -40.63
N THR A 353 25.85 63.74 -40.66
CA THR A 353 24.47 63.85 -40.19
C THR A 353 24.15 62.83 -39.10
N PRO A 354 24.81 62.90 -37.94
CA PRO A 354 24.74 61.79 -36.98
C PRO A 354 23.31 61.43 -36.63
N VAL A 355 22.89 60.23 -37.02
CA VAL A 355 21.50 59.82 -36.90
C VAL A 355 21.45 58.45 -36.25
N GLY A 356 20.32 58.11 -35.66
CA GLY A 356 20.09 56.75 -35.23
C GLY A 356 20.46 56.48 -33.77
N ARG A 357 20.21 55.24 -33.38
CA ARG A 357 20.46 54.77 -32.02
C ARG A 357 21.95 54.51 -31.79
N LEU A 358 22.57 55.30 -30.94
CA LEU A 358 23.90 54.98 -30.45
C LEU A 358 23.79 54.22 -29.13
N ILE A 359 24.07 52.93 -29.17
CA ILE A 359 23.98 52.12 -27.96
C ILE A 359 25.27 52.24 -27.15
N THR A 360 26.37 51.78 -27.71
CA THR A 360 27.64 51.78 -27.00
C THR A 360 28.21 53.18 -26.92
N ALA A 361 27.70 53.99 -25.99
CA ALA A 361 28.20 55.33 -25.79
C ALA A 361 29.67 55.29 -25.35
N ASN A 362 30.35 56.43 -25.49
CA ASN A 362 31.76 56.65 -25.16
C ASN A 362 32.60 55.39 -25.36
N PRO A 363 32.71 54.87 -26.58
CA PRO A 363 33.58 53.72 -26.81
C PRO A 363 35.04 54.06 -26.49
N VAL A 364 35.63 53.25 -25.61
CA VAL A 364 36.96 53.53 -25.07
C VAL A 364 37.95 52.46 -25.53
N ILE A 365 39.15 52.90 -25.89
CA ILE A 365 40.26 52.00 -26.18
C ILE A 365 41.30 52.15 -25.09
N THR A 366 41.94 51.04 -24.71
CA THR A 366 42.83 51.03 -23.56
C THR A 366 44.24 51.52 -23.88
N GLU A 367 44.96 50.87 -24.80
CA GLU A 367 46.41 51.00 -24.80
C GLU A 367 47.03 51.16 -26.19
N SER A 368 48.33 51.43 -26.18
CA SER A 368 49.16 51.67 -27.36
C SER A 368 49.22 50.47 -28.29
N THR A 369 48.86 49.29 -27.78
CA THR A 369 49.05 48.03 -28.48
C THR A 369 48.40 48.04 -29.86
N GLU A 370 48.71 47.01 -30.64
CA GLU A 370 48.30 46.93 -32.03
C GLU A 370 46.80 46.65 -32.09
N ASN A 371 46.32 46.16 -33.23
CA ASN A 371 44.96 46.46 -33.69
C ASN A 371 43.94 45.95 -32.69
N SER A 372 43.78 46.72 -31.61
CA SER A 372 42.78 46.42 -30.60
C SER A 372 41.41 46.39 -31.25
N LYS A 373 40.54 45.51 -30.73
CA LYS A 373 39.45 44.97 -31.52
C LYS A 373 38.15 45.74 -31.34
N MET A 374 38.06 46.54 -30.29
CA MET A 374 36.98 47.52 -30.06
C MET A 374 35.60 47.00 -30.47
N MET A 375 35.07 46.04 -29.71
CA MET A 375 33.70 45.59 -29.94
C MET A 375 32.72 46.65 -29.43
N LEU A 376 31.61 46.81 -30.15
CA LEU A 376 30.54 47.73 -29.77
C LEU A 376 29.33 47.48 -30.67
N GLU A 377 28.30 48.30 -30.56
CA GLU A 377 27.16 48.19 -31.46
C GLU A 377 26.47 49.54 -31.64
N LEU A 378 25.66 49.62 -32.68
CA LEU A 378 24.73 50.73 -32.89
C LEU A 378 23.46 50.17 -33.50
N ASP A 379 22.44 51.01 -33.63
CA ASP A 379 21.17 50.58 -34.22
C ASP A 379 20.72 51.59 -35.27
N PRO A 380 20.50 51.14 -36.50
CA PRO A 380 20.21 52.05 -37.60
C PRO A 380 18.73 52.31 -37.73
N PRO A 381 18.35 53.35 -38.48
CA PRO A 381 16.94 53.58 -38.78
C PRO A 381 16.43 52.57 -39.81
N PHE A 382 15.15 52.72 -40.15
CA PHE A 382 14.44 51.71 -40.94
C PHE A 382 14.98 51.54 -42.35
N GLY A 383 15.78 52.48 -42.86
CA GLY A 383 16.23 52.42 -44.23
C GLY A 383 17.67 51.96 -44.40
N ASP A 384 18.28 52.38 -45.52
CA ASP A 384 19.66 52.05 -45.85
C ASP A 384 20.59 52.66 -44.83
N SER A 385 21.73 52.02 -44.55
CA SER A 385 22.52 52.78 -43.59
C SER A 385 23.93 53.05 -44.10
N TYR A 386 24.57 54.04 -43.47
CA TYR A 386 25.99 54.30 -43.65
C TYR A 386 26.62 54.46 -42.28
N ILE A 387 27.11 53.35 -41.72
CA ILE A 387 27.81 53.38 -40.44
C ILE A 387 29.21 53.90 -40.69
N VAL A 388 29.58 54.95 -39.96
CA VAL A 388 30.85 55.65 -40.11
C VAL A 388 31.59 55.53 -38.78
N ILE A 389 32.89 55.26 -38.86
CA ILE A 389 33.64 54.95 -37.66
C ILE A 389 34.81 55.90 -37.41
N GLY A 390 35.82 55.93 -38.30
CA GLY A 390 37.13 56.31 -37.84
C GLY A 390 37.30 57.75 -37.35
N VAL A 391 37.52 58.70 -38.25
CA VAL A 391 37.25 60.11 -37.93
C VAL A 391 36.67 60.81 -39.15
N GLY A 392 37.55 61.07 -40.12
CA GLY A 392 37.30 61.88 -41.28
C GLY A 392 37.57 61.16 -42.59
N GLU A 393 38.71 61.48 -43.19
CA GLU A 393 39.09 60.96 -44.51
C GLU A 393 39.61 59.53 -44.44
N LYS A 394 40.52 59.23 -43.52
CA LYS A 394 40.94 57.84 -43.29
C LYS A 394 40.05 57.21 -42.23
N LYS A 395 38.75 57.33 -42.45
CA LYS A 395 37.78 56.65 -41.61
C LYS A 395 37.47 55.30 -42.25
N ILE A 396 36.41 54.67 -41.77
CA ILE A 396 35.86 53.53 -42.49
C ILE A 396 34.34 53.59 -42.38
N THR A 397 33.69 53.43 -43.53
CA THR A 397 32.23 53.46 -43.59
C THR A 397 31.72 52.11 -44.07
N HIS A 398 30.42 51.93 -44.01
CA HIS A 398 29.82 50.66 -44.40
C HIS A 398 28.32 50.84 -44.58
N HIS A 399 27.79 50.23 -45.63
CA HIS A 399 26.36 50.05 -45.79
C HIS A 399 25.80 49.26 -44.61
N TRP A 400 24.66 49.71 -44.08
CA TRP A 400 23.81 48.69 -43.48
C TRP A 400 22.46 48.58 -44.19
N HIS A 401 21.51 49.48 -43.98
CA HIS A 401 20.12 49.15 -44.32
C HIS A 401 19.54 48.09 -43.39
N ARG A 402 19.25 48.53 -42.16
CA ARG A 402 18.50 47.76 -41.17
C ARG A 402 17.43 46.87 -41.80
N SER A 403 16.60 47.45 -42.67
CA SER A 403 15.43 46.81 -43.25
C SER A 403 14.39 46.43 -42.20
N GLY A 404 14.17 47.29 -41.23
CA GLY A 404 13.10 47.11 -40.25
C GLY A 404 12.32 48.39 -40.02
N SER A 405 11.07 48.38 -40.45
CA SER A 405 10.26 49.59 -40.54
C SER A 405 9.80 50.05 -39.16
N THR A 406 9.47 51.33 -39.07
CA THR A 406 9.13 51.94 -37.78
C THR A 406 7.89 51.32 -37.18
N ILE A 407 6.84 51.14 -37.98
CA ILE A 407 5.66 50.43 -37.53
C ILE A 407 6.01 48.99 -37.20
N GLY A 408 6.93 48.39 -37.96
CA GLY A 408 7.43 47.07 -37.59
C GLY A 408 8.05 47.07 -36.21
N LYS A 409 8.80 48.12 -35.87
CA LYS A 409 9.35 48.24 -34.52
C LYS A 409 8.26 48.18 -33.48
N ALA A 410 7.17 48.91 -33.69
CA ALA A 410 6.04 48.83 -32.77
C ALA A 410 5.47 47.42 -32.73
N PHE A 411 5.40 46.74 -33.87
CA PHE A 411 4.97 45.34 -33.86
C PHE A 411 5.83 44.50 -32.92
N GLU A 412 7.14 44.50 -33.14
CA GLU A 412 8.00 43.66 -32.30
C GLU A 412 7.91 44.06 -30.84
N ALA A 413 7.89 45.38 -30.57
CA ALA A 413 7.84 45.83 -29.20
C ALA A 413 6.54 45.42 -28.52
N THR A 414 5.41 45.50 -29.22
CA THR A 414 4.15 45.19 -28.56
C THR A 414 3.96 43.70 -28.40
N VAL A 415 4.45 42.89 -29.34
CA VAL A 415 4.33 41.46 -29.14
C VAL A 415 5.27 40.98 -28.04
N ARG A 416 6.45 41.59 -27.94
CA ARG A 416 7.33 41.31 -26.82
C ARG A 416 6.69 41.71 -25.50
N GLY A 417 6.19 42.94 -25.43
CA GLY A 417 5.50 43.38 -24.23
C GLY A 417 4.31 42.52 -23.88
N ALA A 418 3.63 41.98 -24.89
CA ALA A 418 2.48 41.13 -24.63
C ALA A 418 2.93 39.79 -24.06
N LYS A 419 4.02 39.25 -24.57
CA LYS A 419 4.53 38.00 -24.00
C LYS A 419 5.00 38.21 -22.57
N ARG A 420 5.60 39.37 -22.28
CA ARG A 420 5.89 39.75 -20.90
C ARG A 420 4.62 39.83 -20.08
N MET A 421 3.63 40.58 -20.58
CA MET A 421 2.30 40.70 -20.00
C MET A 421 1.74 39.36 -19.59
N ALA A 422 2.03 38.32 -20.37
CA ALA A 422 1.56 36.98 -20.08
C ALA A 422 2.40 36.32 -19.00
N VAL A 423 3.69 36.09 -19.27
CA VAL A 423 4.45 35.19 -18.42
C VAL A 423 4.77 35.84 -17.08
N LEU A 424 5.07 37.14 -17.10
CA LEU A 424 5.37 37.81 -15.84
C LEU A 424 4.12 38.32 -15.15
N GLY A 425 3.01 38.36 -15.86
CA GLY A 425 1.75 38.80 -15.26
C GLY A 425 1.87 40.21 -14.70
N ASP A 426 1.65 40.34 -13.40
CA ASP A 426 1.82 41.61 -12.72
C ASP A 426 3.22 42.16 -12.90
N THR A 427 4.23 41.31 -12.78
CA THR A 427 5.60 41.77 -12.85
C THR A 427 5.97 42.36 -14.21
N ALA A 428 5.19 42.08 -15.25
CA ALA A 428 5.42 42.72 -16.53
C ALA A 428 5.28 44.24 -16.42
N TRP A 429 4.46 44.72 -15.50
CA TRP A 429 4.48 46.13 -15.18
C TRP A 429 5.80 46.55 -14.56
N ASP A 430 5.93 47.84 -14.22
CA ASP A 430 7.18 48.50 -13.83
C ASP A 430 8.39 47.96 -14.58
N PHE A 431 8.21 47.47 -15.81
CA PHE A 431 9.35 46.99 -16.58
C PHE A 431 10.11 48.16 -17.17
N GLY A 432 9.45 48.93 -18.04
CA GLY A 432 9.83 50.31 -18.20
C GLY A 432 9.37 51.09 -16.98
N SER A 433 10.32 51.46 -16.12
CA SER A 433 9.98 51.79 -14.75
C SER A 433 10.22 53.25 -14.44
N VAL A 434 9.15 54.03 -14.48
CA VAL A 434 9.09 55.30 -13.77
C VAL A 434 7.93 55.20 -12.80
N GLY A 435 8.02 55.91 -11.68
CA GLY A 435 7.01 55.77 -10.65
C GLY A 435 5.74 56.52 -10.98
N GLY A 436 5.40 56.57 -12.26
CA GLY A 436 4.24 57.31 -12.72
C GLY A 436 2.93 56.76 -12.15
N ALA A 437 1.91 57.61 -12.17
CA ALA A 437 0.61 57.25 -11.64
C ALA A 437 0.00 56.05 -12.34
N LEU A 438 -0.11 56.12 -13.66
CA LEU A 438 -0.75 55.03 -14.42
C LEU A 438 0.07 53.75 -14.35
N ASN A 439 1.37 53.86 -14.03
CA ASN A 439 2.17 52.66 -13.82
C ASN A 439 1.70 51.90 -12.59
N SER A 440 1.59 52.59 -11.45
CA SER A 440 1.06 51.94 -10.26
C SER A 440 -0.40 51.54 -10.49
N LEU A 441 -1.11 52.27 -11.35
CA LEU A 441 -2.47 51.87 -11.68
C LEU A 441 -2.50 50.53 -12.41
N GLY A 442 -1.63 50.37 -13.40
CA GLY A 442 -1.54 49.11 -14.10
C GLY A 442 -1.09 47.98 -13.18
N LYS A 443 -0.07 48.23 -12.37
CA LYS A 443 0.34 47.26 -11.35
C LYS A 443 -0.83 46.83 -10.50
N GLY A 444 -1.61 47.77 -9.98
CA GLY A 444 -2.70 47.41 -9.09
C GLY A 444 -3.84 46.70 -9.81
N ILE A 445 -4.22 47.21 -10.98
CA ILE A 445 -5.34 46.59 -11.69
C ILE A 445 -4.99 45.16 -12.07
N HIS A 446 -3.76 44.94 -12.57
CA HIS A 446 -3.34 43.58 -12.80
C HIS A 446 -3.24 42.80 -11.49
N GLN A 447 -2.83 43.44 -10.40
CA GLN A 447 -2.76 42.74 -9.13
C GLN A 447 -4.09 42.10 -8.79
N ILE A 448 -5.12 42.92 -8.59
CA ILE A 448 -6.41 42.38 -8.21
C ILE A 448 -7.00 41.50 -9.31
N PHE A 449 -6.98 41.97 -10.56
CA PHE A 449 -7.65 41.22 -11.62
C PHE A 449 -6.99 39.87 -11.87
N GLY A 450 -5.67 39.85 -12.01
CA GLY A 450 -4.98 38.60 -12.29
C GLY A 450 -4.89 37.69 -11.08
N ALA A 451 -4.90 38.25 -9.87
CA ALA A 451 -5.01 37.39 -8.71
C ALA A 451 -6.35 36.68 -8.70
N ALA A 452 -7.42 37.41 -9.01
CA ALA A 452 -8.71 36.77 -9.20
C ALA A 452 -8.67 35.77 -10.34
N PHE A 453 -7.94 36.08 -11.40
CA PHE A 453 -7.84 35.16 -12.53
C PHE A 453 -7.20 33.85 -12.10
N LYS A 454 -6.13 33.94 -11.32
CA LYS A 454 -5.57 32.76 -10.65
C LYS A 454 -6.63 32.02 -9.84
N SER A 455 -7.14 32.64 -8.79
CA SER A 455 -7.95 31.93 -7.81
C SER A 455 -9.22 31.37 -8.44
N LEU A 456 -9.76 32.05 -9.46
CA LEU A 456 -10.92 31.55 -10.18
C LEU A 456 -10.54 30.47 -11.17
N PHE A 457 -9.74 30.82 -12.18
CA PHE A 457 -9.29 29.86 -13.18
C PHE A 457 -7.97 29.22 -12.74
N GLY A 458 -8.05 28.46 -11.65
CA GLY A 458 -6.87 27.88 -11.03
C GLY A 458 -6.09 26.94 -11.93
N GLY A 459 -4.88 27.34 -12.29
CA GLY A 459 -3.97 26.52 -13.07
C GLY A 459 -4.58 25.84 -14.27
N MET A 460 -5.25 26.60 -15.12
CA MET A 460 -5.94 26.04 -16.28
C MET A 460 -4.91 25.49 -17.25
N SER A 461 -5.10 24.24 -17.65
CA SER A 461 -4.15 23.54 -18.50
C SER A 461 -4.16 24.12 -19.91
N TRP A 462 -3.31 23.54 -20.76
CA TRP A 462 -3.30 23.89 -22.17
C TRP A 462 -4.66 23.65 -22.80
N PHE A 463 -5.04 22.37 -22.92
CA PHE A 463 -6.31 22.01 -23.51
C PHE A 463 -7.49 22.67 -22.82
N SER A 464 -7.49 22.65 -21.48
CA SER A 464 -8.58 23.29 -20.74
C SER A 464 -8.76 24.73 -21.20
N GLN A 465 -7.75 25.56 -20.98
CA GLN A 465 -7.84 26.95 -21.35
C GLN A 465 -8.17 27.15 -22.82
N ILE A 466 -7.71 26.24 -23.69
CA ILE A 466 -8.06 26.32 -25.10
C ILE A 466 -9.57 26.26 -25.27
N LEU A 467 -10.19 25.18 -24.82
CA LEU A 467 -11.62 25.04 -25.08
C LEU A 467 -12.42 26.07 -24.30
N ILE A 468 -11.93 26.47 -23.13
CA ILE A 468 -12.62 27.51 -22.39
C ILE A 468 -12.66 28.79 -23.20
N GLY A 469 -11.52 29.20 -23.76
CA GLY A 469 -11.52 30.36 -24.63
C GLY A 469 -12.46 30.21 -25.80
N THR A 470 -12.48 29.02 -26.41
CA THR A 470 -13.34 28.82 -27.58
C THR A 470 -14.82 29.00 -27.23
N LEU A 471 -15.28 28.36 -26.16
CA LEU A 471 -16.69 28.47 -25.81
C LEU A 471 -17.03 29.87 -25.30
N LEU A 472 -16.09 30.51 -24.61
CA LEU A 472 -16.30 31.91 -24.27
C LEU A 472 -16.46 32.76 -25.53
N MET A 473 -15.75 32.43 -26.61
CA MET A 473 -15.94 33.16 -27.85
C MET A 473 -17.35 32.93 -28.38
N TRP A 474 -17.71 31.65 -28.54
CA TRP A 474 -19.02 31.25 -29.03
C TRP A 474 -20.14 31.93 -28.25
N LEU A 475 -19.91 32.18 -26.97
CA LEU A 475 -20.91 32.86 -26.16
C LEU A 475 -20.83 34.36 -26.32
N GLY A 476 -19.62 34.90 -26.50
CA GLY A 476 -19.46 36.32 -26.73
C GLY A 476 -20.20 36.80 -27.96
N LEU A 477 -20.49 35.92 -28.90
CA LEU A 477 -21.37 36.35 -29.98
C LEU A 477 -22.85 36.21 -29.64
N ASN A 478 -23.21 35.30 -28.74
CA ASN A 478 -24.60 34.86 -28.60
C ASN A 478 -25.42 35.82 -27.75
N THR A 479 -24.89 36.24 -26.60
CA THR A 479 -25.71 36.87 -25.57
C THR A 479 -26.07 38.29 -26.02
N LYS A 480 -27.15 38.85 -25.45
CA LYS A 480 -27.58 40.21 -25.71
C LYS A 480 -26.65 41.15 -24.96
N ASN A 481 -27.06 42.42 -24.83
CA ASN A 481 -26.56 43.32 -23.81
C ASN A 481 -25.03 43.27 -23.66
N GLY A 482 -24.34 43.69 -24.74
CA GLY A 482 -22.92 43.47 -24.93
C GLY A 482 -22.09 43.60 -23.67
N SER A 483 -22.52 44.45 -22.74
CA SER A 483 -21.88 44.67 -21.46
C SER A 483 -21.27 43.40 -20.87
N ILE A 484 -22.02 42.30 -20.85
CA ILE A 484 -21.48 41.06 -20.29
C ILE A 484 -20.94 40.15 -21.39
N SER A 485 -21.57 40.13 -22.57
CA SER A 485 -21.02 39.32 -23.65
C SER A 485 -19.66 39.85 -24.10
N LEU A 486 -19.46 41.17 -24.01
CA LEU A 486 -18.12 41.71 -24.23
C LEU A 486 -17.15 41.21 -23.16
N MET A 487 -17.63 41.03 -21.94
CA MET A 487 -16.77 40.46 -20.90
C MET A 487 -16.46 39.01 -21.19
N CYS A 488 -17.40 38.30 -21.83
CA CYS A 488 -17.11 36.95 -22.32
C CYS A 488 -16.02 36.98 -23.37
N LEU A 489 -16.18 37.84 -24.38
CA LEU A 489 -15.14 38.03 -25.38
C LEU A 489 -13.80 38.36 -24.75
N ALA A 490 -13.81 39.20 -23.72
CA ALA A 490 -12.57 39.61 -23.07
C ALA A 490 -11.89 38.43 -22.39
N LEU A 491 -12.59 37.72 -21.51
CA LEU A 491 -11.97 36.58 -20.85
C LEU A 491 -11.56 35.50 -21.85
N GLY A 492 -12.37 35.27 -22.88
CA GLY A 492 -12.00 34.28 -23.87
C GLY A 492 -10.73 34.65 -24.61
N GLY A 493 -10.60 35.92 -24.98
CA GLY A 493 -9.39 36.36 -25.65
C GLY A 493 -8.17 36.30 -24.73
N VAL A 494 -8.37 36.64 -23.46
CA VAL A 494 -7.30 36.46 -22.48
C VAL A 494 -6.86 35.00 -22.44
N LEU A 495 -7.80 34.07 -22.42
CA LEU A 495 -7.47 32.65 -22.36
C LEU A 495 -6.72 32.21 -23.61
N ILE A 496 -7.22 32.62 -24.78
CA ILE A 496 -6.58 32.21 -26.01
C ILE A 496 -5.17 32.79 -26.10
N PHE A 497 -5.01 34.06 -25.72
CA PHE A 497 -3.66 34.61 -25.71
C PHE A 497 -2.76 33.88 -24.74
N LEU A 498 -3.28 33.50 -23.58
CA LEU A 498 -2.50 32.65 -22.69
C LEU A 498 -2.12 31.34 -23.36
N SER A 499 -2.96 30.84 -24.26
CA SER A 499 -2.60 29.64 -25.02
C SER A 499 -1.65 29.97 -26.17
N THR A 500 -1.42 31.26 -26.45
CA THR A 500 -0.38 31.60 -27.40
C THR A 500 0.97 31.73 -26.72
N ALA A 501 1.20 31.00 -25.63
CA ALA A 501 2.34 31.21 -24.76
C ALA A 501 3.64 30.78 -25.42
N VAL A 502 4.73 30.80 -24.66
CA VAL A 502 6.06 30.46 -25.16
C VAL A 502 6.07 29.09 -25.84
N SER A 503 5.10 28.25 -25.50
CA SER A 503 4.97 26.89 -26.04
C SER A 503 5.18 26.84 -27.55
N ALA A 504 4.79 27.90 -28.25
CA ALA A 504 5.02 27.97 -29.69
C ALA A 504 6.45 28.39 -30.02
N ILE B 1 -19.39 -34.26 -4.37
CA ILE B 1 -17.96 -34.43 -4.49
C ILE B 1 -17.36 -33.39 -5.40
N ARG B 2 -16.21 -32.85 -5.01
CA ARG B 2 -15.35 -32.06 -5.89
C ARG B 2 -15.98 -30.73 -6.26
N CYS B 3 -17.25 -30.54 -5.94
CA CYS B 3 -17.95 -29.32 -6.32
C CYS B 3 -18.73 -28.77 -5.16
N ILE B 4 -18.35 -29.10 -3.95
CA ILE B 4 -19.02 -28.64 -2.75
C ILE B 4 -18.10 -27.66 -2.03
N GLY B 5 -18.63 -26.50 -1.68
CA GLY B 5 -17.80 -25.42 -1.16
C GLY B 5 -17.01 -24.74 -2.24
N VAL B 6 -17.46 -24.82 -3.49
CA VAL B 6 -16.80 -24.17 -4.61
C VAL B 6 -17.76 -23.18 -5.25
N SER B 7 -18.54 -22.47 -4.44
CA SER B 7 -19.64 -21.58 -4.81
C SER B 7 -19.34 -20.78 -6.06
N ASN B 8 -20.39 -20.49 -6.86
CA ASN B 8 -20.36 -20.34 -8.31
C ASN B 8 -20.51 -21.69 -9.00
N ARG B 9 -20.84 -22.74 -8.26
CA ARG B 9 -21.27 -23.99 -8.87
C ARG B 9 -22.70 -23.83 -9.36
N ASP B 10 -23.12 -24.74 -10.22
CA ASP B 10 -24.53 -24.82 -10.60
C ASP B 10 -24.99 -26.26 -10.75
N PHE B 11 -26.31 -26.44 -10.73
CA PHE B 11 -26.95 -27.71 -11.04
C PHE B 11 -27.83 -27.54 -12.26
N VAL B 12 -27.65 -28.42 -13.24
CA VAL B 12 -28.45 -28.43 -14.46
C VAL B 12 -28.99 -29.85 -14.67
N GLU B 13 -30.25 -29.92 -15.10
CA GLU B 13 -30.88 -31.19 -15.40
C GLU B 13 -31.08 -31.25 -16.91
N GLY B 14 -31.74 -32.30 -17.37
CA GLY B 14 -32.04 -32.40 -18.78
C GLY B 14 -33.32 -33.18 -18.94
N MET B 15 -34.31 -32.58 -19.61
CA MET B 15 -35.60 -33.23 -19.76
C MET B 15 -35.46 -34.55 -20.49
N SER B 16 -35.70 -35.66 -19.78
CA SER B 16 -35.18 -36.95 -20.20
C SER B 16 -35.69 -37.36 -21.57
N GLY B 17 -34.88 -38.14 -22.27
CA GLY B 17 -35.14 -38.43 -23.67
C GLY B 17 -34.29 -37.56 -24.56
N GLY B 18 -33.23 -38.13 -25.12
CA GLY B 18 -32.29 -37.38 -25.93
C GLY B 18 -31.31 -36.55 -25.14
N THR B 19 -30.38 -37.20 -24.43
CA THR B 19 -29.37 -36.52 -23.64
C THR B 19 -28.70 -35.42 -24.47
N TRP B 20 -28.89 -34.18 -24.04
CA TRP B 20 -28.51 -33.02 -24.84
C TRP B 20 -27.94 -31.93 -23.93
N VAL B 21 -27.23 -32.31 -22.88
CA VAL B 21 -26.87 -31.35 -21.85
C VAL B 21 -25.58 -30.63 -22.25
N ASP B 22 -25.76 -29.53 -22.97
CA ASP B 22 -24.64 -28.66 -23.32
C ASP B 22 -24.38 -27.70 -22.17
N VAL B 23 -23.30 -27.95 -21.45
CA VAL B 23 -22.96 -27.13 -20.29
C VAL B 23 -22.01 -26.04 -20.74
N VAL B 24 -22.02 -24.92 -20.02
CA VAL B 24 -21.02 -23.88 -20.19
C VAL B 24 -19.91 -24.17 -19.18
N LEU B 25 -18.92 -24.93 -19.64
CA LEU B 25 -17.84 -25.34 -18.77
C LEU B 25 -17.07 -24.12 -18.28
N GLU B 26 -16.71 -24.16 -16.99
CA GLU B 26 -16.19 -23.03 -16.26
C GLU B 26 -14.84 -23.38 -15.67
N HIS B 27 -13.87 -22.52 -15.92
CA HIS B 27 -12.57 -22.66 -15.29
C HIS B 27 -12.52 -21.86 -14.00
N GLY B 28 -13.68 -21.44 -13.50
CA GLY B 28 -13.78 -20.75 -12.24
C GLY B 28 -14.97 -21.16 -11.41
N GLY B 29 -15.35 -22.43 -11.49
CA GLY B 29 -16.50 -22.95 -10.77
C GLY B 29 -16.83 -24.34 -11.24
N CYS B 30 -17.79 -25.01 -10.61
CA CYS B 30 -18.17 -26.34 -11.04
C CYS B 30 -19.59 -26.35 -11.57
N VAL B 31 -19.93 -27.41 -12.28
CA VAL B 31 -21.31 -27.62 -12.72
C VAL B 31 -21.68 -29.08 -12.54
N THR B 32 -22.76 -29.32 -11.83
CA THR B 32 -23.26 -30.65 -11.57
C THR B 32 -24.53 -30.87 -12.38
N VAL B 33 -24.54 -31.92 -13.18
CA VAL B 33 -25.71 -32.32 -13.95
C VAL B 33 -26.38 -33.48 -13.22
N MET B 34 -27.71 -33.47 -13.18
CA MET B 34 -28.46 -34.57 -12.59
C MET B 34 -29.40 -35.16 -13.64
N ALA B 35 -29.82 -36.38 -13.38
CA ALA B 35 -30.80 -37.08 -14.21
C ALA B 35 -31.49 -38.11 -13.33
N GLN B 36 -32.74 -38.43 -13.65
CA GLN B 36 -33.48 -39.45 -12.91
C GLN B 36 -32.72 -40.77 -12.93
N ASP B 37 -32.13 -41.08 -14.08
CA ASP B 37 -31.17 -42.13 -14.25
C ASP B 37 -29.76 -41.55 -14.20
N LYS B 38 -28.78 -42.35 -14.62
CA LYS B 38 -27.52 -41.79 -15.09
C LYS B 38 -26.80 -41.06 -13.96
N PRO B 39 -26.13 -41.80 -13.07
CA PRO B 39 -25.67 -41.24 -11.79
C PRO B 39 -25.16 -39.81 -11.89
N THR B 40 -25.61 -38.97 -10.97
CA THR B 40 -25.35 -37.54 -11.03
C THR B 40 -23.86 -37.27 -11.21
N VAL B 41 -23.54 -36.27 -12.01
CA VAL B 41 -22.18 -36.08 -12.51
C VAL B 41 -21.78 -34.64 -12.22
N ASP B 42 -20.49 -34.42 -11.99
CA ASP B 42 -19.98 -33.07 -11.85
C ASP B 42 -18.91 -32.84 -12.91
N ILE B 43 -18.61 -31.58 -13.19
CA ILE B 43 -17.48 -31.24 -14.04
C ILE B 43 -16.88 -29.91 -13.60
N GLU B 44 -15.56 -29.89 -13.48
CA GLU B 44 -14.80 -28.75 -13.02
C GLU B 44 -13.55 -28.64 -13.88
N LEU B 45 -13.32 -27.44 -14.43
CA LEU B 45 -12.19 -27.21 -15.32
C LEU B 45 -10.92 -26.93 -14.55
N VAL B 46 -10.00 -27.88 -14.53
CA VAL B 46 -8.80 -27.76 -13.70
C VAL B 46 -7.91 -26.60 -14.14
N THR B 47 -7.39 -26.68 -15.36
CA THR B 47 -6.35 -25.76 -15.82
C THR B 47 -6.60 -25.45 -17.29
N THR B 48 -5.92 -24.44 -17.82
CA THR B 48 -5.90 -24.22 -19.25
C THR B 48 -4.45 -24.11 -19.69
N THR B 49 -4.10 -24.79 -20.77
CA THR B 49 -2.69 -24.90 -21.13
C THR B 49 -2.50 -24.60 -22.62
N VAL B 50 -1.36 -23.99 -22.93
CA VAL B 50 -0.99 -23.65 -24.29
C VAL B 50 0.36 -24.30 -24.56
N SER B 51 0.46 -25.03 -25.66
CA SER B 51 1.67 -25.78 -25.98
C SER B 51 2.69 -24.90 -26.70
N ASN B 52 2.32 -24.42 -27.88
CA ASN B 52 3.27 -23.71 -28.73
C ASN B 52 2.90 -22.24 -28.86
N MET B 53 3.85 -21.37 -28.50
CA MET B 53 3.71 -19.94 -28.67
C MET B 53 4.83 -19.42 -29.55
N ALA B 54 4.48 -18.50 -30.45
CA ALA B 54 5.43 -17.92 -31.38
C ALA B 54 5.96 -16.60 -30.86
N GLU B 55 7.21 -16.30 -31.21
CA GLU B 55 7.97 -15.19 -30.64
C GLU B 55 7.78 -13.95 -31.51
N VAL B 56 6.71 -13.21 -31.27
CA VAL B 56 6.42 -11.95 -31.93
C VAL B 56 7.22 -10.88 -31.19
N ARG B 57 7.24 -9.65 -31.74
CA ARG B 57 8.03 -8.53 -31.24
C ARG B 57 8.18 -8.48 -29.72
N SER B 58 9.39 -8.21 -29.27
CA SER B 58 9.65 -8.03 -27.85
C SER B 58 9.83 -6.55 -27.55
N TYR B 59 9.88 -6.22 -26.26
CA TYR B 59 9.95 -4.83 -25.83
C TYR B 59 11.06 -4.69 -24.80
N CYS B 60 11.71 -3.53 -24.80
CA CYS B 60 12.70 -3.22 -23.79
C CYS B 60 12.25 -1.98 -23.03
N TYR B 61 12.27 -2.07 -21.72
CA TYR B 61 11.88 -0.97 -20.84
C TYR B 61 13.01 -0.53 -19.95
N GLU B 62 14.10 -1.30 -19.92
CA GLU B 62 15.30 -0.93 -19.17
C GLU B 62 16.44 -0.77 -20.16
N ALA B 63 16.82 0.48 -20.39
CA ALA B 63 17.88 0.79 -21.34
C ALA B 63 19.05 1.41 -20.60
N SER B 64 20.16 1.56 -21.31
CA SER B 64 21.36 2.17 -20.76
C SER B 64 22.05 2.93 -21.89
N ILE B 65 22.69 4.04 -21.54
CA ILE B 65 23.29 4.92 -22.52
C ILE B 65 24.76 5.10 -22.18
N SER B 66 25.57 5.39 -23.20
CA SER B 66 27.00 5.55 -23.01
C SER B 66 27.54 6.39 -24.17
N ASP B 67 28.86 6.60 -24.15
CA ASP B 67 29.66 7.16 -25.25
C ASP B 67 28.91 8.22 -26.05
N MET B 68 28.43 9.26 -25.37
CA MET B 68 27.56 10.25 -25.97
C MET B 68 28.28 11.04 -27.06
N ALA B 69 27.55 11.85 -27.83
CA ALA B 69 28.13 12.56 -28.95
C ALA B 69 27.22 13.70 -29.38
N SER B 70 27.84 14.83 -29.76
CA SER B 70 27.10 16.07 -30.02
C SER B 70 27.30 16.55 -31.45
N ASP B 71 28.55 16.69 -31.87
CA ASP B 71 28.89 17.07 -33.24
C ASP B 71 28.35 18.44 -33.61
N SER B 72 28.89 19.49 -33.01
CA SER B 72 28.47 20.85 -33.30
C SER B 72 28.82 21.25 -34.73
N ARG B 73 28.04 22.17 -35.27
CA ARG B 73 28.29 22.73 -36.61
C ARG B 73 27.88 24.19 -36.65
N CYS B 74 28.65 24.97 -37.40
CA CYS B 74 28.47 26.41 -37.56
C CYS B 74 27.06 26.75 -38.01
N PRO B 75 26.62 28.01 -37.83
CA PRO B 75 25.27 28.38 -38.26
C PRO B 75 25.03 28.14 -39.72
N THR B 76 26.04 28.28 -40.56
CA THR B 76 25.90 27.98 -41.97
C THR B 76 27.10 27.17 -42.47
N GLN B 77 27.01 25.86 -42.33
CA GLN B 77 27.85 24.94 -43.09
C GLN B 77 27.12 23.63 -43.36
N GLY B 78 25.82 23.70 -43.58
CA GLY B 78 24.98 22.52 -43.56
C GLY B 78 24.44 22.32 -42.16
N GLU B 79 24.29 21.05 -41.80
CA GLU B 79 24.04 20.72 -40.40
C GLU B 79 24.77 19.42 -40.08
N ALA B 80 24.91 19.15 -38.79
CA ALA B 80 25.84 18.17 -38.23
C ALA B 80 25.73 16.81 -38.90
N TYR B 81 26.89 16.15 -39.04
CA TYR B 81 26.93 14.80 -39.61
C TYR B 81 27.07 13.74 -38.53
N LEU B 82 28.15 13.81 -37.74
CA LEU B 82 28.35 12.85 -36.66
C LEU B 82 28.35 11.42 -37.15
N ASP B 83 29.45 10.97 -37.74
CA ASP B 83 29.55 9.60 -38.23
C ASP B 83 29.02 8.56 -37.24
N LYS B 84 29.01 8.89 -35.94
CA LYS B 84 28.36 8.00 -34.97
C LYS B 84 26.94 7.62 -35.39
N GLN B 85 26.13 8.62 -35.72
CA GLN B 85 24.77 8.44 -36.21
C GLN B 85 24.68 7.35 -37.27
N SER B 86 25.76 7.13 -38.02
CA SER B 86 25.80 6.08 -39.03
C SER B 86 25.25 4.76 -38.52
N ASP B 87 25.60 4.38 -37.30
CA ASP B 87 25.12 3.11 -36.75
C ASP B 87 23.73 3.25 -36.15
N THR B 88 22.97 2.16 -36.13
CA THR B 88 21.65 2.17 -35.52
C THR B 88 21.68 1.76 -34.06
N GLN B 89 22.72 1.05 -33.62
CA GLN B 89 22.88 0.79 -32.20
C GLN B 89 22.91 2.08 -31.39
N TYR B 90 23.23 3.19 -32.03
CA TYR B 90 23.14 4.50 -31.43
C TYR B 90 21.80 5.11 -31.78
N VAL B 91 21.20 5.82 -30.84
CA VAL B 91 20.02 6.61 -31.10
C VAL B 91 20.44 8.07 -31.12
N CYS B 92 19.99 8.80 -32.14
CA CYS B 92 20.36 10.19 -32.33
C CYS B 92 19.19 11.06 -32.76
N LYS B 93 19.21 12.30 -32.29
CA LYS B 93 18.27 13.32 -32.76
C LYS B 93 19.05 14.61 -32.99
N ARG B 94 18.57 15.35 -33.97
CA ARG B 94 19.26 16.49 -34.55
C ARG B 94 18.59 17.76 -34.06
N THR B 95 19.36 18.68 -33.48
CA THR B 95 18.78 19.84 -32.84
C THR B 95 19.53 21.11 -33.24
N LEU B 96 18.75 22.15 -33.49
CA LEU B 96 19.26 23.47 -33.78
C LEU B 96 19.65 24.13 -32.47
N VAL B 97 20.92 24.51 -32.37
CA VAL B 97 21.48 25.06 -31.13
C VAL B 97 22.05 26.44 -31.45
N ASP B 98 22.15 27.28 -30.43
CA ASP B 98 22.73 28.59 -30.65
C ASP B 98 24.25 28.49 -30.80
N ARG B 99 24.81 29.31 -31.68
CA ARG B 99 26.24 29.37 -31.92
C ARG B 99 26.63 30.82 -32.10
N GLY B 100 27.43 31.32 -31.18
CA GLY B 100 27.71 32.73 -31.14
C GLY B 100 29.16 33.06 -31.44
N TRP B 101 29.54 34.29 -31.11
CA TRP B 101 30.95 34.65 -31.19
C TRP B 101 31.70 34.08 -30.00
N GLY B 102 33.02 34.07 -30.08
CA GLY B 102 33.82 33.34 -29.11
C GLY B 102 33.35 31.92 -28.96
N ASN B 103 32.86 31.36 -30.04
CA ASN B 103 32.35 30.01 -30.07
C ASN B 103 32.84 29.27 -31.31
N GLY B 104 33.94 29.74 -31.88
CA GLY B 104 34.34 29.33 -33.20
C GLY B 104 33.39 29.91 -34.22
N CYS B 105 33.36 29.35 -35.42
CA CYS B 105 32.28 29.64 -36.36
C CYS B 105 32.20 31.12 -36.65
N GLY B 106 33.16 31.63 -37.42
CA GLY B 106 33.28 33.05 -37.74
C GLY B 106 31.98 33.80 -37.94
N LEU B 107 30.97 33.10 -38.45
CA LEU B 107 29.61 33.62 -38.53
C LEU B 107 29.03 33.61 -37.12
N PHE B 108 27.71 33.74 -37.01
CA PHE B 108 26.99 33.21 -35.84
C PHE B 108 25.50 33.50 -35.94
N GLY B 109 24.77 32.89 -35.01
CA GLY B 109 23.34 32.74 -35.09
C GLY B 109 22.96 31.32 -34.73
N LYS B 110 21.81 30.88 -35.21
CA LYS B 110 21.40 29.49 -35.01
C LYS B 110 22.26 28.54 -35.83
N GLY B 111 23.09 27.76 -35.14
CA GLY B 111 23.74 26.63 -35.76
C GLY B 111 23.00 25.35 -35.41
N SER B 112 23.65 24.22 -35.58
CA SER B 112 23.00 22.93 -35.38
C SER B 112 24.01 21.86 -35.01
N LEU B 113 23.54 20.90 -34.20
CA LEU B 113 24.35 19.75 -33.81
C LEU B 113 23.44 18.57 -33.55
N VAL B 114 24.01 17.37 -33.66
CA VAL B 114 23.23 16.14 -33.52
C VAL B 114 23.68 15.40 -32.28
N THR B 115 22.90 15.50 -31.21
CA THR B 115 23.28 14.82 -29.98
C THR B 115 22.85 13.37 -30.09
N CYS B 116 23.71 12.45 -29.64
CA CYS B 116 23.28 11.06 -29.55
C CYS B 116 24.25 10.16 -28.83
N ALA B 117 23.77 8.94 -28.57
CA ALA B 117 24.50 8.00 -27.73
C ALA B 117 24.07 6.58 -28.04
N LYS B 118 24.83 5.62 -27.52
CA LYS B 118 24.54 4.22 -27.74
C LYS B 118 23.31 3.81 -26.95
N PHE B 119 22.49 2.95 -27.55
CA PHE B 119 21.28 2.45 -26.91
C PHE B 119 21.49 0.98 -26.55
N ALA B 120 22.05 0.75 -25.38
CA ALA B 120 22.12 -0.61 -24.84
C ALA B 120 20.97 -0.78 -23.87
N CYS B 121 20.42 -1.98 -23.83
CA CYS B 121 19.21 -2.20 -23.06
C CYS B 121 19.21 -3.58 -22.44
N SER B 122 18.32 -3.75 -21.46
CA SER B 122 18.14 -5.00 -20.74
C SER B 122 16.71 -5.18 -20.31
N LYS B 123 16.38 -6.35 -19.78
CA LYS B 123 15.01 -6.69 -19.36
C LYS B 123 14.05 -6.60 -20.54
N LYS B 124 14.25 -7.51 -21.50
CA LYS B 124 13.35 -7.61 -22.64
C LYS B 124 11.99 -8.10 -22.20
N MET B 125 10.96 -7.67 -22.93
CA MET B 125 9.61 -8.15 -22.74
C MET B 125 9.22 -9.16 -23.80
N THR B 126 9.32 -10.45 -23.50
CA THR B 126 8.98 -11.46 -24.50
C THR B 126 7.46 -11.52 -24.69
N GLY B 127 6.97 -10.84 -25.71
CA GLY B 127 5.55 -10.86 -26.00
C GLY B 127 5.16 -11.88 -27.05
N LYS B 128 5.18 -13.16 -26.69
CA LYS B 128 4.93 -14.21 -27.66
C LYS B 128 3.46 -14.22 -28.07
N SER B 129 3.15 -14.97 -29.12
CA SER B 129 1.79 -15.13 -29.61
C SER B 129 1.32 -16.56 -29.46
N ILE B 130 0.01 -16.74 -29.31
CA ILE B 130 -0.61 -18.04 -29.28
C ILE B 130 -1.78 -18.03 -30.25
N GLN B 131 -2.17 -19.21 -30.71
CA GLN B 131 -3.25 -19.36 -31.66
C GLN B 131 -4.24 -20.41 -31.17
N PRO B 132 -5.50 -20.33 -31.60
CA PRO B 132 -6.52 -21.27 -31.11
C PRO B 132 -6.17 -22.74 -31.30
N GLU B 133 -5.13 -23.07 -32.05
CA GLU B 133 -4.71 -24.45 -32.12
C GLU B 133 -3.44 -24.68 -31.30
N ASN B 134 -3.16 -25.95 -31.06
CA ASN B 134 -2.16 -26.44 -30.10
C ASN B 134 -2.24 -25.70 -28.77
N LEU B 135 -3.40 -25.18 -28.43
CA LEU B 135 -3.75 -24.89 -27.05
C LEU B 135 -4.40 -26.16 -26.49
N GLU B 136 -4.57 -26.22 -25.17
CA GLU B 136 -5.01 -27.47 -24.57
C GLU B 136 -5.87 -27.20 -23.34
N TYR B 137 -7.08 -27.75 -23.35
CA TYR B 137 -7.91 -27.78 -22.16
C TYR B 137 -7.66 -29.05 -21.36
N ARG B 138 -7.75 -28.96 -20.04
CA ARG B 138 -7.63 -30.12 -19.16
C ARG B 138 -8.61 -29.99 -18.01
N ILE B 139 -9.57 -30.91 -17.97
CA ILE B 139 -10.61 -30.90 -16.96
C ILE B 139 -10.52 -32.18 -16.15
N MET B 140 -11.19 -32.19 -15.00
CA MET B 140 -11.43 -33.41 -14.24
C MET B 140 -12.89 -33.39 -13.79
N LEU B 141 -13.48 -34.58 -13.75
CA LEU B 141 -14.88 -34.75 -13.41
C LEU B 141 -15.02 -35.89 -12.42
N SER B 142 -16.18 -35.96 -11.77
CA SER B 142 -16.36 -36.86 -10.65
C SER B 142 -17.84 -37.19 -10.48
N VAL B 143 -18.16 -38.47 -10.48
CA VAL B 143 -19.50 -38.93 -10.16
C VAL B 143 -19.60 -39.11 -8.65
N HIS B 144 -20.82 -38.96 -8.13
CA HIS B 144 -21.04 -39.00 -6.69
C HIS B 144 -21.20 -40.42 -6.21
N GLY B 145 -21.64 -40.58 -4.96
CA GLY B 145 -21.83 -41.89 -4.41
C GLY B 145 -20.69 -42.33 -3.51
N SER B 146 -19.77 -43.13 -4.07
CA SER B 146 -18.68 -43.71 -3.30
C SER B 146 -17.62 -42.64 -3.08
N GLN B 147 -16.42 -43.08 -2.71
CA GLN B 147 -15.28 -42.19 -2.57
C GLN B 147 -15.52 -41.17 -1.47
N HIS B 148 -15.57 -41.68 -0.24
CA HIS B 148 -15.48 -40.84 0.96
C HIS B 148 -14.43 -39.76 0.74
N SER B 149 -14.78 -38.52 1.08
CA SER B 149 -13.84 -37.39 1.00
C SER B 149 -13.13 -37.33 -0.33
N GLY B 150 -13.89 -37.06 -1.41
CA GLY B 150 -13.35 -37.02 -2.75
C GLY B 150 -12.10 -36.18 -2.88
N MET B 151 -12.24 -34.85 -2.80
CA MET B 151 -11.16 -34.04 -2.25
C MET B 151 -9.85 -34.17 -3.01
N ILE B 152 -9.71 -33.40 -4.09
CA ILE B 152 -8.67 -33.50 -5.10
C ILE B 152 -7.32 -33.98 -4.56
N VAL B 153 -7.09 -33.86 -3.25
CA VAL B 153 -5.81 -34.12 -2.60
C VAL B 153 -5.05 -35.29 -3.20
N ASN B 154 -5.73 -36.42 -3.42
CA ASN B 154 -5.04 -37.59 -3.98
C ASN B 154 -5.63 -37.94 -5.34
N ASP B 155 -5.86 -36.92 -6.16
CA ASP B 155 -6.39 -37.06 -7.50
C ASP B 155 -5.63 -38.07 -8.35
N THR B 156 -4.35 -38.28 -8.06
CA THR B 156 -3.50 -39.13 -8.88
C THR B 156 -4.13 -40.50 -9.13
N GLY B 157 -4.45 -41.22 -8.05
CA GLY B 157 -5.10 -42.50 -8.19
C GLY B 157 -6.57 -42.43 -8.49
N HIS B 158 -7.17 -41.24 -8.39
CA HIS B 158 -8.61 -41.12 -8.58
C HIS B 158 -9.00 -41.11 -10.05
N GLU B 159 -8.11 -40.66 -10.93
CA GLU B 159 -8.34 -40.85 -12.37
C GLU B 159 -8.14 -42.30 -12.76
N THR B 160 -7.24 -43.00 -12.08
CA THR B 160 -7.13 -44.45 -12.20
C THR B 160 -8.31 -45.14 -11.53
N ASP B 161 -8.96 -44.46 -10.61
CA ASP B 161 -10.13 -45.00 -9.93
C ASP B 161 -11.40 -44.66 -10.70
N GLU B 162 -12.54 -45.08 -10.17
CA GLU B 162 -13.78 -45.01 -10.93
C GLU B 162 -14.56 -43.73 -10.71
N ASN B 163 -14.44 -43.12 -9.53
CA ASN B 163 -15.28 -41.98 -9.21
C ASN B 163 -14.80 -40.69 -9.85
N ARG B 164 -13.53 -40.62 -10.26
CA ARG B 164 -12.98 -39.41 -10.86
C ARG B 164 -12.32 -39.74 -12.20
N ALA B 165 -12.22 -38.73 -13.05
CA ALA B 165 -11.65 -38.91 -14.38
C ALA B 165 -11.01 -37.61 -14.84
N LYS B 166 -9.94 -37.73 -15.63
CA LYS B 166 -9.18 -36.60 -16.12
C LYS B 166 -9.20 -36.61 -17.65
N VAL B 167 -9.55 -35.46 -18.23
CA VAL B 167 -9.83 -35.37 -19.67
C VAL B 167 -8.99 -34.24 -20.27
N GLU B 168 -8.34 -34.54 -21.39
CA GLU B 168 -7.64 -33.52 -22.18
C GLU B 168 -8.42 -33.25 -23.45
N ILE B 169 -8.57 -31.97 -23.79
CA ILE B 169 -9.33 -31.58 -24.97
C ILE B 169 -8.45 -30.69 -25.84
N THR B 170 -8.45 -30.99 -27.15
CA THR B 170 -7.73 -30.24 -28.16
C THR B 170 -8.71 -29.77 -29.21
N PRO B 171 -8.47 -28.62 -29.85
CA PRO B 171 -9.20 -28.31 -31.09
C PRO B 171 -8.94 -29.32 -32.20
N ASN B 172 -7.96 -30.21 -32.05
CA ASN B 172 -7.82 -31.31 -32.99
C ASN B 172 -8.71 -32.48 -32.60
N SER B 173 -8.76 -32.83 -31.31
CA SER B 173 -9.57 -33.94 -30.81
C SER B 173 -10.56 -33.40 -29.79
N PRO B 174 -11.70 -32.89 -30.25
CA PRO B 174 -12.68 -32.31 -29.31
C PRO B 174 -13.42 -33.35 -28.50
N ARG B 175 -13.75 -34.48 -29.12
CA ARG B 175 -14.51 -35.53 -28.44
C ARG B 175 -13.66 -36.21 -27.38
N ALA B 176 -14.34 -36.64 -26.32
CA ALA B 176 -13.78 -37.46 -25.27
C ALA B 176 -14.93 -38.15 -24.54
N GLU B 177 -14.95 -39.47 -24.58
CA GLU B 177 -15.92 -40.20 -23.78
C GLU B 177 -15.25 -40.53 -22.45
N ALA B 178 -15.57 -39.74 -21.44
CA ALA B 178 -15.06 -39.99 -20.10
C ALA B 178 -15.65 -41.32 -19.63
N THR B 179 -14.82 -42.34 -19.69
CA THR B 179 -15.25 -43.71 -19.43
C THR B 179 -14.95 -44.07 -17.99
N LEU B 180 -15.96 -44.61 -17.32
CA LEU B 180 -15.86 -44.94 -15.91
C LEU B 180 -16.34 -46.38 -15.77
N GLY B 181 -15.38 -47.30 -15.65
CA GLY B 181 -15.67 -48.71 -15.59
C GLY B 181 -16.73 -49.02 -14.56
N GLY B 182 -17.91 -49.43 -15.01
CA GLY B 182 -19.03 -49.69 -14.13
C GLY B 182 -19.98 -48.52 -14.01
N PHE B 183 -19.55 -47.33 -14.38
CA PHE B 183 -20.43 -46.17 -14.28
C PHE B 183 -20.89 -45.72 -15.65
N GLY B 184 -19.97 -45.41 -16.56
CA GLY B 184 -20.42 -45.01 -17.87
C GLY B 184 -19.36 -44.52 -18.84
N SER B 185 -19.80 -43.71 -19.80
CA SER B 185 -18.98 -43.33 -20.94
C SER B 185 -18.81 -41.82 -21.04
N LEU B 186 -19.70 -41.08 -20.40
CA LEU B 186 -19.71 -39.61 -20.36
C LEU B 186 -19.30 -38.95 -21.67
N GLY B 187 -20.13 -39.05 -22.70
CA GLY B 187 -19.79 -38.44 -23.96
C GLY B 187 -19.62 -36.93 -23.88
N LEU B 188 -18.48 -36.43 -24.37
CA LEU B 188 -18.24 -34.99 -24.38
C LEU B 188 -17.68 -34.53 -25.71
N ASP B 189 -18.18 -33.42 -26.21
CA ASP B 189 -17.66 -32.77 -27.41
C ASP B 189 -17.79 -31.27 -27.24
N CYS B 190 -16.68 -30.55 -27.33
CA CYS B 190 -16.69 -29.14 -26.97
C CYS B 190 -16.27 -28.27 -28.15
N GLU B 191 -16.28 -26.96 -27.90
CA GLU B 191 -15.86 -25.96 -28.88
C GLU B 191 -14.53 -25.39 -28.41
N PRO B 192 -13.41 -25.98 -28.80
CA PRO B 192 -12.11 -25.49 -28.29
C PRO B 192 -11.68 -24.18 -28.92
N ARG B 193 -12.61 -23.48 -29.59
CA ARG B 193 -12.24 -22.24 -30.26
C ARG B 193 -12.82 -21.03 -29.55
N THR B 194 -14.14 -21.01 -29.35
CA THR B 194 -14.82 -19.80 -28.91
C THR B 194 -14.76 -19.59 -27.41
N GLY B 195 -13.76 -20.19 -26.76
CA GLY B 195 -13.62 -20.05 -25.33
C GLY B 195 -13.18 -18.66 -24.89
N LEU B 196 -11.99 -18.24 -25.34
CA LEU B 196 -11.40 -16.99 -24.90
C LEU B 196 -11.22 -16.00 -26.04
N ASP B 197 -11.91 -16.23 -27.15
CA ASP B 197 -11.76 -15.43 -28.37
C ASP B 197 -10.28 -15.22 -28.70
N PHE B 198 -9.59 -16.33 -28.93
CA PHE B 198 -8.16 -16.30 -29.17
C PHE B 198 -7.85 -15.65 -30.51
N SER B 199 -6.57 -15.73 -30.89
CA SER B 199 -6.01 -15.12 -32.10
C SER B 199 -5.92 -13.61 -31.98
N ASP B 200 -6.55 -13.03 -30.96
CA ASP B 200 -6.32 -11.66 -30.56
C ASP B 200 -5.63 -11.57 -29.21
N LEU B 201 -4.86 -12.60 -28.84
CA LEU B 201 -4.32 -12.73 -27.49
C LEU B 201 -2.85 -13.07 -27.57
N TYR B 202 -2.04 -12.32 -26.83
CA TYR B 202 -0.61 -12.51 -26.76
C TYR B 202 -0.19 -12.90 -25.35
N TYR B 203 0.79 -13.80 -25.28
CA TYR B 203 1.36 -14.27 -24.02
C TYR B 203 2.60 -13.43 -23.71
N LEU B 204 2.46 -12.47 -22.80
CA LEU B 204 3.58 -11.61 -22.43
C LEU B 204 4.27 -12.17 -21.20
N THR B 205 5.57 -12.38 -21.30
CA THR B 205 6.43 -12.73 -20.17
C THR B 205 7.46 -11.61 -20.02
N MET B 206 7.36 -10.84 -18.94
CA MET B 206 8.32 -9.77 -18.75
C MET B 206 9.45 -10.13 -17.79
N ASN B 207 9.17 -10.18 -16.49
CA ASN B 207 10.16 -10.58 -15.50
C ASN B 207 9.85 -11.99 -15.01
N ASN B 208 9.98 -12.98 -15.88
CA ASN B 208 9.44 -14.33 -15.66
C ASN B 208 8.04 -14.27 -15.08
N LYS B 209 7.31 -13.20 -15.37
CA LYS B 209 5.92 -13.05 -15.01
C LYS B 209 5.10 -13.00 -16.28
N HIS B 210 4.13 -13.89 -16.37
CA HIS B 210 3.41 -14.13 -17.62
C HIS B 210 1.98 -13.68 -17.46
N TRP B 211 1.39 -13.28 -18.57
CA TRP B 211 -0.04 -12.99 -18.62
C TRP B 211 -0.49 -12.93 -20.08
N LEU B 212 -1.81 -12.77 -20.24
CA LEU B 212 -2.40 -12.70 -21.56
C LEU B 212 -2.92 -11.29 -21.80
N VAL B 213 -2.72 -10.80 -23.01
CA VAL B 213 -3.04 -9.43 -23.35
C VAL B 213 -3.75 -9.39 -24.70
N HIS B 214 -4.76 -8.56 -24.80
CA HIS B 214 -5.45 -8.36 -26.07
C HIS B 214 -4.48 -7.72 -27.06
N LYS B 215 -4.10 -8.50 -28.08
CA LYS B 215 -2.94 -8.16 -28.91
C LYS B 215 -3.01 -6.74 -29.45
N GLU B 216 -4.20 -6.16 -29.56
CA GLU B 216 -4.31 -4.77 -29.97
C GLU B 216 -3.52 -3.87 -29.01
N TRP B 217 -3.78 -4.00 -27.71
CA TRP B 217 -3.02 -3.26 -26.71
C TRP B 217 -1.53 -3.53 -26.83
N PHE B 218 -1.16 -4.77 -27.14
CA PHE B 218 0.26 -5.10 -27.23
C PHE B 218 0.89 -4.43 -28.43
N HIS B 219 0.15 -4.28 -29.51
CA HIS B 219 0.67 -3.59 -30.67
C HIS B 219 0.80 -2.10 -30.42
N ASP B 220 0.00 -1.56 -29.50
CA ASP B 220 -0.06 -0.12 -29.31
C ASP B 220 0.92 0.41 -28.27
N ILE B 221 1.80 -0.42 -27.73
CA ILE B 221 2.69 0.07 -26.68
C ILE B 221 3.95 0.69 -27.29
N PRO B 222 4.23 1.95 -26.97
CA PRO B 222 5.35 2.67 -27.61
C PRO B 222 6.69 2.55 -26.89
N LEU B 223 7.24 1.36 -26.87
CA LEU B 223 8.59 1.12 -26.38
C LEU B 223 9.44 0.63 -27.54
N PRO B 224 10.75 0.49 -27.35
CA PRO B 224 11.59 -0.06 -28.41
C PRO B 224 11.15 -1.47 -28.80
N TRP B 225 11.16 -1.73 -30.10
CA TRP B 225 10.79 -3.03 -30.64
C TRP B 225 12.00 -3.91 -30.91
N HIS B 226 11.92 -5.16 -30.49
CA HIS B 226 12.67 -6.20 -31.16
C HIS B 226 12.01 -6.51 -32.50
N ALA B 227 10.69 -6.31 -32.52
CA ALA B 227 9.82 -6.12 -33.68
C ALA B 227 9.54 -7.37 -34.51
N GLY B 228 10.44 -8.35 -34.50
CA GLY B 228 10.07 -9.72 -34.76
C GLY B 228 11.20 -10.63 -34.32
N ALA B 229 12.27 -9.98 -33.87
CA ALA B 229 13.60 -10.37 -34.30
C ALA B 229 14.06 -11.64 -33.61
N ASP B 230 15.15 -12.18 -34.12
CA ASP B 230 15.84 -13.32 -33.54
C ASP B 230 17.25 -12.90 -33.18
N THR B 231 18.11 -13.87 -32.90
CA THR B 231 19.50 -13.62 -32.54
C THR B 231 20.18 -12.70 -33.54
N GLY B 232 21.28 -12.09 -33.10
CA GLY B 232 21.82 -10.91 -33.72
C GLY B 232 21.56 -9.75 -32.78
N THR B 233 22.43 -8.74 -32.85
CA THR B 233 22.25 -7.58 -31.97
C THR B 233 20.88 -6.98 -32.20
N PRO B 234 20.07 -6.82 -31.16
CA PRO B 234 18.70 -6.35 -31.36
C PRO B 234 18.67 -4.92 -31.88
N HIS B 235 18.25 -4.76 -33.13
CA HIS B 235 18.05 -3.44 -33.70
C HIS B 235 16.71 -2.91 -33.22
N TRP B 236 16.73 -2.16 -32.12
CA TRP B 236 15.48 -1.73 -31.51
C TRP B 236 14.77 -0.72 -32.41
N ASN B 237 13.45 -0.77 -32.40
CA ASN B 237 12.67 0.14 -33.22
C ASN B 237 12.07 1.26 -32.40
N ASN B 238 12.00 2.43 -33.04
CA ASN B 238 11.40 3.67 -32.55
C ASN B 238 12.22 4.34 -31.46
N LYS B 239 13.02 3.57 -30.72
CA LYS B 239 14.26 3.98 -30.07
C LYS B 239 14.27 5.38 -29.46
N GLU B 240 13.11 6.03 -29.34
CA GLU B 240 13.11 7.45 -29.03
C GLU B 240 12.39 7.78 -27.74
N ALA B 241 11.20 7.23 -27.51
CA ALA B 241 10.46 7.58 -26.31
C ALA B 241 11.23 7.21 -25.06
N LEU B 242 11.99 6.11 -25.11
CA LEU B 242 12.78 5.70 -23.96
C LEU B 242 13.80 6.76 -23.56
N VAL B 243 14.74 7.08 -24.43
CA VAL B 243 15.72 8.11 -24.14
C VAL B 243 15.04 9.47 -24.26
N GLU B 244 15.66 10.48 -23.64
CA GLU B 244 15.13 11.83 -23.69
C GLU B 244 16.29 12.79 -23.85
N PHE B 245 16.19 13.66 -24.86
CA PHE B 245 17.25 14.60 -25.17
C PHE B 245 16.95 15.92 -24.48
N LYS B 246 17.99 16.64 -24.07
CA LYS B 246 17.80 17.93 -23.45
C LYS B 246 19.03 18.81 -23.54
N ASP B 247 18.89 19.97 -24.15
CA ASP B 247 19.94 20.96 -24.25
C ASP B 247 19.81 21.96 -23.12
N ALA B 248 20.83 22.80 -22.96
CA ALA B 248 20.72 23.97 -22.11
C ALA B 248 19.76 24.96 -22.75
N HIS B 249 19.61 26.12 -22.12
CA HIS B 249 18.77 27.18 -22.66
C HIS B 249 18.98 27.35 -24.15
N ALA B 250 20.24 27.23 -24.60
CA ALA B 250 20.56 27.34 -26.01
C ALA B 250 21.52 26.25 -26.49
N LYS B 251 22.17 25.54 -25.58
CA LYS B 251 23.40 24.83 -25.93
C LYS B 251 23.52 23.46 -25.27
N ARG B 252 24.66 22.81 -25.55
CA ARG B 252 25.20 21.66 -24.82
C ARG B 252 24.14 20.62 -24.48
N GLN B 253 23.63 19.97 -25.51
CA GLN B 253 22.58 18.96 -25.32
C GLN B 253 23.14 17.65 -24.81
N THR B 254 22.45 17.08 -23.83
CA THR B 254 22.77 15.78 -23.26
C THR B 254 21.55 14.87 -23.36
N VAL B 255 21.63 13.71 -22.74
CA VAL B 255 20.60 12.70 -22.86
C VAL B 255 20.40 12.01 -21.51
N VAL B 256 19.16 11.66 -21.22
CA VAL B 256 18.80 10.86 -20.05
C VAL B 256 18.08 9.61 -20.54
N VAL B 257 18.06 8.57 -19.70
CA VAL B 257 17.62 7.27 -20.17
C VAL B 257 16.19 6.97 -19.71
N LEU B 258 15.74 7.63 -18.65
CA LEU B 258 14.47 7.34 -18.00
C LEU B 258 14.39 5.93 -17.44
N GLY B 259 15.51 5.36 -17.06
CA GLY B 259 15.57 4.11 -16.30
C GLY B 259 14.69 2.99 -16.83
N SER B 260 14.15 2.21 -15.90
CA SER B 260 13.29 1.09 -16.27
C SER B 260 11.85 1.41 -15.94
N GLN B 261 10.94 1.04 -16.84
CA GLN B 261 9.51 1.26 -16.62
C GLN B 261 8.77 -0.04 -16.35
N GLU B 262 9.38 -0.92 -15.55
CA GLU B 262 8.76 -2.19 -15.20
C GLU B 262 7.45 -1.98 -14.45
N GLY B 263 7.49 -1.26 -13.33
CA GLY B 263 6.25 -0.94 -12.65
C GLY B 263 5.30 -0.11 -13.49
N ALA B 264 5.84 0.69 -14.42
CA ALA B 264 4.99 1.46 -15.29
C ALA B 264 4.17 0.56 -16.21
N VAL B 265 4.80 -0.46 -16.78
CA VAL B 265 4.03 -1.37 -17.60
C VAL B 265 3.09 -2.17 -16.73
N HIS B 266 3.46 -2.41 -15.48
CA HIS B 266 2.52 -3.02 -14.55
C HIS B 266 1.25 -2.20 -14.41
N THR B 267 1.39 -0.93 -14.02
CA THR B 267 0.20 -0.11 -13.87
C THR B 267 -0.53 0.11 -15.18
N ALA B 268 0.16 -0.04 -16.31
CA ALA B 268 -0.52 0.00 -17.59
C ALA B 268 -1.12 -1.34 -17.95
N LEU B 269 -0.89 -2.36 -17.16
CA LEU B 269 -1.35 -3.70 -17.44
C LEU B 269 -2.68 -4.02 -16.77
N ALA B 270 -3.50 -3.00 -16.54
CA ALA B 270 -4.62 -3.07 -15.61
C ALA B 270 -5.78 -3.91 -16.12
N GLY B 271 -5.59 -4.69 -17.18
CA GLY B 271 -6.69 -5.51 -17.66
C GLY B 271 -6.32 -6.93 -18.02
N ALA B 272 -5.04 -7.25 -17.98
CA ALA B 272 -4.57 -8.56 -18.36
C ALA B 272 -4.87 -9.58 -17.28
N LEU B 273 -4.79 -10.85 -17.65
CA LEU B 273 -4.91 -11.95 -16.71
C LEU B 273 -3.59 -12.70 -16.65
N GLU B 274 -3.05 -12.81 -15.44
CA GLU B 274 -1.76 -13.45 -15.21
C GLU B 274 -1.82 -14.93 -15.52
N ALA B 275 -0.65 -15.51 -15.75
CA ALA B 275 -0.50 -16.87 -16.21
C ALA B 275 0.81 -17.43 -15.69
N GLU B 276 0.86 -18.74 -15.55
CA GLU B 276 1.91 -19.43 -14.83
C GLU B 276 2.49 -20.53 -15.70
N MET B 277 3.13 -21.50 -15.04
CA MET B 277 4.17 -22.37 -15.56
C MET B 277 4.07 -22.50 -17.07
N ASP B 278 5.20 -22.23 -17.73
CA ASP B 278 5.28 -21.59 -19.03
C ASP B 278 6.18 -22.43 -19.93
N GLY B 279 7.32 -22.86 -19.39
CA GLY B 279 8.21 -23.85 -19.99
C GLY B 279 8.21 -23.79 -21.49
N ALA B 280 8.00 -24.94 -22.13
CA ALA B 280 7.25 -24.99 -23.38
C ALA B 280 5.79 -25.29 -23.12
N LYS B 281 5.36 -25.22 -21.86
CA LYS B 281 4.00 -25.56 -21.49
C LYS B 281 3.49 -24.39 -20.65
N GLY B 282 2.66 -23.53 -21.24
CA GLY B 282 2.23 -22.33 -20.55
C GLY B 282 0.84 -22.47 -19.98
N ARG B 283 0.71 -22.45 -18.65
CA ARG B 283 -0.60 -22.68 -18.06
C ARG B 283 -1.22 -21.34 -17.74
N LEU B 284 -2.55 -21.29 -17.75
CA LEU B 284 -3.27 -20.10 -17.35
C LEU B 284 -4.55 -20.49 -16.63
N SER B 285 -5.06 -19.53 -15.87
CA SER B 285 -6.25 -19.66 -15.06
C SER B 285 -7.47 -19.55 -15.95
N SER B 286 -8.58 -19.22 -15.34
CA SER B 286 -9.92 -19.38 -15.91
C SER B 286 -10.03 -18.96 -17.37
N GLY B 287 -10.87 -19.71 -18.06
CA GLY B 287 -11.38 -19.44 -19.38
C GLY B 287 -12.44 -20.48 -19.71
N HIS B 288 -13.59 -20.00 -20.17
CA HIS B 288 -14.78 -20.82 -20.26
C HIS B 288 -14.80 -21.56 -21.58
N LEU B 289 -15.80 -22.42 -21.75
CA LEU B 289 -16.07 -22.98 -23.08
C LEU B 289 -17.43 -23.66 -23.12
N LYS B 290 -17.78 -24.15 -24.32
CA LYS B 290 -19.06 -24.78 -24.59
C LYS B 290 -18.89 -26.28 -24.77
N CYS B 291 -19.52 -27.08 -23.91
CA CYS B 291 -19.31 -28.52 -23.97
C CYS B 291 -20.62 -29.27 -24.07
N ARG B 292 -20.92 -29.77 -25.25
CA ARG B 292 -22.02 -30.69 -25.44
C ARG B 292 -21.73 -31.98 -24.69
N LEU B 293 -22.57 -32.27 -23.70
CA LEU B 293 -22.40 -33.44 -22.85
C LEU B 293 -23.57 -34.37 -23.10
N LYS B 294 -23.26 -35.64 -23.33
CA LYS B 294 -24.24 -36.67 -23.62
C LYS B 294 -24.14 -37.79 -22.59
N MET B 295 -25.27 -38.10 -21.97
CA MET B 295 -25.48 -39.35 -21.26
C MET B 295 -25.84 -40.48 -22.22
N ASP B 296 -24.92 -40.83 -23.11
CA ASP B 296 -25.16 -41.96 -24.00
C ASP B 296 -25.23 -43.26 -23.21
N LYS B 297 -24.22 -43.52 -22.39
CA LYS B 297 -24.06 -44.80 -21.72
C LYS B 297 -23.51 -44.59 -20.31
N LEU B 298 -24.39 -44.53 -19.33
CA LEU B 298 -24.00 -44.46 -17.93
C LEU B 298 -24.85 -45.41 -17.11
N ARG B 299 -24.27 -46.54 -16.73
CA ARG B 299 -24.99 -47.51 -15.91
C ARG B 299 -24.74 -47.18 -14.43
N LEU B 300 -25.77 -47.34 -13.62
CA LEU B 300 -25.73 -46.78 -12.27
C LEU B 300 -25.04 -47.68 -11.26
N LYS B 301 -24.64 -48.88 -11.68
CA LYS B 301 -23.80 -49.76 -10.86
C LYS B 301 -24.41 -50.03 -9.50
N GLY B 302 -25.51 -50.79 -9.46
CA GLY B 302 -26.03 -51.22 -8.17
C GLY B 302 -27.46 -50.82 -7.87
N VAL B 303 -28.26 -50.62 -8.91
CA VAL B 303 -29.69 -50.44 -8.70
C VAL B 303 -30.28 -51.69 -8.05
N SER B 304 -29.67 -52.85 -8.28
CA SER B 304 -30.14 -54.09 -7.68
C SER B 304 -29.55 -54.31 -6.28
N TYR B 305 -28.57 -53.49 -5.90
CA TYR B 305 -27.88 -53.66 -4.63
C TYR B 305 -28.86 -53.51 -3.48
N SER B 306 -28.69 -54.37 -2.46
CA SER B 306 -29.59 -54.41 -1.33
C SER B 306 -29.32 -53.25 -0.37
N LEU B 307 -30.28 -52.98 0.51
CA LEU B 307 -30.13 -51.96 1.53
C LEU B 307 -29.71 -52.56 2.86
N CYS B 308 -28.44 -52.91 2.98
CA CYS B 308 -27.93 -53.61 4.15
C CYS B 308 -28.29 -52.88 5.44
N THR B 309 -28.85 -53.65 6.37
CA THR B 309 -29.51 -53.08 7.53
C THR B 309 -28.52 -52.99 8.69
N ALA B 310 -27.47 -52.20 8.49
CA ALA B 310 -26.62 -51.78 9.60
C ALA B 310 -27.08 -50.39 10.02
N ALA B 311 -26.86 -50.05 11.29
CA ALA B 311 -27.16 -48.72 11.78
C ALA B 311 -26.11 -47.74 11.26
N PHE B 312 -26.57 -46.62 10.71
CA PHE B 312 -25.69 -45.62 10.13
C PHE B 312 -25.49 -44.48 11.12
N THR B 313 -24.31 -43.85 11.11
CA THR B 313 -24.04 -42.76 12.01
C THR B 313 -23.41 -41.59 11.26
N PHE B 314 -23.90 -40.39 11.52
CA PHE B 314 -23.25 -39.21 11.00
C PHE B 314 -21.80 -39.17 11.47
N THR B 315 -20.99 -38.34 10.82
CA THR B 315 -19.78 -37.89 11.51
C THR B 315 -19.67 -36.38 11.58
N LYS B 316 -19.92 -35.70 10.46
CA LYS B 316 -19.71 -34.27 10.41
C LYS B 316 -21.00 -33.52 10.07
N ILE B 317 -21.81 -33.28 11.10
CA ILE B 317 -22.52 -32.01 11.27
C ILE B 317 -22.86 -31.42 9.91
N PRO B 318 -23.82 -31.98 9.19
CA PRO B 318 -23.94 -31.69 7.76
C PRO B 318 -24.37 -30.26 7.48
N ALA B 319 -23.40 -29.35 7.42
CA ALA B 319 -23.61 -27.96 7.02
C ALA B 319 -24.01 -27.89 5.55
N GLU B 320 -24.62 -26.77 5.17
CA GLU B 320 -25.18 -26.61 3.83
C GLU B 320 -24.33 -25.64 3.01
N THR B 321 -24.54 -25.64 1.69
CA THR B 321 -23.86 -24.72 0.79
C THR B 321 -24.72 -23.48 0.51
N LEU B 322 -24.12 -22.51 -0.18
CA LEU B 322 -24.84 -21.34 -0.63
C LEU B 322 -25.97 -21.70 -1.58
N HIS B 323 -25.82 -22.81 -2.29
CA HIS B 323 -26.84 -23.30 -3.20
C HIS B 323 -27.95 -24.02 -2.45
N GLY B 324 -27.93 -23.93 -1.12
CA GLY B 324 -29.03 -24.43 -0.34
C GLY B 324 -28.88 -25.88 0.05
N THR B 325 -28.23 -26.67 -0.79
CA THR B 325 -28.07 -28.09 -0.51
C THR B 325 -27.09 -28.30 0.63
N VAL B 326 -27.08 -29.52 1.14
CA VAL B 326 -26.36 -29.90 2.36
C VAL B 326 -25.72 -31.25 2.15
N THR B 327 -24.44 -31.36 2.49
CA THR B 327 -23.69 -32.59 2.33
C THR B 327 -23.42 -33.22 3.69
N VAL B 328 -23.51 -34.54 3.74
CA VAL B 328 -23.28 -35.30 4.96
C VAL B 328 -22.32 -36.44 4.63
N GLU B 329 -21.43 -36.72 5.56
CA GLU B 329 -20.58 -37.90 5.47
C GLU B 329 -20.99 -38.86 6.58
N VAL B 330 -21.59 -39.98 6.18
CA VAL B 330 -22.14 -40.94 7.12
C VAL B 330 -21.28 -42.19 7.12
N GLN B 331 -20.79 -42.55 8.30
CA GLN B 331 -20.01 -43.76 8.45
C GLN B 331 -20.83 -44.88 9.05
N TYR B 332 -20.49 -46.11 8.66
CA TYR B 332 -21.07 -47.28 9.30
C TYR B 332 -20.24 -48.51 8.94
N ALA B 333 -19.93 -49.29 9.98
CA ALA B 333 -19.70 -50.72 9.87
C ALA B 333 -21.02 -51.44 10.14
N GLY B 334 -20.93 -52.74 10.43
CA GLY B 334 -22.09 -53.49 10.84
C GLY B 334 -22.58 -54.45 9.78
N THR B 335 -22.35 -54.12 8.52
CA THR B 335 -22.64 -55.02 7.42
C THR B 335 -21.54 -54.94 6.37
N ASP B 336 -21.74 -55.64 5.27
CA ASP B 336 -20.66 -55.84 4.32
C ASP B 336 -21.13 -55.68 2.88
N GLY B 337 -20.21 -55.76 1.93
CA GLY B 337 -20.56 -55.91 0.54
C GLY B 337 -20.85 -54.61 -0.18
N PRO B 338 -21.03 -54.71 -1.50
CA PRO B 338 -21.40 -53.53 -2.29
C PRO B 338 -22.83 -53.11 -2.00
N CYS B 339 -23.00 -52.32 -0.95
CA CYS B 339 -24.31 -51.97 -0.43
C CYS B 339 -24.94 -50.81 -1.19
N LYS B 340 -26.23 -50.92 -1.44
CA LYS B 340 -27.05 -49.74 -1.58
C LYS B 340 -27.52 -49.29 -0.21
N VAL B 341 -27.71 -48.00 -0.05
CA VAL B 341 -28.10 -47.45 1.25
C VAL B 341 -29.21 -46.42 1.03
N PRO B 342 -30.23 -46.40 1.87
CA PRO B 342 -31.30 -45.41 1.74
C PRO B 342 -30.87 -44.05 2.23
N ALA B 343 -31.44 -43.01 1.64
CA ALA B 343 -31.22 -41.65 2.10
C ALA B 343 -32.35 -40.76 1.62
N GLN B 344 -33.27 -40.42 2.51
CA GLN B 344 -34.37 -39.55 2.12
C GLN B 344 -34.53 -38.47 3.19
N MET B 345 -35.60 -37.70 3.08
CA MET B 345 -35.92 -36.72 4.11
C MET B 345 -37.42 -36.49 4.12
N ALA B 346 -37.89 -35.90 5.21
CA ALA B 346 -39.31 -35.81 5.51
C ALA B 346 -39.59 -34.59 6.40
N VAL B 347 -40.87 -34.34 6.61
CA VAL B 347 -41.32 -33.44 7.67
C VAL B 347 -41.91 -34.22 8.83
N ASP B 348 -42.44 -35.41 8.59
CA ASP B 348 -42.87 -36.31 9.65
C ASP B 348 -42.57 -37.76 9.27
N MET B 349 -42.34 -38.59 10.28
CA MET B 349 -42.22 -40.03 10.06
C MET B 349 -43.14 -40.78 11.01
N GLN B 350 -43.18 -42.12 10.90
CA GLN B 350 -44.39 -42.86 10.55
C GLN B 350 -44.98 -42.46 9.20
N THR B 351 -44.24 -41.71 8.40
CA THR B 351 -44.52 -41.62 6.97
C THR B 351 -43.24 -41.86 6.21
N LEU B 352 -42.20 -41.18 6.66
CA LEU B 352 -40.92 -40.99 5.99
C LEU B 352 -41.08 -40.24 4.67
N THR B 353 -42.33 -40.14 4.14
CA THR B 353 -42.83 -39.20 3.13
C THR B 353 -41.72 -38.64 2.26
N PRO B 354 -41.02 -39.48 1.49
CA PRO B 354 -39.77 -39.02 0.84
C PRO B 354 -39.99 -37.76 0.03
N VAL B 355 -39.34 -36.68 0.47
CA VAL B 355 -39.58 -35.37 -0.11
C VAL B 355 -38.24 -34.73 -0.42
N GLY B 356 -38.23 -33.75 -1.33
CA GLY B 356 -37.06 -32.93 -1.51
C GLY B 356 -36.11 -33.41 -2.59
N ARG B 357 -35.06 -32.62 -2.78
CA ARG B 357 -34.03 -32.88 -3.78
C ARG B 357 -33.07 -33.98 -3.31
N LEU B 358 -33.10 -35.11 -4.01
CA LEU B 358 -32.07 -36.11 -3.83
C LEU B 358 -30.98 -35.92 -4.88
N ILE B 359 -29.83 -35.41 -4.45
CA ILE B 359 -28.74 -35.18 -5.39
C ILE B 359 -27.95 -36.46 -5.61
N THR B 360 -27.32 -36.98 -4.57
CA THR B 360 -26.47 -38.15 -4.69
C THR B 360 -27.33 -39.40 -4.83
N ALA B 361 -27.84 -39.64 -6.04
CA ALA B 361 -28.62 -40.84 -6.30
C ALA B 361 -27.77 -42.09 -6.10
N ASN B 362 -28.45 -43.23 -5.94
CA ASN B 362 -27.86 -44.56 -5.71
C ASN B 362 -26.55 -44.49 -4.92
N PRO B 363 -26.58 -44.02 -3.68
CA PRO B 363 -25.35 -44.03 -2.88
C PRO B 363 -24.87 -45.46 -2.64
N VAL B 364 -23.61 -45.70 -3.01
CA VAL B 364 -23.03 -47.03 -3.01
C VAL B 364 -21.93 -47.13 -1.98
N ILE B 365 -21.88 -48.26 -1.26
CA ILE B 365 -20.79 -48.59 -0.35
C ILE B 365 -20.01 -49.75 -0.95
N THR B 366 -18.69 -49.73 -0.79
CA THR B 366 -17.83 -50.72 -1.44
C THR B 366 -17.74 -52.04 -0.70
N GLU B 367 -17.26 -52.04 0.54
CA GLU B 367 -16.74 -53.29 1.12
C GLU B 367 -17.14 -53.55 2.56
N SER B 368 -16.78 -54.75 3.03
CA SER B 368 -17.08 -55.26 4.35
C SER B 368 -16.45 -54.45 5.47
N THR B 369 -15.45 -53.63 5.12
CA THR B 369 -14.63 -52.92 6.09
C THR B 369 -15.47 -52.09 7.05
N GLU B 370 -14.82 -51.58 8.10
CA GLU B 370 -15.49 -50.88 9.19
C GLU B 370 -15.95 -49.52 8.69
N ASN B 371 -16.22 -48.60 9.61
CA ASN B 371 -17.22 -47.58 9.41
C ASN B 371 -16.87 -46.70 8.22
N SER B 372 -17.14 -47.24 7.03
CA SER B 372 -16.93 -46.52 5.79
C SER B 372 -17.77 -45.24 5.82
N LYS B 373 -17.24 -44.19 5.21
CA LYS B 373 -17.59 -42.83 5.58
C LYS B 373 -18.71 -42.25 4.72
N MET B 374 -18.99 -42.86 3.57
CA MET B 374 -20.14 -42.59 2.72
C MET B 374 -20.50 -41.10 2.64
N MET B 375 -19.66 -40.32 1.96
CA MET B 375 -20.00 -38.93 1.71
C MET B 375 -21.06 -38.84 0.62
N LEU B 376 -21.98 -37.87 0.78
CA LEU B 376 -23.04 -37.60 -0.18
C LEU B 376 -23.72 -36.30 0.19
N GLU B 377 -24.79 -35.94 -0.52
CA GLU B 377 -25.56 -34.76 -0.15
C GLU B 377 -27.01 -34.91 -0.57
N LEU B 378 -27.86 -34.06 0.02
CA LEU B 378 -29.25 -33.88 -0.40
C LEU B 378 -29.58 -32.41 -0.25
N ASP B 379 -30.76 -32.01 -0.74
CA ASP B 379 -31.22 -30.63 -0.64
C ASP B 379 -32.64 -30.59 -0.09
N PRO B 380 -32.86 -29.87 1.00
CA PRO B 380 -34.16 -29.89 1.67
C PRO B 380 -35.07 -28.81 1.13
N PRO B 381 -36.37 -28.91 1.40
CA PRO B 381 -37.30 -27.83 1.07
C PRO B 381 -37.11 -26.64 1.99
N PHE B 382 -37.93 -25.61 1.75
CA PHE B 382 -37.74 -24.31 2.37
C PHE B 382 -37.92 -24.32 3.88
N GLY B 383 -38.53 -25.35 4.45
CA GLY B 383 -38.83 -25.37 5.87
C GLY B 383 -37.90 -26.23 6.70
N ASP B 384 -38.40 -26.68 7.85
CA ASP B 384 -37.67 -27.54 8.77
C ASP B 384 -37.34 -28.86 8.11
N SER B 385 -36.22 -29.48 8.46
CA SER B 385 -36.10 -30.76 7.76
C SER B 385 -35.91 -31.91 8.73
N TYR B 386 -36.16 -33.12 8.23
CA TYR B 386 -35.83 -34.36 8.89
C TYR B 386 -35.13 -35.27 7.89
N ILE B 387 -33.82 -35.18 7.84
CA ILE B 387 -33.02 -36.05 6.99
C ILE B 387 -32.91 -37.42 7.65
N VAL B 388 -33.32 -38.46 6.92
CA VAL B 388 -33.38 -39.83 7.41
C VAL B 388 -32.44 -40.66 6.57
N ILE B 389 -31.68 -41.54 7.22
CA ILE B 389 -30.61 -42.25 6.53
C ILE B 389 -30.77 -43.76 6.57
N GLY B 390 -30.71 -44.37 7.76
CA GLY B 390 -30.26 -45.75 7.81
C GLY B 390 -31.15 -46.78 7.13
N VAL B 391 -32.18 -47.29 7.81
CA VAL B 391 -33.30 -47.91 7.12
C VAL B 391 -34.60 -47.55 7.81
N GLY B 392 -34.81 -48.18 8.97
CA GLY B 392 -36.04 -48.15 9.73
C GLY B 392 -35.85 -47.68 11.15
N GLU B 393 -35.85 -48.63 12.08
CA GLU B 393 -35.79 -48.34 13.52
C GLU B 393 -34.38 -47.99 13.98
N LYS B 394 -33.37 -48.76 13.59
CA LYS B 394 -31.98 -48.39 13.85
C LYS B 394 -31.43 -47.57 12.68
N LYS B 395 -32.19 -46.54 12.33
CA LYS B 395 -31.74 -45.57 11.34
C LYS B 395 -31.04 -44.45 12.08
N ILE B 396 -30.80 -43.36 11.36
CA ILE B 396 -30.41 -42.13 12.02
C ILE B 396 -31.08 -40.96 11.30
N THR B 397 -31.70 -40.09 12.08
CA THR B 397 -32.38 -38.92 11.54
C THR B 397 -31.71 -37.66 12.06
N HIS B 398 -32.11 -36.52 11.51
CA HIS B 398 -31.51 -35.26 11.89
C HIS B 398 -32.38 -34.11 11.41
N HIS B 399 -32.54 -33.11 12.27
CA HIS B 399 -33.09 -31.83 11.86
C HIS B 399 -32.23 -31.21 10.77
N TRP B 400 -32.88 -30.67 9.74
CA TRP B 400 -32.20 -29.56 9.07
C TRP B 400 -32.98 -28.26 9.18
N HIS B 401 -34.04 -28.03 8.41
CA HIS B 401 -34.52 -26.66 8.22
C HIS B 401 -33.55 -25.83 7.39
N ARG B 402 -33.55 -26.13 6.09
CA ARG B 402 -32.86 -25.32 5.07
C ARG B 402 -32.87 -23.83 5.39
N SER B 403 -34.04 -23.29 5.70
CA SER B 403 -34.27 -21.86 5.89
C SER B 403 -34.01 -21.06 4.61
N GLY B 404 -34.41 -21.58 3.47
CA GLY B 404 -34.35 -20.86 2.21
C GLY B 404 -35.64 -20.99 1.42
N SER B 405 -36.34 -19.87 1.30
CA SER B 405 -37.71 -19.87 0.79
C SER B 405 -37.73 -20.07 -0.73
N THR B 406 -38.88 -20.54 -1.22
CA THR B 406 -39.00 -20.90 -2.62
C THR B 406 -38.82 -19.69 -3.53
N ILE B 407 -39.45 -18.56 -3.20
CA ILE B 407 -39.21 -17.33 -3.93
C ILE B 407 -37.77 -16.90 -3.77
N GLY B 408 -37.18 -17.13 -2.60
CA GLY B 408 -35.75 -16.90 -2.44
C GLY B 408 -34.93 -17.72 -3.42
N LYS B 409 -35.32 -18.98 -3.64
CA LYS B 409 -34.64 -19.79 -4.63
C LYS B 409 -34.65 -19.13 -6.00
N ALA B 410 -35.81 -18.60 -6.40
CA ALA B 410 -35.87 -17.86 -7.66
C ALA B 410 -34.97 -16.65 -7.63
N PHE B 411 -34.91 -15.95 -6.49
CA PHE B 411 -33.96 -14.84 -6.37
C PHE B 411 -32.54 -15.28 -6.68
N GLU B 412 -32.03 -16.29 -5.96
CA GLU B 412 -30.65 -16.70 -6.17
C GLU B 412 -30.45 -17.19 -7.60
N ALA B 413 -31.40 -17.96 -8.12
CA ALA B 413 -31.25 -18.49 -9.47
C ALA B 413 -31.22 -17.38 -10.50
N THR B 414 -32.06 -16.35 -10.36
CA THR B 414 -32.11 -15.32 -11.38
C THR B 414 -30.92 -14.38 -11.28
N VAL B 415 -30.42 -14.12 -10.07
CA VAL B 415 -29.24 -13.27 -9.99
C VAL B 415 -28.01 -14.02 -10.48
N ARG B 416 -27.95 -15.33 -10.23
CA ARG B 416 -26.88 -16.13 -10.80
C ARG B 416 -26.97 -16.15 -12.32
N GLY B 417 -28.15 -16.44 -12.86
CA GLY B 417 -28.34 -16.41 -14.29
C GLY B 417 -28.03 -15.06 -14.90
N ALA B 418 -28.29 -13.98 -14.15
CA ALA B 418 -27.99 -12.66 -14.68
C ALA B 418 -26.50 -12.41 -14.71
N LYS B 419 -25.78 -12.87 -13.69
CA LYS B 419 -24.34 -12.72 -13.73
C LYS B 419 -23.72 -13.55 -14.85
N ARG B 420 -24.29 -14.73 -15.11
CA ARG B 420 -23.91 -15.49 -16.31
C ARG B 420 -24.22 -14.70 -17.58
N MET B 421 -25.45 -14.21 -17.69
CA MET B 421 -25.90 -13.34 -18.77
C MET B 421 -24.91 -12.25 -19.07
N ALA B 422 -24.25 -11.73 -18.03
CA ALA B 422 -23.27 -10.68 -18.20
C ALA B 422 -21.93 -11.24 -18.67
N VAL B 423 -21.29 -12.08 -17.86
CA VAL B 423 -19.89 -12.40 -18.11
C VAL B 423 -19.75 -13.33 -19.31
N LEU B 424 -20.67 -14.27 -19.46
CA LEU B 424 -20.58 -15.19 -20.60
C LEU B 424 -21.27 -14.62 -21.83
N GLY B 425 -22.07 -13.58 -21.66
CA GLY B 425 -22.73 -12.96 -22.79
C GLY B 425 -23.60 -13.95 -23.54
N ASP B 426 -23.28 -14.14 -24.82
CA ASP B 426 -23.96 -15.14 -25.63
C ASP B 426 -23.86 -16.52 -25.02
N THR B 427 -22.69 -16.90 -24.53
CA THR B 427 -22.48 -18.24 -24.03
C THR B 427 -23.34 -18.54 -22.80
N ALA B 428 -23.87 -17.51 -22.12
CA ALA B 428 -24.80 -17.76 -21.02
C ALA B 428 -26.03 -18.50 -21.50
N TRP B 429 -26.41 -18.33 -22.76
CA TRP B 429 -27.41 -19.19 -23.35
C TRP B 429 -26.93 -20.63 -23.45
N ASP B 430 -27.77 -21.53 -23.98
CA ASP B 430 -27.61 -22.97 -23.97
C ASP B 430 -26.95 -23.48 -22.68
N PHE B 431 -27.11 -22.78 -21.56
CA PHE B 431 -26.52 -23.26 -20.32
C PHE B 431 -27.37 -24.37 -19.73
N GLY B 432 -28.62 -24.07 -19.40
CA GLY B 432 -29.64 -25.10 -19.40
C GLY B 432 -29.98 -25.44 -20.83
N SER B 433 -29.53 -26.59 -21.29
CA SER B 433 -29.39 -26.81 -22.72
C SER B 433 -30.34 -27.90 -23.21
N VAL B 434 -31.46 -27.45 -23.78
CA VAL B 434 -32.23 -28.27 -24.71
C VAL B 434 -32.26 -27.50 -26.03
N GLY B 435 -32.36 -28.22 -27.13
CA GLY B 435 -32.29 -27.58 -28.43
C GLY B 435 -33.58 -26.90 -28.81
N GLY B 436 -34.28 -26.35 -27.83
CA GLY B 436 -35.56 -25.72 -28.05
C GLY B 436 -35.46 -24.51 -28.95
N ALA B 437 -36.60 -24.15 -29.53
CA ALA B 437 -36.68 -23.03 -30.46
C ALA B 437 -36.26 -21.72 -29.82
N LEU B 438 -36.88 -21.35 -28.71
CA LEU B 438 -36.59 -20.08 -28.06
C LEU B 438 -35.17 -20.05 -27.51
N ASN B 439 -34.56 -21.22 -27.29
CA ASN B 439 -33.16 -21.25 -26.90
C ASN B 439 -32.26 -20.74 -28.02
N SER B 440 -32.41 -21.30 -29.22
CA SER B 440 -31.66 -20.78 -30.35
C SER B 440 -32.06 -19.34 -30.65
N LEU B 441 -33.30 -18.98 -30.34
CA LEU B 441 -33.72 -17.58 -30.51
C LEU B 441 -32.94 -16.66 -29.58
N GLY B 442 -32.81 -17.05 -28.31
CA GLY B 442 -32.02 -16.25 -27.38
C GLY B 442 -30.56 -16.21 -27.78
N LYS B 443 -29.99 -17.36 -28.14
CA LYS B 443 -28.63 -17.39 -28.67
C LYS B 443 -28.45 -16.40 -29.80
N GLY B 444 -29.35 -16.41 -30.78
CA GLY B 444 -29.19 -15.54 -31.93
C GLY B 444 -29.41 -14.09 -31.60
N ILE B 445 -30.45 -13.77 -30.82
CA ILE B 445 -30.71 -12.38 -30.52
C ILE B 445 -29.56 -11.79 -29.73
N HIS B 446 -29.05 -12.53 -28.75
CA HIS B 446 -27.85 -12.07 -28.07
C HIS B 446 -26.67 -12.03 -29.03
N GLN B 447 -26.57 -12.96 -29.96
CA GLN B 447 -25.46 -12.93 -30.91
C GLN B 447 -25.40 -11.58 -31.62
N ILE B 448 -26.44 -11.25 -32.38
CA ILE B 448 -26.41 -10.01 -33.14
C ILE B 448 -26.40 -8.81 -32.20
N PHE B 449 -27.26 -8.78 -31.18
CA PHE B 449 -27.38 -7.60 -30.35
C PHE B 449 -26.11 -7.33 -29.57
N GLY B 450 -25.55 -8.34 -28.91
CA GLY B 450 -24.36 -8.14 -28.12
C GLY B 450 -23.11 -7.98 -28.95
N ALA B 451 -23.08 -8.56 -30.15
CA ALA B 451 -21.97 -8.27 -31.05
C ALA B 451 -21.98 -6.80 -31.44
N ALA B 452 -23.17 -6.27 -31.76
CA ALA B 452 -23.29 -4.84 -31.98
C ALA B 452 -22.93 -4.06 -30.73
N PHE B 453 -23.27 -4.58 -29.55
CA PHE B 453 -22.93 -3.88 -28.31
C PHE B 453 -21.42 -3.78 -28.15
N LYS B 454 -20.71 -4.87 -28.43
CA LYS B 454 -19.26 -4.82 -28.55
C LYS B 454 -18.80 -3.75 -29.53
N SER B 455 -19.11 -3.93 -30.81
CA SER B 455 -18.50 -3.10 -31.85
C SER B 455 -18.86 -1.64 -31.68
N LEU B 456 -20.05 -1.35 -31.15
CA LEU B 456 -20.45 0.02 -30.86
C LEU B 456 -19.80 0.55 -29.60
N PHE B 457 -20.13 -0.05 -28.46
CA PHE B 457 -19.55 0.34 -27.17
C PHE B 457 -18.29 -0.46 -26.90
N GLY B 458 -17.27 -0.24 -27.73
CA GLY B 458 -16.04 -1.01 -27.68
C GLY B 458 -15.30 -0.90 -26.36
N GLY B 459 -15.24 -2.02 -25.63
CA GLY B 459 -14.47 -2.12 -24.40
C GLY B 459 -14.68 -0.97 -23.44
N MET B 460 -15.92 -0.66 -23.11
CA MET B 460 -16.23 0.47 -22.24
C MET B 460 -15.71 0.18 -20.83
N SER B 461 -14.95 1.11 -20.29
CA SER B 461 -14.31 0.94 -18.99
C SER B 461 -15.34 0.94 -17.88
N TRP B 462 -14.83 0.78 -16.66
CA TRP B 462 -15.66 0.90 -15.48
C TRP B 462 -16.31 2.28 -15.42
N PHE B 463 -15.50 3.30 -15.19
CA PHE B 463 -16.01 4.66 -15.10
C PHE B 463 -16.78 5.09 -16.33
N SER B 464 -16.24 4.79 -17.51
CA SER B 464 -16.93 5.14 -18.75
C SER B 464 -18.35 4.60 -18.73
N GLN B 465 -18.50 3.28 -18.69
CA GLN B 465 -19.81 2.66 -18.70
C GLN B 465 -20.69 3.17 -17.57
N ILE B 466 -20.10 3.50 -16.42
CA ILE B 466 -20.88 4.06 -15.32
C ILE B 466 -21.57 5.35 -15.76
N LEU B 467 -20.78 6.33 -16.20
CA LEU B 467 -21.40 7.62 -16.50
C LEU B 467 -22.28 7.51 -17.74
N ILE B 468 -21.92 6.63 -18.67
CA ILE B 468 -22.77 6.44 -19.83
C ILE B 468 -24.14 5.96 -19.40
N GLY B 469 -24.19 4.94 -18.53
CA GLY B 469 -25.48 4.50 -18.01
C GLY B 469 -26.23 5.62 -17.31
N THR B 470 -25.51 6.42 -16.53
CA THR B 470 -26.19 7.50 -15.80
C THR B 470 -26.85 8.50 -16.75
N LEU B 471 -26.11 8.97 -17.74
CA LEU B 471 -26.69 9.97 -18.64
C LEU B 471 -27.75 9.35 -19.54
N LEU B 472 -27.59 8.08 -19.91
CA LEU B 472 -28.68 7.40 -20.60
C LEU B 472 -29.93 7.35 -19.73
N MET B 473 -29.78 7.21 -18.41
CA MET B 473 -30.95 7.25 -17.54
C MET B 473 -31.59 8.64 -17.58
N TRP B 474 -30.77 9.66 -17.32
CA TRP B 474 -31.23 11.05 -17.33
C TRP B 474 -31.95 11.39 -18.61
N LEU B 475 -31.55 10.77 -19.71
CA LEU B 475 -32.21 11.01 -20.99
C LEU B 475 -33.45 10.16 -21.14
N GLY B 476 -33.43 8.94 -20.61
CA GLY B 476 -34.59 8.08 -20.63
C GLY B 476 -35.80 8.68 -19.96
N LEU B 477 -35.59 9.64 -19.04
CA LEU B 477 -36.76 10.34 -18.53
C LEU B 477 -37.15 11.53 -19.40
N ASN B 478 -36.21 12.12 -20.14
CA ASN B 478 -36.41 13.44 -20.74
C ASN B 478 -37.22 13.37 -22.04
N THR B 479 -36.86 12.44 -22.94
CA THR B 479 -37.33 12.52 -24.32
C THR B 479 -38.81 12.14 -24.36
N LYS B 480 -39.49 12.56 -25.43
CA LYS B 480 -40.89 12.21 -25.68
C LYS B 480 -40.94 10.77 -26.17
N ASN B 481 -42.10 10.38 -26.72
CA ASN B 481 -42.20 9.24 -27.62
C ASN B 481 -41.43 8.01 -27.12
N GLY B 482 -41.89 7.48 -25.99
CA GLY B 482 -41.17 6.50 -25.18
C GLY B 482 -40.40 5.48 -26.00
N SER B 483 -40.92 5.15 -27.18
CA SER B 483 -40.30 4.20 -28.11
C SER B 483 -38.78 4.28 -28.12
N ILE B 484 -38.21 5.49 -28.20
CA ILE B 484 -36.75 5.60 -28.20
C ILE B 484 -36.22 5.92 -26.81
N SER B 485 -36.95 6.71 -26.02
CA SER B 485 -36.48 6.97 -24.66
C SER B 485 -36.50 5.69 -23.82
N LEU B 486 -37.42 4.78 -24.11
CA LEU B 486 -37.36 3.46 -23.48
C LEU B 486 -36.12 2.70 -23.93
N MET B 487 -35.69 2.91 -25.18
CA MET B 487 -34.45 2.30 -25.63
C MET B 487 -33.25 2.91 -24.94
N CYS B 488 -33.34 4.20 -24.60
CA CYS B 488 -32.33 4.82 -23.75
C CYS B 488 -32.28 4.18 -22.38
N LEU B 489 -33.45 4.07 -21.73
CA LEU B 489 -33.54 3.37 -20.46
C LEU B 489 -32.97 1.96 -20.56
N ALA B 490 -33.25 1.27 -21.65
CA ALA B 490 -32.77 -0.10 -21.82
C ALA B 490 -31.25 -0.16 -21.89
N LEU B 491 -30.64 0.59 -22.80
CA LEU B 491 -29.19 0.57 -22.89
C LEU B 491 -28.53 1.06 -21.61
N GLY B 492 -29.10 2.09 -20.97
CA GLY B 492 -28.54 2.57 -19.72
C GLY B 492 -28.57 1.51 -18.63
N GLY B 493 -29.68 0.79 -18.52
CA GLY B 493 -29.77 -0.27 -17.54
C GLY B 493 -28.83 -1.42 -17.85
N VAL B 494 -28.68 -1.75 -19.13
CA VAL B 494 -27.67 -2.73 -19.54
C VAL B 494 -26.29 -2.30 -19.07
N LEU B 495 -25.95 -1.02 -19.28
CA LEU B 495 -24.63 -0.54 -18.89
C LEU B 495 -24.45 -0.60 -17.38
N ILE B 496 -25.46 -0.16 -16.63
CA ILE B 496 -25.33 -0.16 -15.18
C ILE B 496 -25.23 -1.58 -14.66
N PHE B 497 -26.01 -2.50 -15.20
CA PHE B 497 -25.88 -3.89 -14.78
C PHE B 497 -24.50 -4.44 -15.13
N LEU B 498 -23.96 -4.08 -16.29
CA LEU B 498 -22.59 -4.44 -16.58
C LEU B 498 -21.63 -3.87 -15.54
N SER B 499 -21.95 -2.71 -14.98
CA SER B 499 -21.13 -2.17 -13.90
C SER B 499 -21.44 -2.85 -12.57
N THR B 500 -22.48 -3.66 -12.50
CA THR B 500 -22.67 -4.48 -11.31
C THR B 500 -21.92 -5.79 -11.40
N ALA B 501 -20.79 -5.81 -12.11
CA ALA B 501 -20.12 -7.05 -12.47
C ALA B 501 -19.47 -7.71 -11.27
N VAL B 502 -18.69 -8.77 -11.51
CA VAL B 502 -18.04 -9.53 -10.45
C VAL B 502 -17.20 -8.63 -9.55
N SER B 503 -16.82 -7.46 -10.06
CA SER B 503 -15.99 -6.48 -9.35
C SER B 503 -16.45 -6.27 -7.91
N ALA B 504 -17.76 -6.39 -7.67
CA ALA B 504 -18.29 -6.27 -6.31
C ALA B 504 -18.12 -7.57 -5.52
N ALA C 1 -1.15 1.48 -7.36
CA ALA C 1 -0.14 2.54 -7.31
C ALA C 1 -0.34 3.54 -8.42
N VAL C 2 -1.50 4.19 -8.42
CA VAL C 2 -1.76 5.27 -9.35
C VAL C 2 -0.90 6.47 -9.00
N THR C 3 0.11 6.76 -9.81
CA THR C 3 0.92 7.95 -9.60
C THR C 3 0.13 9.19 -10.01
N LEU C 4 -0.89 9.48 -9.21
CA LEU C 4 -1.98 10.38 -9.56
C LEU C 4 -1.51 11.72 -10.11
N PRO C 5 -0.72 12.48 -9.36
CA PRO C 5 -0.62 13.90 -9.66
C PRO C 5 0.23 14.22 -10.88
N SER C 6 -0.36 14.27 -12.05
CA SER C 6 0.34 14.83 -13.20
C SER C 6 0.66 16.28 -12.92
N HIS C 7 1.94 16.56 -12.64
CA HIS C 7 2.37 17.83 -12.08
C HIS C 7 2.04 19.03 -12.95
N SER C 8 1.77 18.82 -14.24
CA SER C 8 1.37 19.92 -15.09
C SER C 8 0.22 20.72 -14.48
N THR C 9 -0.59 20.08 -13.64
CA THR C 9 -1.63 20.79 -12.92
C THR C 9 -1.03 21.72 -11.87
N ARG C 10 0.28 21.74 -11.75
CA ARG C 10 0.98 22.67 -10.86
C ARG C 10 2.18 23.26 -11.58
N LYS C 11 1.93 23.70 -12.81
CA LYS C 11 2.97 24.26 -13.65
C LYS C 11 3.68 25.39 -12.94
N LEU C 12 4.96 25.56 -13.28
CA LEU C 12 5.69 26.76 -12.91
C LEU C 12 5.86 27.62 -14.15
N GLN C 13 5.16 28.74 -14.19
CA GLN C 13 5.19 29.62 -15.35
C GLN C 13 6.49 30.42 -15.42
N THR C 14 7.62 29.72 -15.44
CA THR C 14 8.92 30.35 -15.30
C THR C 14 9.75 30.14 -16.56
N ARG C 15 10.61 31.13 -16.84
CA ARG C 15 11.24 31.27 -18.16
C ARG C 15 11.99 30.03 -18.63
N SER C 16 12.63 29.27 -17.75
CA SER C 16 13.36 28.12 -18.25
C SER C 16 12.39 27.01 -18.60
N GLN C 17 12.76 26.22 -19.59
CA GLN C 17 11.86 25.19 -20.09
C GLN C 17 11.65 24.11 -19.04
N THR C 18 10.39 23.70 -18.89
CA THR C 18 9.96 22.81 -17.81
C THR C 18 10.37 21.37 -18.12
N TRP C 19 9.83 20.38 -17.40
CA TRP C 19 10.45 19.06 -17.46
C TRP C 19 10.27 18.41 -18.82
N LEU C 20 9.04 18.10 -19.22
CA LEU C 20 8.84 17.31 -20.44
C LEU C 20 7.81 17.94 -21.37
N GLU C 21 7.72 19.26 -21.39
CA GLU C 21 6.67 19.94 -22.16
C GLU C 21 6.64 19.47 -23.60
N SER C 22 7.81 19.10 -24.15
CA SER C 22 7.93 18.79 -25.57
C SER C 22 6.85 17.82 -26.01
N ARG C 23 6.73 16.70 -25.31
CA ARG C 23 5.65 15.77 -25.60
C ARG C 23 4.38 16.10 -24.85
N GLU C 24 4.46 16.90 -23.79
CA GLU C 24 3.28 17.15 -22.99
C GLU C 24 2.24 17.96 -23.74
N TYR C 25 2.64 19.02 -24.42
CA TYR C 25 1.61 19.83 -25.06
C TYR C 25 1.10 19.20 -26.35
N THR C 26 1.26 17.88 -26.46
CA THR C 26 0.57 17.06 -27.46
C THR C 26 0.02 15.77 -26.88
N LYS C 27 0.36 15.41 -25.65
CA LYS C 27 0.08 14.08 -25.15
C LYS C 27 -1.42 13.86 -24.95
N HIS C 28 -2.14 14.87 -24.47
CA HIS C 28 -3.57 14.68 -24.27
C HIS C 28 -4.30 14.59 -25.60
N LEU C 29 -3.84 15.34 -26.60
CA LEU C 29 -4.43 15.20 -27.93
C LEU C 29 -4.20 13.81 -28.48
N ILE C 30 -2.97 13.30 -28.38
CA ILE C 30 -2.76 11.94 -28.86
C ILE C 30 -3.55 10.95 -28.01
N ARG C 31 -3.75 11.24 -26.73
CA ARG C 31 -4.63 10.45 -25.88
C ARG C 31 -6.02 10.31 -26.47
N VAL C 32 -6.70 11.44 -26.62
CA VAL C 32 -8.08 11.40 -27.07
C VAL C 32 -8.17 10.81 -28.46
N GLU C 33 -7.21 11.13 -29.33
CA GLU C 33 -7.29 10.66 -30.71
C GLU C 33 -7.05 9.16 -30.80
N ASN C 34 -6.08 8.66 -30.05
CA ASN C 34 -5.88 7.22 -29.95
C ASN C 34 -7.12 6.53 -29.41
N TRP C 35 -7.68 7.05 -28.31
CA TRP C 35 -8.83 6.41 -27.70
C TRP C 35 -10.01 6.35 -28.65
N ILE C 36 -10.28 7.43 -29.38
CA ILE C 36 -11.40 7.42 -30.30
C ILE C 36 -11.11 6.58 -31.53
N PHE C 37 -9.86 6.54 -31.99
CA PHE C 37 -9.49 5.66 -33.09
C PHE C 37 -9.69 4.21 -32.70
N ARG C 38 -9.60 3.91 -31.40
CA ARG C 38 -9.85 2.54 -30.95
C ARG C 38 -11.33 2.27 -30.68
N ASN C 39 -12.10 3.27 -30.31
CA ASN C 39 -13.51 3.09 -29.99
C ASN C 39 -14.34 4.01 -30.87
N PRO C 40 -14.42 3.73 -32.17
CA PRO C 40 -15.05 4.68 -33.09
C PRO C 40 -16.53 4.91 -32.84
N GLY C 41 -17.37 3.86 -32.86
CA GLY C 41 -18.81 4.04 -32.75
C GLY C 41 -19.23 4.90 -31.57
N PHE C 42 -18.37 5.01 -30.57
CA PHE C 42 -18.63 5.97 -29.52
C PHE C 42 -18.83 7.37 -30.05
N ALA C 43 -18.32 7.65 -31.25
CA ALA C 43 -18.60 8.94 -31.88
C ALA C 43 -20.09 9.19 -31.98
N LEU C 44 -20.79 8.35 -32.75
CA LEU C 44 -22.23 8.55 -32.92
C LEU C 44 -22.97 8.29 -31.61
N ALA C 45 -22.39 7.50 -30.72
CA ALA C 45 -22.95 7.44 -29.37
C ALA C 45 -23.03 8.83 -28.75
N ALA C 46 -21.88 9.47 -28.59
CA ALA C 46 -21.84 10.83 -28.08
C ALA C 46 -22.73 11.76 -28.89
N ALA C 47 -22.83 11.53 -30.19
CA ALA C 47 -23.67 12.39 -31.03
C ALA C 47 -25.13 12.30 -30.61
N ALA C 48 -25.67 11.09 -30.58
CA ALA C 48 -27.06 10.92 -30.16
C ALA C 48 -27.26 11.42 -28.73
N ILE C 49 -26.24 11.31 -27.88
CA ILE C 49 -26.39 11.83 -26.53
C ILE C 49 -26.52 13.34 -26.54
N ALA C 50 -25.52 14.03 -27.07
CA ALA C 50 -25.49 15.49 -27.06
C ALA C 50 -26.66 16.10 -27.82
N TRP C 51 -26.98 15.58 -29.01
CA TRP C 51 -28.11 16.09 -29.77
C TRP C 51 -29.41 16.04 -28.98
N LEU C 52 -29.42 15.35 -27.85
CA LEU C 52 -30.58 15.30 -26.98
C LEU C 52 -30.46 16.20 -25.77
N LEU C 53 -29.37 16.95 -25.63
CA LEU C 53 -29.19 17.89 -24.54
C LEU C 53 -28.89 19.28 -25.08
N GLY C 54 -29.22 20.29 -24.29
CA GLY C 54 -28.93 21.65 -24.70
C GLY C 54 -30.01 22.22 -25.59
N SER C 55 -30.35 21.49 -26.65
CA SER C 55 -31.43 21.89 -27.55
C SER C 55 -31.19 23.29 -28.09
N SER C 56 -29.96 23.56 -28.53
CA SER C 56 -29.58 24.88 -28.99
C SER C 56 -28.96 24.89 -30.39
N THR C 57 -28.51 23.75 -30.91
CA THR C 57 -27.68 23.64 -32.10
C THR C 57 -26.35 24.35 -31.92
N SER C 58 -26.10 24.91 -30.73
CA SER C 58 -24.82 25.49 -30.38
C SER C 58 -24.25 24.88 -29.12
N GLN C 59 -25.08 24.59 -28.11
CA GLN C 59 -24.63 23.81 -26.98
C GLN C 59 -24.52 22.33 -27.32
N LYS C 60 -25.09 21.92 -28.44
CA LYS C 60 -24.99 20.53 -28.85
C LYS C 60 -23.54 20.10 -29.03
N VAL C 61 -22.78 20.88 -29.80
CA VAL C 61 -21.37 20.57 -29.95
C VAL C 61 -20.66 20.66 -28.60
N ILE C 62 -21.15 21.51 -27.70
CA ILE C 62 -20.53 21.62 -26.39
C ILE C 62 -20.69 20.33 -25.62
N TYR C 63 -21.87 19.72 -25.68
CA TYR C 63 -22.03 18.43 -25.02
C TYR C 63 -21.32 17.32 -25.77
N LEU C 64 -21.11 17.50 -27.08
CA LEU C 64 -20.26 16.58 -27.82
C LEU C 64 -18.84 16.59 -27.26
N VAL C 65 -18.33 17.79 -27.00
CA VAL C 65 -17.02 17.92 -26.36
C VAL C 65 -17.05 17.30 -24.98
N MET C 66 -18.10 17.62 -24.20
CA MET C 66 -18.32 16.94 -22.92
C MET C 66 -18.08 15.45 -23.01
N ILE C 67 -18.82 14.76 -23.87
CA ILE C 67 -18.78 13.31 -23.86
C ILE C 67 -17.44 12.81 -24.40
N LEU C 68 -17.04 13.30 -25.56
CA LEU C 68 -15.78 12.87 -26.15
C LEU C 68 -14.58 13.26 -25.30
N LEU C 69 -14.77 14.07 -24.27
CA LEU C 69 -13.66 14.42 -23.40
C LEU C 69 -13.80 13.89 -21.99
N ILE C 70 -14.91 13.25 -21.64
CA ILE C 70 -14.88 12.43 -20.43
C ILE C 70 -14.40 11.04 -20.80
N ALA C 71 -14.80 10.56 -21.97
CA ALA C 71 -14.49 9.18 -22.33
C ALA C 71 -13.01 8.81 -22.25
N PRO C 72 -12.08 9.54 -22.85
CA PRO C 72 -10.71 9.03 -22.93
C PRO C 72 -10.04 8.78 -21.58
N ALA C 73 -9.88 9.82 -20.78
CA ALA C 73 -8.99 9.74 -19.63
C ALA C 73 -9.62 8.99 -18.46
N TYR C 74 -10.75 9.46 -17.95
CA TYR C 74 -11.35 8.91 -16.75
C TYR C 74 -11.80 7.47 -16.92
N SER C 75 -11.69 6.92 -18.12
CA SER C 75 -12.06 5.54 -18.34
C SER C 75 -11.00 4.60 -17.78
N ILE D 1 -47.59 -32.44 40.00
CA ILE D 1 -46.20 -32.61 40.39
C ILE D 1 -45.30 -31.73 39.54
N ARG D 2 -44.31 -31.11 40.18
CA ARG D 2 -43.18 -30.49 39.50
C ARG D 2 -43.61 -29.26 38.72
N CYS D 3 -44.90 -29.02 38.58
CA CYS D 3 -45.38 -27.91 37.79
C CYS D 3 -46.47 -27.17 38.53
N ILE D 4 -46.50 -27.27 39.84
CA ILE D 4 -47.50 -26.61 40.68
C ILE D 4 -46.80 -25.51 41.46
N GLY D 5 -47.37 -24.30 41.41
CA GLY D 5 -46.68 -23.15 41.97
C GLY D 5 -45.56 -22.66 41.10
N VAL D 6 -45.60 -22.97 39.81
CA VAL D 6 -44.60 -22.51 38.86
C VAL D 6 -45.27 -21.66 37.79
N SER D 7 -46.22 -20.83 38.18
CA SER D 7 -47.11 -20.04 37.32
C SER D 7 -46.41 -19.47 36.11
N ASN D 8 -47.14 -19.34 34.99
CA ASN D 8 -46.65 -19.46 33.61
C ASN D 8 -46.64 -20.91 33.16
N ARG D 9 -47.23 -21.81 33.94
CA ARG D 9 -47.50 -23.14 33.44
C ARG D 9 -48.70 -23.11 32.51
N ASP D 10 -48.87 -24.16 31.72
CA ASP D 10 -50.09 -24.33 30.94
C ASP D 10 -50.54 -25.77 30.91
N PHE D 11 -51.81 -25.96 30.55
CA PHE D 11 -52.38 -27.27 30.27
C PHE D 11 -52.82 -27.33 28.82
N VAL D 12 -52.39 -28.37 28.12
CA VAL D 12 -52.77 -28.61 26.74
C VAL D 12 -53.28 -30.04 26.61
N GLU D 13 -54.33 -30.20 25.82
CA GLU D 13 -54.90 -31.52 25.56
C GLU D 13 -54.62 -31.86 24.10
N GLY D 14 -55.16 -32.98 23.64
CA GLY D 14 -55.00 -33.33 22.25
C GLY D 14 -56.21 -34.14 21.83
N MET D 15 -56.90 -33.68 20.80
CA MET D 15 -58.11 -34.35 20.36
C MET D 15 -57.81 -35.80 19.95
N SER D 16 -58.32 -36.76 20.73
CA SER D 16 -57.74 -38.10 20.73
C SER D 16 -57.81 -38.75 19.35
N GLY D 17 -56.87 -39.64 19.09
CA GLY D 17 -56.69 -40.18 17.76
C GLY D 17 -55.56 -39.47 17.05
N GLY D 18 -54.40 -40.12 16.97
CA GLY D 18 -53.23 -39.52 16.37
C GLY D 18 -52.51 -38.55 17.28
N THR D 19 -51.89 -39.04 18.34
CA THR D 19 -51.14 -38.22 19.28
C THR D 19 -50.19 -37.28 18.52
N TRP D 20 -50.46 -35.98 18.65
CA TRP D 20 -49.78 -34.98 17.82
C TRP D 20 -49.49 -33.75 18.65
N VAL D 21 -49.14 -33.93 19.93
CA VAL D 21 -49.08 -32.79 20.84
C VAL D 21 -47.72 -32.13 20.75
N ASP D 22 -47.59 -31.18 19.84
CA ASP D 22 -46.40 -30.38 19.71
C ASP D 22 -46.46 -29.22 20.70
N VAL D 23 -45.67 -29.32 21.76
CA VAL D 23 -45.68 -28.31 22.79
C VAL D 23 -44.58 -27.30 22.49
N VAL D 24 -44.77 -26.07 22.96
CA VAL D 24 -43.72 -25.07 22.95
C VAL D 24 -43.00 -25.16 24.28
N LEU D 25 -41.95 -25.97 24.30
CA LEU D 25 -41.21 -26.20 25.52
C LEU D 25 -40.58 -24.91 26.01
N GLU D 26 -40.64 -24.73 27.33
CA GLU D 26 -40.33 -23.47 27.98
C GLU D 26 -39.25 -23.69 29.02
N HIS D 27 -38.21 -22.88 28.95
CA HIS D 27 -37.18 -22.89 29.97
C HIS D 27 -37.50 -21.87 31.05
N GLY D 28 -38.74 -21.39 31.07
CA GLY D 28 -39.19 -20.47 32.09
C GLY D 28 -40.59 -20.76 32.58
N GLY D 29 -40.99 -22.02 32.59
CA GLY D 29 -42.33 -22.41 32.99
C GLY D 29 -42.56 -23.87 32.69
N CYS D 30 -43.70 -24.42 33.10
CA CYS D 30 -43.99 -25.82 32.81
C CYS D 30 -45.17 -25.94 31.86
N VAL D 31 -45.32 -27.12 31.27
CA VAL D 31 -46.50 -27.41 30.47
C VAL D 31 -46.96 -28.82 30.77
N THR D 32 -48.23 -28.94 31.14
CA THR D 32 -48.86 -30.22 31.45
C THR D 32 -49.81 -30.58 30.33
N VAL D 33 -49.62 -31.77 29.76
CA VAL D 33 -50.50 -32.32 28.75
C VAL D 33 -51.42 -33.33 29.42
N MET D 34 -52.69 -33.33 29.02
CA MET D 34 -53.64 -34.31 29.54
C MET D 34 -54.22 -35.09 28.36
N ALA D 35 -54.77 -36.26 28.69
CA ALA D 35 -55.47 -37.10 27.72
C ALA D 35 -56.44 -37.97 28.51
N GLN D 36 -57.54 -38.36 27.86
CA GLN D 36 -58.52 -39.23 28.51
C GLN D 36 -57.85 -40.53 28.95
N ASP D 37 -56.95 -41.02 28.11
CA ASP D 37 -56.03 -42.09 28.45
C ASP D 37 -54.68 -41.49 28.83
N LYS D 38 -53.66 -42.34 28.89
CA LYS D 38 -52.30 -41.86 28.75
C LYS D 38 -51.94 -40.93 29.90
N PRO D 39 -51.60 -41.48 31.07
CA PRO D 39 -51.54 -40.70 32.33
C PRO D 39 -50.96 -39.30 32.14
N THR D 40 -51.64 -38.32 32.72
CA THR D 40 -51.31 -36.92 32.49
C THR D 40 -49.83 -36.66 32.75
N VAL D 41 -49.22 -35.83 31.91
CA VAL D 41 -47.78 -35.71 31.85
C VAL D 41 -47.43 -34.24 32.01
N ASP D 42 -46.26 -33.96 32.59
CA ASP D 42 -45.75 -32.60 32.64
C ASP D 42 -44.40 -32.55 31.95
N ILE D 43 -43.96 -31.36 31.57
CA ILE D 43 -42.61 -31.17 31.07
C ILE D 43 -42.13 -29.77 31.44
N GLU D 44 -40.91 -29.72 31.97
CA GLU D 44 -40.28 -28.51 32.44
C GLU D 44 -38.83 -28.53 32.01
N LEU D 45 -38.38 -27.45 31.36
CA LEU D 45 -37.02 -27.37 30.85
C LEU D 45 -36.04 -26.94 31.92
N VAL D 46 -35.21 -27.86 32.39
CA VAL D 46 -34.33 -27.58 33.52
C VAL D 46 -33.30 -26.51 33.19
N THR D 47 -32.42 -26.79 32.23
CA THR D 47 -31.25 -25.96 31.97
C THR D 47 -31.02 -25.92 30.47
N THR D 48 -30.16 -25.01 30.01
CA THR D 48 -29.68 -25.05 28.64
C THR D 48 -28.16 -25.01 28.67
N THR D 49 -27.53 -25.87 27.90
CA THR D 49 -26.08 -26.02 28.02
C THR D 49 -25.43 -25.99 26.65
N VAL D 50 -24.21 -25.43 26.62
CA VAL D 50 -23.42 -25.34 25.40
C VAL D 50 -22.08 -26.01 25.69
N SER D 51 -21.69 -26.92 24.82
CA SER D 51 -20.48 -27.70 25.04
C SER D 51 -19.24 -26.96 24.52
N ASN D 52 -19.19 -26.69 23.23
CA ASN D 52 -18.00 -26.13 22.60
C ASN D 52 -18.24 -24.72 22.11
N MET D 53 -17.41 -23.80 22.61
CA MET D 53 -17.43 -22.41 22.16
C MET D 53 -16.06 -22.04 21.58
N ALA D 54 -16.08 -21.30 20.48
CA ALA D 54 -14.85 -20.89 19.82
C ALA D 54 -14.46 -19.48 20.25
N GLU D 55 -13.14 -19.24 20.25
CA GLU D 55 -12.55 -18.03 20.84
C GLU D 55 -12.40 -16.98 19.74
N VAL D 56 -13.47 -16.23 19.52
CA VAL D 56 -13.47 -15.10 18.58
C VAL D 56 -12.90 -13.91 19.33
N ARG D 57 -12.65 -12.80 18.62
CA ARG D 57 -12.00 -11.60 19.14
C ARG D 57 -12.34 -11.27 20.59
N SER D 58 -11.32 -10.91 21.36
CA SER D 58 -11.51 -10.47 22.73
C SER D 58 -11.36 -8.96 22.81
N TYR D 59 -11.71 -8.41 23.97
CA TYR D 59 -11.70 -6.97 24.16
C TYR D 59 -10.97 -6.63 25.44
N CYS D 60 -10.31 -5.48 25.45
CA CYS D 60 -9.66 -4.98 26.64
C CYS D 60 -10.28 -3.63 26.98
N TYR D 61 -10.67 -3.48 28.24
CA TYR D 61 -11.27 -2.26 28.74
C TYR D 61 -10.44 -1.65 29.87
N GLU D 62 -9.46 -2.39 30.36
CA GLU D 62 -8.54 -1.87 31.38
C GLU D 62 -7.14 -1.88 30.78
N ALA D 63 -6.65 -0.68 30.47
CA ALA D 63 -5.33 -0.53 29.87
C ALA D 63 -4.42 0.22 30.82
N SER D 64 -3.14 0.25 30.48
CA SER D 64 -2.15 0.97 31.26
C SER D 64 -1.11 1.52 30.30
N ILE D 65 -0.57 2.69 30.64
CA ILE D 65 0.36 3.39 29.76
C ILE D 65 1.65 3.63 30.50
N SER D 66 2.75 3.75 29.77
CA SER D 66 4.05 3.95 30.36
C SER D 66 4.97 4.58 29.31
N ASP D 67 6.23 4.80 29.70
CA ASP D 67 7.35 5.18 28.83
C ASP D 67 6.94 6.06 27.67
N MET D 68 6.32 7.20 27.97
CA MET D 68 5.72 8.05 26.96
C MET D 68 6.78 8.65 26.04
N ALA D 69 6.36 9.29 24.96
CA ALA D 69 7.29 9.81 23.96
C ALA D 69 6.63 10.85 23.08
N SER D 70 7.38 11.89 22.72
CA SER D 70 6.82 13.05 22.04
C SER D 70 7.46 13.27 20.68
N ASP D 71 8.81 13.34 20.65
CA ASP D 71 9.56 13.48 19.41
C ASP D 71 9.24 14.76 18.66
N SER D 72 9.60 15.91 19.22
CA SER D 72 9.36 17.19 18.58
C SER D 72 10.16 17.33 17.29
N ARG D 73 9.63 18.13 16.36
CA ARG D 73 10.30 18.43 15.12
C ARG D 73 10.00 19.87 14.69
N CYS D 74 10.99 20.51 14.09
CA CYS D 74 10.95 21.89 13.64
C CYS D 74 9.76 22.14 12.71
N PRO D 75 9.35 23.40 12.53
CA PRO D 75 8.21 23.68 11.64
C PRO D 75 8.42 23.17 10.23
N THR D 76 9.66 23.16 9.75
CA THR D 76 9.96 22.62 8.44
C THR D 76 11.21 21.75 8.49
N GLN D 77 11.03 20.47 8.81
CA GLN D 77 12.02 19.45 8.53
C GLN D 77 11.35 18.11 8.28
N GLY D 78 10.19 18.12 7.65
CA GLY D 78 9.34 16.96 7.61
C GLY D 78 8.36 17.00 8.78
N GLU D 79 8.06 15.82 9.30
CA GLU D 79 7.38 15.74 10.57
C GLU D 79 7.91 14.52 11.33
N ALA D 80 7.62 14.49 12.63
CA ALA D 80 8.29 13.64 13.61
C ALA D 80 8.33 12.17 13.20
N TYR D 81 9.44 11.52 13.54
CA TYR D 81 9.59 10.10 13.26
C TYR D 81 9.35 9.25 14.49
N LEU D 82 10.13 9.46 15.55
CA LEU D 82 9.93 8.72 16.80
C LEU D 82 10.02 7.22 16.58
N ASP D 83 11.23 6.69 16.45
CA ASP D 83 11.42 5.25 16.27
C ASP D 83 10.56 4.41 17.21
N LYS D 84 10.15 4.95 18.35
CA LYS D 84 9.19 4.25 19.21
C LYS D 84 7.97 3.77 18.44
N GLN D 85 7.34 4.69 17.70
CA GLN D 85 6.20 4.41 16.84
C GLN D 85 6.39 3.15 16.01
N SER D 86 7.65 2.82 15.70
CA SER D 86 7.95 1.60 14.94
C SER D 86 7.20 0.38 15.48
N ASP D 87 7.13 0.22 16.80
CA ASP D 87 6.46 -0.92 17.38
C ASP D 87 4.96 -0.69 17.47
N THR D 88 4.18 -1.77 17.44
CA THR D 88 2.74 -1.68 17.59
C THR D 88 2.29 -1.81 19.03
N GLN D 89 3.10 -2.42 19.90
CA GLN D 89 2.80 -2.42 21.31
C GLN D 89 2.64 -1.02 21.86
N TYR D 90 3.18 -0.02 21.17
CA TYR D 90 2.98 1.38 21.48
C TYR D 90 1.84 1.88 20.62
N VAL D 91 1.01 2.74 21.18
CA VAL D 91 0.01 3.47 20.42
C VAL D 91 0.48 4.91 20.30
N CYS D 92 0.40 5.44 19.08
CA CYS D 92 0.88 6.77 18.76
C CYS D 92 -0.06 7.53 17.86
N LYS D 93 -0.14 8.84 18.08
CA LYS D 93 -0.82 9.75 17.17
C LYS D 93 0.05 10.98 16.98
N ARG D 94 -0.07 11.54 15.78
CA ARG D 94 0.82 12.56 15.26
C ARG D 94 0.09 13.89 15.28
N THR D 95 0.67 14.91 15.91
CA THR D 95 -0.02 16.16 16.12
C THR D 95 0.87 17.35 15.77
N LEU D 96 0.25 18.31 15.11
CA LEU D 96 0.89 19.57 14.76
C LEU D 96 0.88 20.46 15.99
N VAL D 97 2.07 20.86 16.43
CA VAL D 97 2.24 21.63 17.66
C VAL D 97 2.93 22.94 17.31
N ASP D 98 2.75 23.96 18.14
CA ASP D 98 3.44 25.22 17.91
C ASP D 98 4.92 25.09 18.25
N ARG D 99 5.76 25.75 17.47
CA ARG D 99 7.19 25.78 17.68
C ARG D 99 7.69 27.19 17.39
N GLY D 100 8.17 27.86 18.42
CA GLY D 100 8.51 29.26 18.29
C GLY D 100 9.98 29.54 18.42
N TRP D 101 10.30 30.82 18.62
CA TRP D 101 11.67 31.17 18.94
C TRP D 101 11.99 30.83 20.38
N GLY D 102 13.27 30.83 20.73
CA GLY D 102 13.69 30.29 22.00
C GLY D 102 13.13 28.92 22.25
N ASN D 103 12.98 28.16 21.17
CA ASN D 103 12.45 26.82 21.22
C ASN D 103 13.26 25.88 20.35
N GLY D 104 14.51 26.25 20.09
CA GLY D 104 15.28 25.62 19.05
C GLY D 104 14.73 26.00 17.70
N CYS D 105 15.05 25.22 16.66
CA CYS D 105 14.33 25.33 15.41
C CYS D 105 14.41 26.75 14.84
N GLY D 106 15.59 27.12 14.34
CA GLY D 106 15.87 28.45 13.84
C GLY D 106 14.73 29.14 13.11
N LEU D 107 13.90 28.35 12.44
CA LEU D 107 12.65 28.83 11.85
C LEU D 107 11.66 29.07 12.98
N PHE D 108 10.38 29.20 12.65
CA PHE D 108 9.31 28.87 13.59
C PHE D 108 7.94 29.12 12.99
N GLY D 109 6.93 28.69 13.73
CA GLY D 109 5.58 28.50 13.22
C GLY D 109 5.05 27.16 13.69
N LYS D 110 4.09 26.62 12.95
CA LYS D 110 3.57 25.30 13.25
C LYS D 110 4.61 24.24 12.93
N GLY D 111 5.15 23.59 13.96
CA GLY D 111 5.90 22.37 13.79
C GLY D 111 5.02 21.18 14.10
N SER D 112 5.66 20.03 14.34
CA SER D 112 4.91 18.80 14.54
C SER D 112 5.71 17.82 15.40
N LEU D 113 4.97 17.02 16.17
CA LEU D 113 5.56 15.97 16.99
C LEU D 113 4.56 14.83 17.16
N VAL D 114 5.08 13.64 17.44
CA VAL D 114 4.24 12.46 17.54
C VAL D 114 4.25 11.94 18.97
N THR D 115 3.18 12.22 19.69
CA THR D 115 3.13 11.78 21.07
C THR D 115 2.68 10.34 21.10
N CYS D 116 3.31 9.53 21.95
CA CYS D 116 2.82 8.17 22.13
C CYS D 116 3.46 7.42 23.28
N ALA D 117 2.88 6.27 23.58
CA ALA D 117 3.28 5.49 24.74
C ALA D 117 2.90 4.03 24.57
N LYS D 118 3.42 3.20 25.46
CA LYS D 118 3.14 1.77 25.41
C LYS D 118 1.70 1.50 25.83
N PHE D 119 1.08 0.53 25.16
CA PHE D 119 -0.29 0.14 25.46
C PHE D 119 -0.27 -1.24 26.11
N ALA D 120 -0.11 -1.26 27.43
CA ALA D 120 -0.27 -2.48 28.18
C ALA D 120 -1.68 -2.49 28.76
N CYS D 121 -2.27 -3.68 28.83
CA CYS D 121 -3.67 -3.77 29.21
C CYS D 121 -3.94 -5.02 30.03
N SER D 122 -5.09 -5.02 30.68
CA SER D 122 -5.53 -6.13 31.52
C SER D 122 -7.05 -6.24 31.49
N LYS D 123 -7.57 -7.30 32.09
CA LYS D 123 -9.01 -7.58 32.11
C LYS D 123 -9.55 -7.72 30.69
N LYS D 124 -9.10 -8.77 30.02
CA LYS D 124 -9.60 -9.09 28.68
C LYS D 124 -11.06 -9.50 28.75
N MET D 125 -11.78 -9.22 27.67
CA MET D 125 -13.16 -9.68 27.50
C MET D 125 -13.23 -10.88 26.56
N THR D 126 -13.29 -12.09 27.10
CA THR D 126 -13.35 -13.26 26.23
C THR D 126 -14.73 -13.38 25.59
N GLY D 127 -14.85 -12.89 24.37
CA GLY D 127 -16.10 -12.98 23.65
C GLY D 127 -16.20 -14.17 22.73
N LYS D 128 -16.34 -15.37 23.29
CA LYS D 128 -16.32 -16.58 22.48
C LYS D 128 -17.59 -16.68 21.64
N SER D 129 -17.59 -17.62 20.70
CA SER D 129 -18.74 -17.86 19.84
C SER D 129 -19.30 -19.26 20.08
N ILE D 130 -20.59 -19.42 19.83
CA ILE D 130 -21.25 -20.71 19.89
C ILE D 130 -22.06 -20.88 18.61
N GLN D 131 -22.33 -22.13 18.27
CA GLN D 131 -23.07 -22.46 17.06
C GLN D 131 -24.21 -23.41 17.40
N PRO D 132 -25.27 -23.43 16.57
CA PRO D 132 -26.43 -24.29 16.88
C PRO D 132 -26.11 -25.75 17.07
N GLU D 133 -24.90 -26.19 16.75
CA GLU D 133 -24.54 -27.57 17.06
C GLU D 133 -23.61 -27.63 18.25
N ASN D 134 -23.46 -28.84 18.79
CA ASN D 134 -22.84 -29.14 20.09
C ASN D 134 -23.29 -28.17 21.18
N LEU D 135 -24.49 -27.61 21.05
CA LEU D 135 -25.24 -27.09 22.17
C LEU D 135 -26.08 -28.24 22.70
N GLU D 136 -26.66 -28.06 23.89
CA GLU D 136 -27.33 -29.20 24.53
C GLU D 136 -28.51 -28.72 25.36
N TYR D 137 -29.68 -29.28 25.06
CA TYR D 137 -30.84 -29.10 25.91
C TYR D 137 -30.91 -30.20 26.96
N ARG D 138 -31.41 -29.87 28.15
CA ARG D 138 -31.62 -30.86 29.20
C ARG D 138 -32.91 -30.55 29.96
N ILE D 139 -33.87 -31.46 29.84
CA ILE D 139 -35.17 -31.28 30.46
C ILE D 139 -35.40 -32.40 31.47
N MET D 140 -36.39 -32.19 32.32
CA MET D 140 -36.92 -33.25 33.17
C MET D 140 -38.44 -33.19 33.13
N LEU D 141 -39.06 -34.35 33.19
CA LEU D 141 -40.50 -34.47 33.08
C LEU D 141 -41.00 -35.41 34.16
N SER D 142 -42.30 -35.39 34.42
CA SER D 142 -42.87 -36.08 35.56
C SER D 142 -44.34 -36.38 35.31
N VAL D 143 -44.70 -37.66 35.44
CA VAL D 143 -46.09 -38.06 35.39
C VAL D 143 -46.68 -37.97 36.79
N HIS D 144 -47.98 -37.75 36.87
CA HIS D 144 -48.64 -37.53 38.14
C HIS D 144 -49.02 -38.85 38.80
N GLY D 145 -49.82 -38.78 39.85
CA GLY D 145 -50.24 -39.98 40.54
C GLY D 145 -49.46 -40.24 41.81
N SER D 146 -48.45 -41.11 41.72
CA SER D 146 -47.68 -41.53 42.88
C SER D 146 -46.69 -40.43 43.22
N GLN D 147 -45.69 -40.77 44.04
CA GLN D 147 -44.60 -39.87 44.36
C GLN D 147 -45.13 -38.66 45.14
N HIS D 148 -45.59 -38.94 46.36
CA HIS D 148 -45.84 -37.91 47.36
C HIS D 148 -44.72 -36.87 47.30
N SER D 149 -45.10 -35.60 47.29
CA SER D 149 -44.15 -34.49 47.32
C SER D 149 -43.05 -34.66 46.28
N GLY D 150 -43.42 -34.60 45.00
CA GLY D 150 -42.48 -34.79 43.91
C GLY D 150 -41.23 -33.96 44.03
N MET D 151 -41.32 -32.65 43.84
CA MET D 151 -40.44 -31.75 44.56
C MET D 151 -38.96 -31.98 44.29
N ILE D 152 -38.46 -31.42 43.18
CA ILE D 152 -37.15 -31.69 42.59
C ILE D 152 -36.06 -32.05 43.60
N VAL D 153 -36.26 -31.69 44.87
CA VAL D 153 -35.25 -31.82 45.93
C VAL D 153 -34.40 -33.07 45.80
N ASN D 154 -35.02 -34.23 45.59
CA ASN D 154 -34.25 -35.47 45.48
C ASN D 154 -34.40 -36.05 44.09
N ASP D 155 -34.31 -35.19 43.07
CA ASP D 155 -34.40 -35.60 41.68
C ASP D 155 -33.46 -36.73 41.30
N THR D 156 -32.35 -36.86 42.02
CA THR D 156 -31.33 -37.84 41.66
C THR D 156 -31.91 -39.24 41.48
N GLY D 157 -32.58 -39.75 42.50
CA GLY D 157 -33.21 -41.06 42.38
C GLY D 157 -34.51 -41.06 41.63
N HIS D 158 -35.05 -39.87 41.33
CA HIS D 158 -36.35 -39.80 40.67
C HIS D 158 -36.26 -40.07 39.18
N GLU D 159 -35.12 -39.76 38.56
CA GLU D 159 -34.91 -40.21 37.18
C GLU D 159 -34.65 -41.71 37.13
N THR D 160 -34.05 -42.27 38.18
CA THR D 160 -33.97 -43.71 38.35
C THR D 160 -35.33 -44.28 38.71
N ASP D 161 -36.21 -43.45 39.25
CA ASP D 161 -37.55 -43.89 39.61
C ASP D 161 -38.49 -43.71 38.42
N GLU D 162 -39.76 -44.04 38.65
CA GLU D 162 -40.69 -44.12 37.53
C GLU D 162 -41.45 -42.82 37.28
N ASN D 163 -41.67 -42.01 38.30
CA ASN D 163 -42.52 -40.84 38.13
C ASN D 163 -41.80 -39.68 37.46
N ARG D 164 -40.47 -39.67 37.47
CA ARG D 164 -39.70 -38.58 36.87
C ARG D 164 -38.69 -39.14 35.89
N ALA D 165 -38.27 -38.29 34.95
CA ALA D 165 -37.33 -38.71 33.91
C ALA D 165 -36.52 -37.49 33.47
N LYS D 166 -35.26 -37.75 33.10
CA LYS D 166 -34.33 -36.71 32.68
C LYS D 166 -33.88 -36.99 31.25
N VAL D 167 -33.97 -35.98 30.39
CA VAL D 167 -33.78 -36.15 28.96
C VAL D 167 -32.76 -35.14 28.47
N GLU D 168 -31.80 -35.61 27.67
CA GLU D 168 -30.84 -34.75 26.99
C GLU D 168 -31.17 -34.72 25.50
N ILE D 169 -31.15 -33.53 24.91
CA ILE D 169 -31.48 -33.35 23.51
C ILE D 169 -30.34 -32.63 22.81
N THR D 170 -29.94 -33.16 21.66
CA THR D 170 -28.91 -32.59 20.80
C THR D 170 -29.49 -32.34 19.42
N PRO D 171 -29.01 -31.32 18.71
CA PRO D 171 -29.29 -31.23 17.28
C PRO D 171 -28.76 -32.42 16.48
N ASN D 172 -27.91 -33.26 17.10
CA ASN D 172 -27.53 -34.51 16.46
C ASN D 172 -28.55 -35.61 16.74
N SER D 173 -29.01 -35.72 17.98
CA SER D 173 -29.99 -36.73 18.40
C SER D 173 -31.22 -36.02 18.94
N PRO D 174 -32.13 -35.62 18.05
CA PRO D 174 -33.33 -34.90 18.52
C PRO D 174 -34.34 -35.78 19.22
N ARG D 175 -34.51 -37.01 18.75
CA ARG D 175 -35.49 -37.93 19.32
C ARG D 175 -35.06 -38.39 20.70
N ALA D 176 -36.05 -38.64 21.54
CA ALA D 176 -35.88 -39.26 22.84
C ALA D 176 -37.23 -39.81 23.28
N GLU D 177 -37.30 -41.12 23.46
CA GLU D 177 -38.50 -41.71 24.03
C GLU D 177 -38.29 -41.78 25.54
N ALA D 178 -38.88 -40.82 26.25
CA ALA D 178 -38.82 -40.83 27.69
C ALA D 178 -39.59 -42.05 28.17
N THR D 179 -38.82 -43.06 28.56
CA THR D 179 -39.37 -44.36 28.90
C THR D 179 -39.56 -44.47 30.41
N LEU D 180 -40.75 -44.88 30.81
CA LEU D 180 -41.12 -44.96 32.22
C LEU D 180 -41.67 -46.36 32.45
N GLY D 181 -40.85 -47.22 33.02
CA GLY D 181 -41.21 -48.61 33.23
C GLY D 181 -42.56 -48.74 33.90
N GLY D 182 -43.54 -49.24 33.18
CA GLY D 182 -44.89 -49.35 33.70
C GLY D 182 -45.78 -48.20 33.32
N PHE D 183 -45.21 -47.08 32.88
CA PHE D 183 -46.01 -45.94 32.50
C PHE D 183 -46.01 -45.74 31.00
N GLY D 184 -44.83 -45.59 30.39
CA GLY D 184 -44.83 -45.43 28.95
C GLY D 184 -43.50 -45.11 28.31
N SER D 185 -43.59 -44.50 27.13
CA SER D 185 -42.43 -44.32 26.25
C SER D 185 -42.16 -42.85 25.96
N LEU D 186 -43.19 -42.01 26.15
CA LEU D 186 -43.14 -40.56 25.93
C LEU D 186 -42.30 -40.14 24.72
N GLY D 187 -42.77 -40.43 23.51
CA GLY D 187 -42.03 -40.05 22.32
C GLY D 187 -41.83 -38.56 22.20
N LEU D 188 -40.57 -38.12 22.02
CA LEU D 188 -40.28 -36.71 21.84
C LEU D 188 -39.30 -36.50 20.69
N ASP D 189 -39.58 -35.49 19.88
CA ASP D 189 -38.68 -35.07 18.80
C ASP D 189 -38.79 -33.55 18.67
N CYS D 190 -37.67 -32.86 18.80
CA CYS D 190 -37.73 -31.41 18.89
C CYS D 190 -36.93 -30.75 17.77
N GLU D 191 -36.96 -29.42 17.78
CA GLU D 191 -36.20 -28.61 16.82
C GLU D 191 -35.06 -27.94 17.59
N PRO D 192 -33.90 -28.58 17.69
CA PRO D 192 -32.81 -28.00 18.47
C PRO D 192 -32.15 -26.82 17.79
N ARG D 193 -32.78 -26.25 16.76
CA ARG D 193 -32.16 -25.15 16.04
C ARG D 193 -32.89 -23.84 16.31
N THR D 194 -34.19 -23.79 16.07
CA THR D 194 -34.93 -22.53 16.05
C THR D 194 -35.33 -22.06 17.45
N GLY D 195 -34.62 -22.53 18.46
CA GLY D 195 -34.93 -22.13 19.82
C GLY D 195 -34.57 -20.69 20.13
N LEU D 196 -33.29 -20.34 20.01
CA LEU D 196 -32.81 -19.01 20.39
C LEU D 196 -32.24 -18.25 19.20
N ASP D 197 -32.56 -18.67 17.99
CA ASP D 197 -31.99 -18.11 16.77
C ASP D 197 -30.48 -17.94 16.90
N PHE D 198 -29.80 -19.07 17.08
CA PHE D 198 -28.37 -19.06 17.31
C PHE D 198 -27.62 -18.66 16.04
N SER D 199 -26.30 -18.78 16.10
CA SER D 199 -25.36 -18.40 15.05
C SER D 199 -25.25 -16.88 14.93
N ASP D 200 -26.14 -16.14 15.58
CA ASP D 200 -25.98 -14.72 15.79
C ASP D 200 -25.74 -14.39 17.26
N LEU D 201 -25.18 -15.32 18.01
CA LEU D 201 -25.09 -15.20 19.45
C LEU D 201 -23.68 -15.53 19.92
N TYR D 202 -23.11 -14.65 20.73
CA TYR D 202 -21.79 -14.81 21.29
C TYR D 202 -21.84 -14.94 22.80
N TYR D 203 -20.98 -15.80 23.33
CA TYR D 203 -20.85 -16.03 24.76
C TYR D 203 -19.74 -15.13 25.30
N LEU D 204 -20.11 -14.03 25.94
CA LEU D 204 -19.13 -13.11 26.49
C LEU D 204 -18.88 -13.43 27.95
N THR D 205 -17.62 -13.64 28.31
CA THR D 205 -17.18 -13.76 29.69
C THR D 205 -16.20 -12.63 29.96
N MET D 206 -16.60 -11.68 30.81
CA MET D 206 -15.69 -10.57 31.11
C MET D 206 -14.93 -10.74 32.42
N ASN D 207 -15.61 -10.56 33.54
CA ASN D 207 -15.00 -10.77 34.85
C ASN D 207 -15.51 -12.07 35.46
N ASN D 208 -15.16 -13.21 34.86
CA ASN D 208 -15.80 -14.49 35.13
C ASN D 208 -17.31 -14.35 35.22
N LYS D 209 -17.87 -13.36 34.52
CA LYS D 209 -19.29 -13.16 34.41
C LYS D 209 -19.66 -13.34 32.94
N HIS D 210 -20.60 -14.26 32.71
CA HIS D 210 -20.90 -14.73 31.37
C HIS D 210 -22.29 -14.27 30.98
N TRP D 211 -22.48 -14.08 29.68
CA TRP D 211 -23.81 -13.82 29.14
C TRP D 211 -23.79 -14.03 27.63
N LEU D 212 -24.97 -13.93 27.03
CA LEU D 212 -25.12 -14.09 25.59
C LEU D 212 -25.47 -12.75 24.97
N VAL D 213 -24.88 -12.48 23.81
CA VAL D 213 -25.03 -11.19 23.16
C VAL D 213 -25.27 -11.42 21.67
N HIS D 214 -26.16 -10.62 21.11
CA HIS D 214 -26.40 -10.67 19.68
C HIS D 214 -25.15 -10.21 18.95
N LYS D 215 -24.51 -11.14 18.25
CA LYS D 215 -23.13 -10.94 17.79
C LYS D 215 -22.96 -9.64 17.02
N GLU D 216 -24.03 -9.11 16.44
CA GLU D 216 -23.95 -7.81 15.79
C GLU D 216 -23.45 -6.75 16.76
N TRP D 217 -24.11 -6.65 17.92
CA TRP D 217 -23.67 -5.73 18.96
C TRP D 217 -22.23 -6.00 19.36
N PHE D 218 -21.84 -7.27 19.42
CA PHE D 218 -20.48 -7.60 19.83
C PHE D 218 -19.47 -7.14 18.80
N HIS D 219 -19.83 -7.20 17.53
CA HIS D 219 -18.95 -6.71 16.49
C HIS D 219 -18.84 -5.21 16.51
N ASP D 220 -19.85 -4.52 17.02
CA ASP D 220 -19.91 -3.07 16.93
C ASP D 220 -19.27 -2.35 18.11
N ILE D 221 -18.65 -3.06 19.05
CA ILE D 221 -18.11 -2.38 20.21
C ILE D 221 -16.70 -1.87 19.94
N PRO D 222 -16.47 -0.57 20.11
CA PRO D 222 -15.19 0.05 19.74
C PRO D 222 -14.14 0.07 20.85
N LEU D 223 -13.67 -1.09 21.26
CA LEU D 223 -12.56 -1.22 22.18
C LEU D 223 -11.41 -1.91 21.45
N PRO D 224 -10.24 -1.99 22.07
CA PRO D 224 -9.13 -2.72 21.43
C PRO D 224 -9.48 -4.17 21.18
N TRP D 225 -9.09 -4.66 20.01
CA TRP D 225 -9.32 -6.05 19.61
C TRP D 225 -8.13 -6.94 19.90
N HIS D 226 -8.39 -8.09 20.48
CA HIS D 226 -7.52 -9.24 20.27
C HIS D 226 -7.75 -9.79 18.87
N ALA D 227 -8.98 -9.62 18.40
CA ALA D 227 -9.44 -9.65 17.01
C ALA D 227 -9.50 -11.02 16.37
N GLY D 228 -8.69 -11.97 16.83
CA GLY D 228 -9.02 -13.37 16.71
C GLY D 228 -8.13 -14.16 17.64
N ALA D 229 -7.23 -13.44 18.28
CA ALA D 229 -5.85 -13.88 18.36
C ALA D 229 -5.69 -15.00 19.38
N ASP D 230 -4.52 -15.61 19.34
CA ASP D 230 -4.10 -16.63 20.29
C ASP D 230 -2.85 -16.13 21.00
N THR D 231 -2.17 -17.03 21.70
CA THR D 231 -0.95 -16.69 22.43
C THR D 231 0.05 -15.96 21.55
N GLY D 232 0.98 -15.27 22.21
CA GLY D 232 1.75 -14.21 21.59
C GLY D 232 1.26 -12.91 22.19
N THR D 233 2.14 -11.91 22.23
CA THR D 233 1.76 -10.63 22.78
C THR D 233 0.55 -10.08 22.04
N PRO D 234 -0.53 -9.76 22.72
CA PRO D 234 -1.75 -9.35 22.01
C PRO D 234 -1.55 -8.03 21.28
N HIS D 235 -1.55 -8.11 19.95
CA HIS D 235 -1.49 -6.90 19.12
C HIS D 235 -2.90 -6.31 19.05
N TRP D 236 -3.19 -5.39 19.95
CA TRP D 236 -4.54 -4.87 20.06
C TRP D 236 -4.89 -4.04 18.82
N ASN D 237 -6.16 -4.09 18.42
CA ASN D 237 -6.59 -3.37 17.25
C ASN D 237 -7.37 -2.12 17.63
N ASN D 238 -7.18 -1.08 16.82
CA ASN D 238 -7.84 0.22 16.87
C ASN D 238 -7.40 1.07 18.04
N LYS D 239 -6.88 0.46 19.10
CA LYS D 239 -5.91 0.99 20.03
C LYS D 239 -6.02 2.48 20.36
N GLU D 240 -7.12 3.13 19.99
CA GLU D 240 -7.16 4.58 20.04
C GLU D 240 -8.23 5.13 20.96
N ALA D 241 -9.45 4.62 20.89
CA ALA D 241 -10.52 5.16 21.71
C ALA D 241 -10.19 5.03 23.19
N LEU D 242 -9.50 3.95 23.57
CA LEU D 242 -9.14 3.77 24.97
C LEU D 242 -8.25 4.89 25.48
N VAL D 243 -7.06 5.06 24.91
CA VAL D 243 -6.17 6.14 25.31
C VAL D 243 -6.72 7.45 24.75
N GLU D 244 -6.29 8.55 25.34
CA GLU D 244 -6.71 9.87 24.90
C GLU D 244 -5.52 10.80 24.94
N PHE D 245 -5.25 11.47 23.83
CA PHE D 245 -4.11 12.36 23.70
C PHE D 245 -4.55 13.78 24.02
N LYS D 246 -3.66 14.56 24.61
CA LYS D 246 -3.97 15.95 24.90
C LYS D 246 -2.73 16.80 25.06
N ASP D 247 -2.64 17.84 24.23
CA ASP D 247 -1.55 18.81 24.31
C ASP D 247 -1.98 20.00 25.15
N ALA D 248 -1.02 20.86 25.47
CA ALA D 248 -1.35 22.16 26.03
C ALA D 248 -2.01 23.00 24.96
N HIS D 249 -2.31 24.26 25.30
CA HIS D 249 -2.88 25.20 24.35
C HIS D 249 -2.20 25.10 22.98
N ALA D 250 -0.89 24.92 22.99
CA ALA D 250 -0.13 24.77 21.75
C ALA D 250 0.88 23.64 21.80
N LYS D 251 1.19 23.09 22.98
CA LYS D 251 2.42 22.36 23.16
C LYS D 251 2.27 21.13 24.06
N ARG D 252 3.42 20.45 24.26
CA ARG D 252 3.65 19.46 25.31
C ARG D 252 2.49 18.49 25.48
N GLN D 253 2.28 17.65 24.47
CA GLN D 253 1.20 16.69 24.48
C GLN D 253 1.51 15.49 25.37
N THR D 254 0.53 15.09 26.17
CA THR D 254 0.59 13.92 27.03
C THR D 254 -0.58 13.00 26.70
N VAL D 255 -0.76 11.97 27.51
CA VAL D 255 -1.75 10.93 27.25
C VAL D 255 -2.38 10.50 28.56
N VAL D 256 -3.67 10.19 28.51
CA VAL D 256 -4.41 9.61 29.62
C VAL D 256 -4.99 8.29 29.15
N VAL D 257 -5.32 7.42 30.10
CA VAL D 257 -5.66 6.04 29.75
C VAL D 257 -7.16 5.81 29.78
N LEU D 258 -7.89 6.64 30.52
CA LEU D 258 -9.32 6.46 30.77
C LEU D 258 -9.64 5.17 31.51
N GLY D 259 -8.71 4.69 32.33
CA GLY D 259 -8.96 3.60 33.26
C GLY D 259 -9.67 2.39 32.69
N SER D 260 -10.51 1.79 33.52
CA SER D 260 -11.25 0.60 33.10
C SER D 260 -12.72 0.97 32.90
N GLN D 261 -13.32 0.44 31.84
CA GLN D 261 -14.72 0.67 31.56
C GLN D 261 -15.57 -0.57 31.80
N GLU D 262 -15.29 -1.28 32.89
CA GLU D 262 -16.04 -2.48 33.24
C GLU D 262 -17.52 -2.16 33.49
N GLY D 263 -17.79 -1.25 34.41
CA GLY D 263 -19.17 -0.82 34.61
C GLY D 263 -19.76 -0.17 33.38
N ALA D 264 -18.92 0.46 32.56
CA ALA D 264 -19.42 1.05 31.32
C ALA D 264 -19.96 -0.01 30.38
N VAL D 265 -19.22 -1.11 30.21
CA VAL D 265 -19.75 -2.15 29.36
C VAL D 265 -20.94 -2.81 30.02
N HIS D 266 -20.99 -2.81 31.35
CA HIS D 266 -22.20 -3.27 32.02
C HIS D 266 -23.41 -2.43 31.60
N THR D 267 -23.35 -1.12 31.79
CA THR D 267 -24.49 -0.29 31.42
C THR D 267 -24.75 -0.33 29.93
N ALA D 268 -23.75 -0.66 29.11
CA ALA D 268 -23.99 -0.86 27.70
C ALA D 268 -24.52 -2.26 27.39
N LEU D 269 -24.59 -3.11 28.40
CA LEU D 269 -25.00 -4.49 28.22
C LEU D 269 -26.49 -4.69 28.48
N ALA D 270 -27.29 -3.66 28.26
CA ALA D 270 -28.65 -3.58 28.78
C ALA D 270 -29.63 -4.50 28.08
N GLY D 271 -29.16 -5.46 27.29
CA GLY D 271 -30.09 -6.37 26.64
C GLY D 271 -29.69 -7.83 26.67
N ALA D 272 -28.49 -8.11 27.17
CA ALA D 272 -27.99 -9.48 27.18
C ALA D 272 -28.67 -10.29 28.28
N LEU D 273 -28.52 -11.60 28.18
CA LEU D 273 -28.99 -12.51 29.21
C LEU D 273 -27.79 -13.23 29.81
N GLU D 274 -27.65 -13.12 31.13
CA GLU D 274 -26.53 -13.68 31.86
C GLU D 274 -26.56 -15.20 31.81
N ALA D 275 -25.41 -15.79 32.06
CA ALA D 275 -25.18 -17.22 31.91
C ALA D 275 -24.12 -17.66 32.91
N GLU D 276 -24.18 -18.93 33.29
CA GLU D 276 -23.44 -19.46 34.42
C GLU D 276 -22.67 -20.69 33.97
N MET D 277 -22.32 -21.52 34.95
CA MET D 277 -21.19 -22.46 34.94
C MET D 277 -20.83 -22.85 33.54
N ASP D 278 -19.54 -22.70 33.23
CA ASP D 278 -19.03 -22.29 31.92
C ASP D 278 -17.93 -23.26 31.52
N GLY D 279 -17.04 -23.58 32.46
CA GLY D 279 -16.05 -24.65 32.34
C GLY D 279 -15.57 -24.86 30.93
N ALA D 280 -15.63 -26.12 30.48
CA ALA D 280 -15.94 -26.39 29.09
C ALA D 280 -17.43 -26.66 28.92
N LYS D 281 -18.22 -26.37 29.94
CA LYS D 281 -19.64 -26.65 29.91
C LYS D 281 -20.35 -25.36 30.34
N GLY D 282 -20.90 -24.63 29.37
CA GLY D 282 -21.48 -23.33 29.67
C GLY D 282 -22.99 -23.38 29.79
N ARG D 283 -23.52 -23.12 30.99
CA ARG D 283 -24.95 -23.26 31.16
C ARG D 283 -25.59 -21.88 31.03
N LEU D 284 -26.84 -21.86 30.60
CA LEU D 284 -27.59 -20.62 30.55
C LEU D 284 -29.05 -20.91 30.87
N SER D 285 -29.73 -19.83 31.25
CA SER D 285 -31.12 -19.83 31.67
C SER D 285 -31.98 -19.89 30.42
N SER D 286 -33.22 -19.47 30.59
CA SER D 286 -34.31 -19.73 29.66
C SER D 286 -33.95 -19.59 28.20
N GLY D 287 -34.57 -20.47 27.41
CA GLY D 287 -34.63 -20.45 25.97
C GLY D 287 -35.58 -21.53 25.51
N HIS D 288 -36.49 -21.16 24.63
CA HIS D 288 -37.64 -21.99 24.31
C HIS D 288 -37.27 -22.96 23.20
N LEU D 289 -38.21 -23.85 22.87
CA LEU D 289 -38.08 -24.64 21.65
C LEU D 289 -39.38 -25.33 21.29
N LYS D 290 -39.37 -26.03 20.16
CA LYS D 290 -40.53 -26.73 19.61
C LYS D 290 -40.37 -28.23 19.75
N CYS D 291 -41.28 -28.86 20.49
CA CYS D 291 -41.12 -30.28 20.76
C CYS D 291 -42.37 -31.05 20.38
N ARG D 292 -42.31 -31.76 19.27
CA ARG D 292 -43.34 -32.72 18.91
C ARG D 292 -43.35 -33.85 19.92
N LEU D 293 -44.47 -33.97 20.63
CA LEU D 293 -44.63 -34.97 21.68
C LEU D 293 -45.71 -35.94 21.24
N LYS D 294 -45.39 -37.22 21.35
CA LYS D 294 -46.27 -38.30 20.94
C LYS D 294 -46.56 -39.21 22.13
N MET D 295 -47.84 -39.43 22.39
CA MET D 295 -48.31 -40.53 23.22
C MET D 295 -48.41 -41.82 22.41
N ASP D 296 -47.28 -42.32 21.92
CA ASP D 296 -47.28 -43.58 21.21
C ASP D 296 -47.64 -44.72 22.15
N LYS D 297 -46.96 -44.82 23.28
CA LYS D 297 -47.08 -45.96 24.18
C LYS D 297 -46.98 -45.50 25.63
N LEU D 298 -48.13 -45.27 26.26
CA LEU D 298 -48.19 -44.95 27.68
C LEU D 298 -49.29 -45.75 28.34
N ARG D 299 -48.92 -46.79 29.07
CA ARG D 299 -49.90 -47.59 29.78
C ARG D 299 -50.10 -47.01 31.17
N LEU D 300 -51.34 -47.03 31.64
CA LEU D 300 -51.70 -46.24 32.81
C LEU D 300 -51.40 -46.93 34.13
N LYS D 301 -50.95 -48.19 34.07
CA LYS D 301 -50.44 -48.89 35.25
C LYS D 301 -51.47 -48.93 36.38
N GLY D 302 -52.55 -49.67 36.20
CA GLY D 302 -53.47 -49.87 37.31
C GLY D 302 -54.89 -49.45 37.07
N VAL D 303 -55.33 -49.44 35.81
CA VAL D 303 -56.74 -49.25 35.54
C VAL D 303 -57.56 -50.36 36.17
N SER D 304 -56.97 -51.53 36.34
CA SER D 304 -57.65 -52.66 36.98
C SER D 304 -57.54 -52.62 38.49
N TYR D 305 -56.69 -51.75 39.03
CA TYR D 305 -56.44 -51.67 40.45
C TYR D 305 -57.73 -51.33 41.20
N SER D 306 -57.92 -51.99 42.34
CA SER D 306 -59.13 -51.83 43.13
C SER D 306 -59.12 -50.51 43.90
N LEU D 307 -60.29 -50.12 44.38
CA LEU D 307 -60.41 -48.91 45.20
C LEU D 307 -60.47 -49.27 46.67
N CYS D 308 -59.31 -49.57 47.25
CA CYS D 308 -59.23 -50.05 48.63
C CYS D 308 -59.94 -49.11 49.58
N THR D 309 -60.80 -49.69 50.40
CA THR D 309 -61.76 -48.94 51.19
C THR D 309 -61.18 -48.63 52.56
N ALA D 310 -60.08 -47.89 52.57
CA ALA D 310 -59.61 -47.25 53.80
C ALA D 310 -60.12 -45.82 53.80
N ALA D 311 -60.28 -45.26 55.00
CA ALA D 311 -60.66 -43.86 55.14
C ALA D 311 -59.45 -42.98 54.81
N PHE D 312 -59.67 -41.98 53.96
CA PHE D 312 -58.61 -41.09 53.52
C PHE D 312 -58.68 -39.80 54.31
N THR D 313 -57.53 -39.16 54.55
CA THR D 313 -57.50 -37.92 55.30
C THR D 313 -56.62 -36.90 54.59
N PHE D 314 -57.11 -35.67 54.49
CA PHE D 314 -56.27 -34.59 53.99
C PHE D 314 -55.05 -34.46 54.89
N THR D 315 -54.04 -33.75 54.39
CA THR D 315 -53.09 -33.18 55.33
C THR D 315 -52.94 -31.67 55.17
N LYS D 316 -52.80 -31.21 53.93
CA LYS D 316 -52.52 -29.80 53.71
C LYS D 316 -53.60 -29.15 52.85
N ILE D 317 -54.67 -28.74 53.51
CA ILE D 317 -55.35 -27.46 53.23
C ILE D 317 -55.23 -27.13 51.74
N PRO D 318 -55.93 -27.81 50.87
CA PRO D 318 -55.59 -27.79 49.44
C PRO D 318 -55.84 -26.43 48.80
N ALA D 319 -54.86 -25.55 48.90
CA ALA D 319 -54.87 -24.25 48.22
C ALA D 319 -54.78 -24.45 46.71
N GLU D 320 -55.19 -23.41 45.96
CA GLU D 320 -55.29 -23.50 44.51
C GLU D 320 -54.19 -22.70 43.84
N THR D 321 -53.98 -22.93 42.54
CA THR D 321 -53.01 -22.17 41.77
C THR D 321 -53.68 -21.03 41.01
N LEU D 322 -52.85 -20.19 40.40
CA LEU D 322 -53.36 -19.12 39.55
C LEU D 322 -54.14 -19.66 38.36
N HIS D 323 -53.82 -20.87 37.94
CA HIS D 323 -54.52 -21.53 36.85
C HIS D 323 -55.84 -22.12 37.33
N GLY D 324 -56.24 -21.79 38.55
CA GLY D 324 -57.55 -22.16 39.03
C GLY D 324 -57.59 -23.51 39.69
N THR D 325 -56.75 -24.44 39.26
CA THR D 325 -56.75 -25.78 39.81
C THR D 325 -56.19 -25.77 41.22
N VAL D 326 -56.40 -26.88 41.91
CA VAL D 326 -56.11 -27.02 43.33
C VAL D 326 -55.49 -28.38 43.58
N THR D 327 -54.39 -28.41 44.32
CA THR D 327 -53.69 -29.65 44.62
C THR D 327 -53.88 -30.02 46.08
N VAL D 328 -54.05 -31.30 46.33
CA VAL D 328 -54.24 -31.84 47.67
C VAL D 328 -53.29 -33.00 47.86
N GLU D 329 -52.74 -33.10 49.07
CA GLU D 329 -51.96 -34.27 49.45
C GLU D 329 -52.74 -35.02 50.53
N VAL D 330 -53.24 -36.20 50.16
CA VAL D 330 -54.10 -36.99 51.02
C VAL D 330 -53.33 -38.21 51.51
N GLN D 331 -53.26 -38.34 52.82
CA GLN D 331 -52.61 -39.49 53.42
C GLN D 331 -53.63 -40.50 53.91
N TYR D 332 -53.25 -41.77 53.87
CA TYR D 332 -54.04 -42.82 54.50
C TYR D 332 -53.21 -44.09 54.63
N ALA D 333 -53.27 -44.66 55.82
CA ALA D 333 -53.08 -46.09 56.06
C ALA D 333 -54.44 -46.77 56.01
N GLY D 334 -54.51 -47.99 56.54
CA GLY D 334 -55.77 -48.67 56.68
C GLY D 334 -55.95 -49.80 55.71
N THR D 335 -55.32 -49.69 54.55
CA THR D 335 -55.30 -50.79 53.58
C THR D 335 -53.92 -50.88 52.94
N ASP D 336 -53.79 -51.77 51.98
CA ASP D 336 -52.48 -52.13 51.46
C ASP D 336 -52.47 -52.23 49.94
N GLY D 337 -51.30 -52.47 49.35
CA GLY D 337 -51.21 -52.87 47.98
C GLY D 337 -51.21 -51.72 46.99
N PRO D 338 -50.97 -52.05 45.72
CA PRO D 338 -51.02 -51.04 44.67
C PRO D 338 -52.45 -50.60 44.41
N CYS D 339 -52.91 -49.63 45.20
CA CYS D 339 -54.30 -49.22 45.20
C CYS D 339 -54.59 -48.21 44.10
N LYS D 340 -55.75 -48.38 43.48
CA LYS D 340 -56.43 -47.25 42.88
C LYS D 340 -57.29 -46.57 43.93
N VAL D 341 -57.46 -45.26 43.81
CA VAL D 341 -58.21 -44.51 44.79
C VAL D 341 -59.15 -43.55 44.06
N PRO D 342 -60.38 -43.39 44.53
CA PRO D 342 -61.31 -42.46 43.88
C PRO D 342 -60.99 -41.02 44.25
N ALA D 343 -61.30 -40.11 43.33
CA ALA D 343 -61.17 -38.69 43.60
C ALA D 343 -62.05 -37.92 42.63
N GLN D 344 -63.20 -37.44 43.12
CA GLN D 344 -64.07 -36.65 42.26
C GLN D 344 -64.51 -35.40 43.02
N MET D 345 -65.45 -34.67 42.44
CA MET D 345 -66.04 -33.54 43.14
C MET D 345 -67.45 -33.32 42.63
N ALA D 346 -68.21 -32.55 43.39
CA ALA D 346 -69.65 -32.42 43.21
C ALA D 346 -70.13 -31.07 43.74
N VAL D 347 -71.41 -30.80 43.50
CA VAL D 347 -72.12 -29.73 44.18
C VAL D 347 -73.08 -30.30 45.22
N ASP D 348 -73.55 -31.53 45.02
CA ASP D 348 -74.33 -32.22 46.04
C ASP D 348 -74.01 -33.71 46.03
N MET D 349 -74.14 -34.34 47.19
CA MET D 349 -74.02 -35.80 47.28
C MET D 349 -75.24 -36.38 48.00
N GLN D 350 -75.28 -37.71 48.12
CA GLN D 350 -76.37 -38.53 47.54
C GLN D 350 -76.48 -38.39 46.02
N THR D 351 -75.49 -37.78 45.37
CA THR D 351 -75.32 -37.95 43.94
C THR D 351 -73.87 -38.31 43.67
N LEU D 352 -73.00 -37.54 44.31
CA LEU D 352 -71.56 -37.46 44.05
C LEU D 352 -71.27 -36.95 42.64
N THR D 353 -72.27 -36.96 41.73
CA THR D 353 -72.40 -36.23 40.47
C THR D 353 -71.04 -35.82 39.91
N PRO D 354 -70.18 -36.77 39.56
CA PRO D 354 -68.77 -36.43 39.27
C PRO D 354 -68.66 -35.34 38.23
N VAL D 355 -68.15 -34.19 38.65
CA VAL D 355 -68.13 -33.00 37.81
C VAL D 355 -66.73 -32.41 37.84
N GLY D 356 -66.39 -31.61 36.81
CA GLY D 356 -65.19 -30.82 36.87
C GLY D 356 -63.97 -31.48 36.24
N ARG D 357 -62.88 -30.73 36.27
CA ARG D 357 -61.60 -31.14 35.70
C ARG D 357 -60.89 -32.13 36.63
N LEU D 358 -60.75 -33.36 36.17
CA LEU D 358 -59.87 -34.31 36.84
C LEU D 358 -58.50 -34.29 36.17
N ILE D 359 -57.52 -33.71 36.84
CA ILE D 359 -56.18 -33.63 36.27
C ILE D 359 -55.42 -34.92 36.54
N THR D 360 -55.17 -35.23 37.80
CA THR D 360 -54.39 -36.40 38.15
C THR D 360 -55.21 -37.67 37.96
N ALA D 361 -55.32 -38.13 36.73
CA ALA D 361 -56.04 -39.37 36.44
C ALA D 361 -55.35 -40.54 37.12
N ASN D 362 -56.09 -41.65 37.25
CA ASN D 362 -55.68 -42.90 37.88
C ASN D 362 -54.68 -42.68 39.02
N PRO D 363 -55.07 -41.99 40.08
CA PRO D 363 -54.15 -41.85 41.22
C PRO D 363 -53.83 -43.20 41.84
N VAL D 364 -52.53 -43.48 41.93
CA VAL D 364 -52.05 -44.81 42.35
C VAL D 364 -51.32 -44.70 43.68
N ILE D 365 -51.56 -45.67 44.55
CA ILE D 365 -50.83 -45.82 45.80
C ILE D 365 -49.96 -47.07 45.69
N THR D 366 -48.75 -47.01 46.26
CA THR D 366 -47.77 -48.07 46.09
C THR D 366 -47.98 -49.25 47.04
N GLU D 367 -47.91 -49.03 48.36
CA GLU D 367 -47.65 -50.14 49.26
C GLU D 367 -48.50 -50.14 50.53
N SER D 368 -48.36 -51.23 51.28
CA SER D 368 -49.08 -51.51 52.52
C SER D 368 -48.79 -50.49 53.62
N THR D 369 -47.69 -49.74 53.46
CA THR D 369 -47.18 -48.85 54.51
C THR D 369 -48.25 -47.89 55.00
N GLU D 370 -47.94 -47.20 56.08
CA GLU D 370 -48.88 -46.32 56.77
C GLU D 370 -49.09 -45.06 55.93
N ASN D 371 -49.59 -44.01 56.55
CA ASN D 371 -50.44 -43.04 55.86
C ASN D 371 -49.70 -42.38 54.71
N SER D 372 -49.61 -43.14 53.61
CA SER D 372 -48.98 -42.65 52.40
C SER D 372 -49.72 -41.40 51.94
N LYS D 373 -48.99 -40.46 51.35
CA LYS D 373 -49.38 -39.06 51.34
C LYS D 373 -50.16 -38.66 50.10
N MET D 374 -50.07 -39.47 49.05
CA MET D 374 -50.90 -39.37 47.83
C MET D 374 -51.14 -37.93 47.39
N MET D 375 -50.10 -37.27 46.88
CA MET D 375 -50.28 -35.94 46.30
C MET D 375 -50.95 -36.06 44.94
N LEU D 376 -51.81 -35.10 44.63
CA LEU D 376 -52.51 -35.02 43.35
C LEU D 376 -53.22 -33.67 43.26
N GLU D 377 -53.99 -33.47 42.20
CA GLU D 377 -54.79 -32.24 42.10
C GLU D 377 -56.04 -32.47 41.27
N LEU D 378 -56.99 -31.55 41.40
CA LEU D 378 -58.16 -31.47 40.54
C LEU D 378 -58.47 -30.00 40.31
N ASP D 379 -59.41 -29.72 39.42
CA ASP D 379 -59.81 -28.33 39.13
C ASP D 379 -61.33 -28.21 39.18
N PRO D 380 -61.84 -27.32 40.02
CA PRO D 380 -63.28 -27.23 40.23
C PRO D 380 -63.94 -26.28 39.24
N PRO D 381 -65.26 -26.34 39.12
CA PRO D 381 -65.99 -25.35 38.32
C PRO D 381 -66.05 -24.00 39.03
N PHE D 382 -66.71 -23.05 38.36
CA PHE D 382 -66.65 -21.66 38.78
C PHE D 382 -67.29 -21.39 40.14
N GLY D 383 -68.10 -22.32 40.66
CA GLY D 383 -68.83 -22.09 41.89
C GLY D 383 -68.25 -22.77 43.11
N ASP D 384 -69.11 -23.02 44.10
CA ASP D 384 -68.73 -23.69 45.35
C ASP D 384 -68.28 -25.10 45.05
N SER D 385 -67.35 -25.64 45.85
CA SER D 385 -67.08 -27.02 45.45
C SER D 385 -67.25 -27.98 46.61
N TYR D 386 -67.39 -29.26 46.27
CA TYR D 386 -67.33 -30.36 47.22
C TYR D 386 -66.41 -31.43 46.66
N ILE D 387 -65.13 -31.33 47.01
CA ILE D 387 -64.15 -32.33 46.62
C ILE D 387 -64.32 -33.56 47.50
N VAL D 388 -64.52 -34.71 46.87
CA VAL D 388 -64.80 -35.97 47.56
C VAL D 388 -63.68 -36.93 47.21
N ILE D 389 -63.20 -37.67 48.21
CA ILE D 389 -62.00 -38.47 48.02
C ILE D 389 -62.24 -39.96 48.27
N GLY D 390 -62.57 -40.36 49.51
CA GLY D 390 -62.23 -41.70 49.93
C GLY D 390 -62.90 -42.84 49.20
N VAL D 391 -64.12 -43.23 49.60
CA VAL D 391 -64.99 -43.97 48.70
C VAL D 391 -66.43 -43.52 48.88
N GLY D 392 -67.02 -43.92 50.00
CA GLY D 392 -68.42 -43.77 50.32
C GLY D 392 -68.67 -43.06 51.63
N GLU D 393 -69.00 -43.83 52.66
CA GLU D 393 -69.38 -43.29 53.96
C GLU D 393 -68.17 -42.84 54.78
N LYS D 394 -67.12 -43.66 54.87
CA LYS D 394 -65.86 -43.23 55.49
C LYS D 394 -64.95 -42.62 54.44
N LYS D 395 -65.51 -41.68 53.68
CA LYS D 395 -64.73 -40.91 52.73
C LYS D 395 -64.25 -39.66 53.44
N ILE D 396 -63.74 -38.71 52.67
CA ILE D 396 -63.53 -37.37 53.19
C ILE D 396 -63.88 -36.37 52.11
N THR D 397 -64.67 -35.37 52.49
CA THR D 397 -65.10 -34.33 51.57
C THR D 397 -64.57 -32.99 52.04
N HIS D 398 -64.72 -31.97 51.21
CA HIS D 398 -64.22 -30.65 51.53
C HIS D 398 -64.83 -29.61 50.61
N HIS D 399 -65.22 -28.49 51.18
CA HIS D 399 -65.55 -27.31 50.40
C HIS D 399 -64.36 -26.88 49.55
N TRP D 400 -64.63 -26.54 48.29
CA TRP D 400 -63.73 -25.56 47.69
C TRP D 400 -64.44 -24.27 47.32
N HIS D 401 -65.20 -24.20 46.24
CA HIS D 401 -65.54 -22.88 45.67
C HIS D 401 -64.31 -22.20 45.06
N ARG D 402 -63.92 -22.73 43.90
CA ARG D 402 -62.92 -22.11 43.03
C ARG D 402 -62.95 -20.59 43.06
N SER D 403 -64.14 -20.01 42.88
CA SER D 403 -64.35 -18.58 42.74
C SER D 403 -63.67 -18.02 41.50
N GLY D 404 -63.72 -18.74 40.39
CA GLY D 404 -63.23 -18.25 39.11
C GLY D 404 -64.21 -18.54 37.99
N SER D 405 -64.79 -17.47 37.45
CA SER D 405 -65.93 -17.57 36.55
C SER D 405 -65.48 -18.03 35.17
N THR D 406 -66.43 -18.61 34.42
CA THR D 406 -66.13 -19.21 33.14
C THR D 406 -65.63 -18.18 32.13
N ILE D 407 -66.28 -17.03 32.05
CA ILE D 407 -65.76 -15.94 31.23
C ILE D 407 -64.42 -15.47 31.76
N GLY D 408 -64.24 -15.48 33.08
CA GLY D 408 -62.93 -15.21 33.63
C GLY D 408 -61.88 -16.18 33.14
N LYS D 409 -62.24 -17.46 33.02
CA LYS D 409 -61.32 -18.43 32.44
C LYS D 409 -60.88 -18.02 31.06
N ALA D 410 -61.82 -17.59 30.22
CA ALA D 410 -61.46 -17.08 28.90
C ALA D 410 -60.55 -15.86 29.00
N PHE D 411 -60.82 -14.98 29.96
CA PHE D 411 -59.90 -13.86 30.18
C PHE D 411 -58.49 -14.34 30.42
N GLU D 412 -58.28 -15.18 31.43
CA GLU D 412 -56.91 -15.61 31.73
C GLU D 412 -56.30 -16.35 30.56
N ALA D 413 -57.07 -17.20 29.90
CA ALA D 413 -56.54 -17.97 28.78
C ALA D 413 -56.13 -17.06 27.63
N THR D 414 -56.92 -16.04 27.32
CA THR D 414 -56.60 -15.20 26.17
C THR D 414 -55.47 -14.25 26.48
N VAL D 415 -55.36 -13.77 27.72
CA VAL D 415 -54.23 -12.90 28.02
C VAL D 415 -52.94 -13.71 28.09
N ARG D 416 -53.02 -14.96 28.57
CA ARG D 416 -51.87 -15.84 28.51
C ARG D 416 -51.47 -16.13 27.06
N GLY D 417 -52.44 -16.52 26.24
CA GLY D 417 -52.17 -16.76 24.84
C GLY D 417 -51.62 -15.53 24.14
N ALA D 418 -52.06 -14.34 24.56
CA ALA D 418 -51.56 -13.12 23.93
C ALA D 418 -50.12 -12.87 24.33
N LYS D 419 -49.77 -13.13 25.59
CA LYS D 419 -48.39 -12.98 25.99
C LYS D 419 -47.49 -13.98 25.27
N ARG D 420 -47.99 -15.20 25.06
CA ARG D 420 -47.30 -16.16 24.20
C ARG D 420 -47.16 -15.61 22.78
N MET D 421 -48.27 -15.15 22.20
CA MET D 421 -48.32 -14.50 20.90
C MET D 421 -47.23 -13.47 20.75
N ALA D 422 -46.91 -12.77 21.82
CA ALA D 422 -45.88 -11.75 21.81
C ALA D 422 -44.48 -12.37 21.88
N VAL D 423 -44.18 -13.05 22.98
CA VAL D 423 -42.78 -13.38 23.25
C VAL D 423 -42.31 -14.52 22.34
N LEU D 424 -43.18 -15.48 22.07
CA LEU D 424 -42.78 -16.58 21.19
C LEU D 424 -43.03 -16.25 19.73
N GLY D 425 -43.79 -15.20 19.46
CA GLY D 425 -44.03 -14.81 18.08
C GLY D 425 -44.67 -15.93 17.27
N ASP D 426 -43.98 -16.34 16.23
CA ASP D 426 -44.42 -17.47 15.43
C ASP D 426 -44.57 -18.73 16.26
N THR D 427 -43.63 -18.99 17.15
CA THR D 427 -43.65 -20.22 17.93
C THR D 427 -44.86 -20.30 18.85
N ALA D 428 -45.53 -19.18 19.14
CA ALA D 428 -46.77 -19.24 19.91
C ALA D 428 -47.82 -20.07 19.21
N TRP D 429 -47.78 -20.14 17.88
CA TRP D 429 -48.59 -21.11 17.17
C TRP D 429 -48.16 -22.53 17.47
N ASP D 430 -48.83 -23.51 16.87
CA ASP D 430 -48.75 -24.93 17.18
C ASP D 430 -48.54 -25.19 18.68
N PHE D 431 -49.02 -24.30 19.55
CA PHE D 431 -48.88 -24.55 20.98
C PHE D 431 -49.91 -25.54 21.45
N GLY D 432 -51.19 -25.21 21.31
CA GLY D 432 -52.20 -26.22 21.17
C GLY D 432 -52.09 -26.82 19.78
N SER D 433 -51.56 -28.04 19.69
CA SER D 433 -51.01 -28.51 18.45
C SER D 433 -51.80 -29.67 17.88
N VAL D 434 -52.66 -29.35 16.91
CA VAL D 434 -53.14 -30.32 15.95
C VAL D 434 -52.73 -29.81 14.58
N GLY D 435 -52.51 -30.72 13.63
CA GLY D 435 -52.00 -30.32 12.34
C GLY D 435 -53.08 -29.73 11.46
N GLY D 436 -54.02 -29.02 12.06
CA GLY D 436 -55.14 -28.46 11.34
C GLY D 436 -54.72 -27.43 10.32
N ALA D 437 -55.60 -27.19 9.35
CA ALA D 437 -55.33 -26.26 8.27
C ALA D 437 -55.08 -24.85 8.77
N LEU D 438 -56.00 -24.29 9.55
CA LEU D 438 -55.86 -22.92 10.02
C LEU D 438 -54.69 -22.78 10.99
N ASN D 439 -54.23 -23.89 11.58
CA ASN D 439 -53.02 -23.82 12.39
C ASN D 439 -51.80 -23.51 11.55
N SER D 440 -51.59 -24.28 10.47
CA SER D 440 -50.50 -23.97 9.57
C SER D 440 -50.72 -22.61 8.91
N LEU D 441 -51.98 -22.20 8.75
CA LEU D 441 -52.25 -20.87 8.22
C LEU D 441 -51.77 -19.79 9.17
N GLY D 442 -52.06 -19.93 10.46
CA GLY D 442 -51.57 -18.98 11.44
C GLY D 442 -50.06 -18.99 11.53
N LYS D 443 -49.46 -20.18 11.56
CA LYS D 443 -48.00 -20.29 11.51
C LYS D 443 -47.43 -19.51 10.34
N GLY D 444 -47.98 -19.72 9.13
CA GLY D 444 -47.43 -19.07 7.96
C GLY D 444 -47.66 -17.56 7.95
N ILE D 445 -48.88 -17.14 8.29
CA ILE D 445 -49.17 -15.72 8.25
C ILE D 445 -48.30 -14.98 9.25
N HIS D 446 -48.14 -15.53 10.46
CA HIS D 446 -47.20 -14.94 11.39
C HIS D 446 -45.78 -15.05 10.87
N GLN D 447 -45.43 -16.14 10.18
CA GLN D 447 -44.09 -16.26 9.64
C GLN D 447 -43.74 -15.07 8.77
N ILE D 448 -44.48 -14.89 7.68
CA ILE D 448 -44.16 -13.80 6.75
C ILE D 448 -44.38 -12.45 7.43
N PHE D 449 -45.52 -12.26 8.09
CA PHE D 449 -45.84 -10.93 8.63
C PHE D 449 -44.86 -10.52 9.71
N GLY D 450 -44.59 -11.39 10.69
CA GLY D 450 -43.69 -11.03 11.76
C GLY D 450 -42.24 -11.02 11.35
N ALA D 451 -41.86 -11.80 10.35
CA ALA D 451 -40.52 -11.67 9.81
C ALA D 451 -40.34 -10.30 9.18
N ALA D 452 -41.35 -9.84 8.42
CA ALA D 452 -41.33 -8.47 7.93
C ALA D 452 -41.34 -7.47 9.08
N PHE D 453 -42.05 -7.78 10.15
CA PHE D 453 -42.08 -6.88 11.30
C PHE D 453 -40.70 -6.73 11.91
N LYS D 454 -39.99 -7.84 12.06
CA LYS D 454 -38.58 -7.79 12.39
C LYS D 454 -37.79 -6.91 11.44
N SER D 455 -37.68 -7.32 10.17
CA SER D 455 -36.74 -6.68 9.26
C SER D 455 -37.07 -5.21 9.05
N LEU D 456 -38.36 -4.85 9.12
CA LEU D 456 -38.75 -3.46 9.02
C LEU D 456 -38.51 -2.70 10.32
N PHE D 457 -39.21 -3.09 11.38
CA PHE D 457 -39.05 -2.47 12.69
C PHE D 457 -37.97 -3.20 13.49
N GLY D 458 -36.73 -3.12 12.99
CA GLY D 458 -35.62 -3.85 13.56
C GLY D 458 -35.32 -3.50 15.01
N GLY D 459 -35.54 -4.46 15.90
CA GLY D 459 -35.21 -4.32 17.30
C GLY D 459 -35.65 -3.03 17.94
N MET D 460 -36.92 -2.67 17.80
CA MET D 460 -37.43 -1.42 18.33
C MET D 460 -37.40 -1.44 19.84
N SER D 461 -36.81 -0.42 20.43
CA SER D 461 -36.60 -0.36 21.87
C SER D 461 -37.92 -0.16 22.60
N TRP D 462 -37.83 -0.10 23.91
CA TRP D 462 -38.99 0.22 24.74
C TRP D 462 -39.57 1.57 24.34
N PHE D 463 -38.82 2.64 24.64
CA PHE D 463 -39.26 3.99 24.33
C PHE D 463 -39.59 4.17 22.86
N SER D 464 -38.72 3.67 21.97
CA SER D 464 -38.98 3.79 20.55
C SER D 464 -40.36 3.24 20.21
N GLN D 465 -40.57 1.95 20.43
CA GLN D 465 -41.84 1.33 20.12
C GLN D 465 -43.00 2.02 20.81
N ILE D 466 -42.79 2.55 22.01
CA ILE D 466 -43.84 3.29 22.69
C ILE D 466 -44.30 4.47 21.83
N LEU D 467 -43.38 5.37 21.51
CA LEU D 467 -43.81 6.58 20.81
C LEU D 467 -44.26 6.24 19.39
N ILE D 468 -43.66 5.21 18.79
CA ILE D 468 -44.12 4.81 17.46
C ILE D 468 -45.57 4.38 17.52
N GLY D 469 -45.94 3.55 18.49
CA GLY D 469 -47.34 3.20 18.65
C GLY D 469 -48.22 4.41 18.86
N THR D 470 -47.76 5.35 19.69
CA THR D 470 -48.58 6.53 19.97
C THR D 470 -48.87 7.33 18.70
N LEU D 471 -47.83 7.63 17.92
CA LEU D 471 -48.04 8.44 16.73
C LEU D 471 -48.81 7.66 15.67
N LEU D 472 -48.60 6.34 15.58
CA LEU D 472 -49.45 5.54 14.73
C LEU D 472 -50.91 5.63 15.14
N MET D 473 -51.18 5.74 16.44
CA MET D 473 -52.56 5.91 16.88
C MET D 473 -53.09 7.26 16.40
N TRP D 474 -52.35 8.33 16.73
CA TRP D 474 -52.71 9.68 16.34
C TRP D 474 -52.99 9.78 14.84
N LEU D 475 -52.29 8.98 14.05
CA LEU D 475 -52.51 8.99 12.61
C LEU D 475 -53.68 8.11 12.23
N GLY D 476 -53.87 6.99 12.95
CA GLY D 476 -55.01 6.14 12.70
C GLY D 476 -56.34 6.83 12.85
N LEU D 477 -56.38 7.94 13.60
CA LEU D 477 -57.62 8.71 13.59
C LEU D 477 -57.67 9.73 12.44
N ASN D 478 -56.51 10.17 11.95
CA ASN D 478 -56.47 11.37 11.10
C ASN D 478 -56.83 11.06 9.64
N THR D 479 -56.25 10.00 9.08
CA THR D 479 -56.26 9.81 7.64
C THR D 479 -57.66 9.41 7.18
N LYS D 480 -57.96 9.62 5.90
CA LYS D 480 -59.22 9.22 5.30
C LYS D 480 -59.19 7.72 5.07
N ASN D 481 -60.13 7.22 4.26
CA ASN D 481 -59.99 5.93 3.58
C ASN D 481 -59.47 4.83 4.50
N GLY D 482 -60.29 4.49 5.51
CA GLY D 482 -59.91 3.68 6.65
C GLY D 482 -58.97 2.54 6.31
N SER D 483 -59.10 2.00 5.11
CA SER D 483 -58.26 0.91 4.60
C SER D 483 -56.82 1.01 5.06
N ILE D 484 -56.20 2.18 4.95
CA ILE D 484 -54.81 2.32 5.39
C ILE D 484 -54.72 2.89 6.79
N SER D 485 -55.62 3.80 7.18
CA SER D 485 -55.59 4.30 8.54
C SER D 485 -55.93 3.19 9.54
N LEU D 486 -56.76 2.23 9.14
CA LEU D 486 -56.96 1.04 9.96
C LEU D 486 -55.67 0.24 10.08
N MET D 487 -54.87 0.22 9.02
CA MET D 487 -53.58 -0.45 9.09
C MET D 487 -52.63 0.30 10.01
N CYS D 488 -52.76 1.62 10.08
CA CYS D 488 -52.04 2.41 11.08
C CYS D 488 -52.46 2.01 12.48
N LEU D 489 -53.77 2.01 12.73
CA LEU D 489 -54.29 1.53 14.01
C LEU D 489 -53.77 0.15 14.35
N ALA D 490 -53.72 -0.74 13.37
CA ALA D 490 -53.28 -2.10 13.59
C ALA D 490 -51.82 -2.16 14.01
N LEU D 491 -50.92 -1.57 13.22
CA LEU D 491 -49.51 -1.60 13.61
C LEU D 491 -49.28 -0.88 14.92
N GLY D 492 -49.96 0.24 15.15
CA GLY D 492 -49.81 0.95 16.41
C GLY D 492 -50.22 0.10 17.60
N GLY D 493 -51.34 -0.61 17.48
CA GLY D 493 -51.78 -1.47 18.56
C GLY D 493 -50.84 -2.64 18.76
N VAL D 494 -50.32 -3.20 17.67
CA VAL D 494 -49.28 -4.22 17.79
C VAL D 494 -48.10 -3.69 18.59
N LEU D 495 -47.65 -2.49 18.27
CA LEU D 495 -46.50 -1.91 18.97
C LEU D 495 -46.80 -1.69 20.45
N ILE D 496 -47.97 -1.15 20.75
CA ILE D 496 -48.30 -0.88 22.14
C ILE D 496 -48.43 -2.19 22.91
N PHE D 497 -49.05 -3.21 22.31
CA PHE D 497 -49.10 -4.49 22.98
C PHE D 497 -47.73 -5.08 23.20
N LEU D 498 -46.84 -4.92 22.22
CA LEU D 498 -45.46 -5.32 22.45
C LEU D 498 -44.84 -4.56 23.61
N SER D 499 -45.27 -3.31 23.84
CA SER D 499 -44.81 -2.59 25.00
C SER D 499 -45.54 -3.02 26.27
N THR D 500 -46.59 -3.82 26.15
CA THR D 500 -47.18 -4.40 27.34
C THR D 500 -46.50 -5.70 27.72
N ALA D 501 -45.21 -5.84 27.41
CA ALA D 501 -44.51 -7.12 27.51
C ALA D 501 -44.31 -7.54 28.95
N VAL D 502 -43.54 -8.61 29.15
CA VAL D 502 -43.29 -9.18 30.48
C VAL D 502 -42.73 -8.11 31.42
N SER D 503 -42.14 -7.05 30.86
CA SER D 503 -41.55 -5.96 31.63
C SER D 503 -42.43 -5.50 32.79
N ALA D 504 -43.75 -5.59 32.63
CA ALA D 504 -44.66 -5.24 33.70
C ALA D 504 -44.82 -6.38 34.71
N ALA E 1 -13.79 6.69 23.65
CA ALA E 1 -14.29 5.35 23.87
C ALA E 1 -15.77 5.36 24.15
N VAL E 2 -16.54 5.83 23.18
CA VAL E 2 -17.99 5.77 23.26
C VAL E 2 -18.45 4.34 23.14
N THR E 3 -18.93 3.75 24.24
CA THR E 3 -19.48 2.40 24.19
C THR E 3 -20.86 2.43 23.52
N LEU E 4 -20.82 2.71 22.23
CA LEU E 4 -21.98 3.13 21.46
C LEU E 4 -23.21 2.24 21.65
N PRO E 5 -23.11 0.95 21.37
CA PRO E 5 -24.33 0.18 21.13
C PRO E 5 -25.10 -0.14 22.39
N SER E 6 -26.03 0.72 22.79
CA SER E 6 -26.97 0.34 23.83
C SER E 6 -27.81 -0.82 23.33
N HIS E 7 -27.53 -2.02 23.85
CA HIS E 7 -28.01 -3.27 23.28
C HIS E 7 -29.53 -3.38 23.25
N SER E 8 -30.23 -2.57 24.03
CA SER E 8 -31.69 -2.57 23.96
C SER E 8 -32.18 -2.41 22.53
N THR E 9 -31.38 -1.78 21.67
CA THR E 9 -31.73 -1.71 20.25
C THR E 9 -31.62 -3.07 19.58
N ARG E 10 -31.24 -4.10 20.33
CA ARG E 10 -31.20 -5.46 19.85
C ARG E 10 -31.79 -6.39 20.90
N LYS E 11 -32.94 -5.99 21.41
CA LYS E 11 -33.62 -6.73 22.45
C LYS E 11 -33.85 -8.17 22.03
N LEU E 12 -33.87 -9.06 23.00
CA LEU E 12 -34.35 -10.41 22.81
C LEU E 12 -35.72 -10.55 23.45
N GLN E 13 -36.75 -10.66 22.62
CA GLN E 13 -38.12 -10.72 23.12
C GLN E 13 -38.43 -12.10 23.72
N THR E 14 -37.64 -12.52 24.69
CA THR E 14 -37.71 -13.87 25.21
C THR E 14 -38.13 -13.87 26.68
N ARG E 15 -38.83 -14.94 27.08
CA ARG E 15 -39.59 -14.99 28.32
C ARG E 15 -38.78 -14.64 29.55
N SER E 16 -37.51 -15.02 29.64
CA SER E 16 -36.79 -14.70 30.85
C SER E 16 -36.43 -13.23 30.86
N GLN E 17 -36.35 -12.67 32.06
CA GLN E 17 -36.11 -11.25 32.20
C GLN E 17 -34.71 -10.88 31.73
N THR E 18 -34.63 -9.79 30.96
CA THR E 18 -33.39 -9.39 30.27
C THR E 18 -32.42 -8.75 31.25
N TRP E 19 -31.37 -8.09 30.77
CA TRP E 19 -30.27 -7.77 31.68
C TRP E 19 -30.67 -6.74 32.73
N LEU E 20 -31.00 -5.52 32.32
CA LEU E 20 -31.21 -4.46 33.30
C LEU E 20 -32.51 -3.69 33.05
N GLU E 21 -33.53 -4.37 32.54
CA GLU E 21 -34.77 -3.69 32.16
C GLU E 21 -35.33 -2.84 33.30
N SER E 22 -35.10 -3.28 34.54
CA SER E 22 -35.71 -2.65 35.70
C SER E 22 -35.53 -1.14 35.66
N ARG E 23 -34.30 -0.68 35.51
CA ARG E 23 -34.05 0.74 35.34
C ARG E 23 -34.14 1.18 33.89
N GLU E 24 -34.06 0.27 32.93
CA GLU E 24 -34.05 0.68 31.55
C GLU E 24 -35.37 1.27 31.10
N TYR E 25 -36.49 0.64 31.45
CA TYR E 25 -37.75 1.19 30.94
C TYR E 25 -38.20 2.41 31.72
N THR E 26 -37.25 3.09 32.37
CA THR E 26 -37.43 4.43 32.90
C THR E 26 -36.24 5.34 32.61
N LYS E 27 -35.13 4.81 32.12
CA LYS E 27 -33.89 5.59 32.07
C LYS E 27 -33.98 6.71 31.06
N HIS E 28 -34.61 6.48 29.91
CA HIS E 28 -34.70 7.55 28.92
C HIS E 28 -35.64 8.65 29.40
N LEU E 29 -36.71 8.28 30.10
CA LEU E 29 -37.57 9.30 30.69
C LEU E 29 -36.81 10.14 31.71
N ILE E 30 -36.07 9.49 32.60
CA ILE E 30 -35.31 10.29 33.55
C ILE E 30 -34.23 11.10 32.83
N ARG E 31 -33.71 10.59 31.71
CA ARG E 31 -32.80 11.34 30.86
C ARG E 31 -33.41 12.66 30.42
N VAL E 32 -34.52 12.57 29.68
CA VAL E 32 -35.11 13.78 29.12
C VAL E 32 -35.56 14.71 30.22
N GLU E 33 -36.11 14.18 31.31
CA GLU E 33 -36.63 15.03 32.36
C GLU E 33 -35.51 15.74 33.11
N ASN E 34 -34.42 15.02 33.41
CA ASN E 34 -33.25 15.66 33.97
C ASN E 34 -32.70 16.74 33.06
N TRP E 35 -32.55 16.43 31.77
CA TRP E 35 -31.98 17.38 30.85
C TRP E 35 -32.82 18.66 30.77
N ILE E 36 -34.13 18.52 30.70
CA ILE E 36 -34.97 19.71 30.61
C ILE E 36 -35.04 20.44 31.94
N PHE E 37 -34.99 19.73 33.06
CA PHE E 37 -34.92 20.39 34.36
C PHE E 37 -33.65 21.19 34.49
N ARG E 38 -32.60 20.81 33.77
CA ARG E 38 -31.37 21.58 33.79
C ARG E 38 -31.36 22.71 32.77
N ASN E 39 -32.07 22.56 31.66
CA ASN E 39 -32.09 23.57 30.60
C ASN E 39 -33.52 23.99 30.34
N PRO E 40 -34.14 24.71 31.28
CA PRO E 40 -35.57 24.99 31.16
C PRO E 40 -35.95 25.84 29.97
N GLY E 41 -35.40 27.05 29.82
CA GLY E 41 -35.81 27.96 28.75
C GLY E 41 -35.82 27.32 27.38
N PHE E 42 -35.08 26.24 27.20
CA PHE E 42 -35.19 25.48 25.98
C PHE E 42 -36.62 25.03 25.72
N ALA E 43 -37.45 24.99 26.76
CA ALA E 43 -38.86 24.69 26.56
C ALA E 43 -39.48 25.69 25.59
N LEU E 44 -39.52 26.97 25.96
CA LEU E 44 -40.12 27.96 25.09
C LEU E 44 -39.30 28.15 23.81
N ALA E 45 -38.01 27.81 23.85
CA ALA E 45 -37.27 27.75 22.59
C ALA E 45 -37.93 26.77 21.62
N ALA E 46 -38.03 25.51 22.02
CA ALA E 46 -38.73 24.51 21.22
C ALA E 46 -40.13 24.96 20.87
N ALA E 47 -40.80 25.66 21.78
CA ALA E 47 -42.16 26.11 21.51
C ALA E 47 -42.19 27.06 20.32
N ALA E 48 -41.40 28.13 20.39
CA ALA E 48 -41.36 29.06 19.27
C ALA E 48 -40.90 28.38 17.99
N ILE E 49 -40.04 27.37 18.09
CA ILE E 49 -39.61 26.67 16.90
C ILE E 49 -40.79 25.92 16.28
N ALA E 50 -41.39 25.00 17.04
CA ALA E 50 -42.45 24.15 16.53
C ALA E 50 -43.67 24.95 16.09
N TRP E 51 -44.09 25.94 16.87
CA TRP E 51 -45.23 26.77 16.49
C TRP E 51 -45.03 27.43 15.14
N LEU E 52 -43.82 27.40 14.61
CA LEU E 52 -43.53 27.93 13.29
C LEU E 52 -43.41 26.86 12.22
N LEU E 53 -43.61 25.59 12.57
CA LEU E 53 -43.59 24.50 11.60
C LEU E 53 -44.88 23.72 11.66
N GLY E 54 -45.23 23.07 10.56
CA GLY E 54 -46.43 22.25 10.53
C GLY E 54 -47.67 23.06 10.24
N SER E 55 -47.87 24.14 11.00
CA SER E 55 -48.99 25.04 10.80
C SER E 55 -50.31 24.28 10.81
N SER E 56 -50.47 23.41 11.80
CA SER E 56 -51.65 22.57 11.90
C SER E 56 -52.38 22.65 13.24
N THR E 57 -51.74 23.18 14.29
CA THR E 57 -52.19 23.10 15.67
C THR E 57 -52.28 21.65 16.13
N SER E 58 -51.89 20.69 15.29
CA SER E 58 -51.79 19.30 15.66
C SER E 58 -50.41 18.73 15.38
N GLN E 59 -49.78 19.10 14.28
CA GLN E 59 -48.38 18.79 14.06
C GLN E 59 -47.47 19.66 14.89
N LYS E 60 -48.00 20.76 15.44
CA LYS E 60 -47.19 21.64 16.28
C LYS E 60 -46.63 20.88 17.48
N VAL E 61 -47.49 20.18 18.22
CA VAL E 61 -47.01 19.39 19.33
C VAL E 61 -46.07 18.30 18.83
N ILE E 62 -46.26 17.84 17.60
CA ILE E 62 -45.38 16.80 17.07
C ILE E 62 -43.97 17.35 16.89
N TYR E 63 -43.85 18.59 16.41
CA TYR E 63 -42.52 19.17 16.30
C TYR E 63 -41.99 19.57 17.67
N LEU E 64 -42.88 19.82 18.63
CA LEU E 64 -42.44 20.02 20.01
C LEU E 64 -41.76 18.76 20.52
N VAL E 65 -42.35 17.61 20.25
CA VAL E 65 -41.74 16.34 20.61
C VAL E 65 -40.42 16.16 19.86
N MET E 66 -40.43 16.46 18.55
CA MET E 66 -39.20 16.50 17.77
C MET E 66 -38.08 17.20 18.52
N ILE E 67 -38.28 18.46 18.88
CA ILE E 67 -37.18 19.25 19.42
C ILE E 67 -36.82 18.78 20.81
N LEU E 68 -37.81 18.65 21.69
CA LEU E 68 -37.55 18.20 23.04
C LEU E 68 -37.00 16.78 23.10
N LEU E 69 -37.01 16.06 21.99
CA LEU E 69 -36.46 14.71 21.97
C LEU E 69 -35.23 14.57 21.11
N ILE E 70 -34.81 15.60 20.39
CA ILE E 70 -33.44 15.58 19.89
C ILE E 70 -32.51 16.15 20.93
N ALA E 71 -32.98 17.17 21.65
CA ALA E 71 -32.10 17.87 22.59
C ALA E 71 -31.41 16.98 23.61
N PRO E 72 -32.10 16.11 24.35
CA PRO E 72 -31.43 15.42 25.46
C PRO E 72 -30.24 14.57 25.06
N ALA E 73 -30.48 13.55 24.24
CA ALA E 73 -29.49 12.50 24.05
C ALA E 73 -28.36 12.93 23.13
N TYR E 74 -28.68 13.28 21.88
CA TYR E 74 -27.66 13.58 20.88
C TYR E 74 -26.81 14.78 21.22
N SER E 75 -27.12 15.46 22.31
CA SER E 75 -26.32 16.60 22.71
C SER E 75 -25.02 16.15 23.35
N ALA F 1 7.43 9.93 -22.06
CA ALA F 1 7.01 8.54 -21.99
C ALA F 1 5.68 8.40 -21.28
N VAL F 2 4.66 9.01 -21.85
CA VAL F 2 3.30 8.85 -21.35
C VAL F 2 2.81 7.45 -21.63
N THR F 3 2.70 6.62 -20.60
CA THR F 3 2.15 5.28 -20.77
C THR F 3 0.64 5.36 -20.97
N LEU F 4 0.27 5.91 -22.12
CA LEU F 4 -1.07 6.41 -22.40
C LEU F 4 -2.17 5.43 -22.04
N PRO F 5 -2.19 4.23 -22.60
CA PRO F 5 -3.42 3.46 -22.62
C PRO F 5 -3.77 2.83 -21.29
N SER F 6 -4.52 3.53 -20.45
CA SER F 6 -5.10 2.89 -19.29
C SER F 6 -6.07 1.80 -19.76
N HIS F 7 -5.64 0.55 -19.61
CA HIS F 7 -6.28 -0.59 -20.26
C HIS F 7 -7.74 -0.78 -19.86
N SER F 8 -8.16 -0.19 -18.75
CA SER F 8 -9.57 -0.26 -18.36
C SER F 8 -10.48 0.15 -19.52
N THR F 9 -9.98 1.00 -20.42
CA THR F 9 -10.74 1.35 -21.62
C THR F 9 -10.85 0.16 -22.57
N ARG F 10 -10.27 -0.98 -22.20
CA ARG F 10 -10.39 -2.21 -22.96
C ARG F 10 -10.63 -3.37 -22.02
N LYS F 11 -11.56 -3.15 -21.10
CA LYS F 11 -11.90 -4.14 -20.08
C LYS F 11 -12.26 -5.46 -20.73
N LEU F 12 -11.97 -6.55 -20.01
CA LEU F 12 -12.51 -7.85 -20.35
C LEU F 12 -13.61 -8.20 -19.36
N GLN F 13 -14.85 -8.19 -19.84
CA GLN F 13 -16.00 -8.45 -18.98
C GLN F 13 -16.12 -9.92 -18.62
N THR F 14 -15.07 -10.49 -18.05
CA THR F 14 -14.97 -11.93 -17.85
C THR F 14 -14.93 -12.26 -16.35
N ARG F 15 -15.47 -13.42 -16.01
CA ARG F 15 -15.82 -13.77 -14.63
C ARG F 15 -14.66 -13.65 -13.65
N SER F 16 -13.43 -13.96 -14.04
CA SER F 16 -12.37 -13.86 -13.06
C SER F 16 -12.01 -12.39 -12.84
N GLN F 17 -11.56 -12.10 -11.64
CA GLN F 17 -11.29 -10.73 -11.27
C GLN F 17 -10.09 -10.19 -12.05
N THR F 18 -10.24 -8.96 -12.55
CA THR F 18 -9.29 -8.35 -13.47
C THR F 18 -8.06 -7.87 -12.72
N TRP F 19 -7.20 -7.05 -13.34
CA TRP F 19 -5.88 -6.87 -12.76
C TRP F 19 -5.92 -6.10 -11.44
N LEU F 20 -6.35 -4.85 -11.46
CA LEU F 20 -6.25 -4.03 -10.25
C LEU F 20 -7.55 -3.31 -9.93
N GLU F 21 -8.69 -3.93 -10.23
CA GLU F 21 -9.98 -3.26 -10.07
C GLU F 21 -10.16 -2.70 -8.67
N SER F 22 -9.56 -3.38 -7.67
CA SER F 22 -9.79 -3.03 -6.27
C SER F 22 -9.61 -1.54 -6.03
N ARG F 23 -8.49 -0.99 -6.45
CA ARG F 23 -8.29 0.45 -6.38
C ARG F 23 -8.82 1.18 -7.60
N GLU F 24 -9.05 0.48 -8.71
CA GLU F 24 -9.46 1.18 -9.91
C GLU F 24 -10.84 1.76 -9.79
N TYR F 25 -11.81 1.01 -9.27
CA TYR F 25 -13.16 1.57 -9.25
C TYR F 25 -13.34 2.57 -8.12
N THR F 26 -12.23 3.16 -7.65
CA THR F 26 -12.23 4.36 -6.82
C THR F 26 -11.18 5.37 -7.24
N LYS F 27 -10.28 5.02 -8.16
CA LYS F 27 -9.11 5.87 -8.41
C LYS F 27 -9.50 7.18 -9.08
N HIS F 28 -10.46 7.15 -10.00
CA HIS F 28 -10.85 8.39 -10.66
C HIS F 28 -11.58 9.31 -9.70
N LEU F 29 -12.38 8.74 -8.79
CA LEU F 29 -13.01 9.56 -7.77
C LEU F 29 -11.97 10.21 -6.88
N ILE F 30 -11.00 9.44 -6.40
CA ILE F 30 -9.97 10.07 -5.59
C ILE F 30 -9.17 11.08 -6.40
N ARG F 31 -9.02 10.84 -7.71
CA ARG F 31 -8.42 11.80 -8.61
C ARG F 31 -9.12 13.15 -8.55
N VAL F 32 -10.40 13.15 -8.92
CA VAL F 32 -11.13 14.41 -9.00
C VAL F 32 -11.21 15.07 -7.63
N GLU F 33 -11.39 14.27 -6.58
CA GLU F 33 -11.56 14.87 -5.26
C GLU F 33 -10.26 15.47 -4.74
N ASN F 34 -9.15 14.78 -4.96
CA ASN F 34 -7.85 15.34 -4.65
C ASN F 34 -7.61 16.62 -5.44
N TRP F 35 -7.86 16.59 -6.74
CA TRP F 35 -7.59 17.76 -7.56
C TRP F 35 -8.40 18.96 -7.11
N ILE F 36 -9.68 18.76 -6.80
CA ILE F 36 -10.49 19.89 -6.37
C ILE F 36 -10.15 20.33 -4.96
N PHE F 37 -9.76 19.40 -4.09
CA PHE F 37 -9.29 19.77 -2.76
C PHE F 37 -8.03 20.62 -2.84
N ARG F 38 -7.27 20.45 -3.92
CA ARG F 38 -6.08 21.28 -4.10
C ARG F 38 -6.38 22.59 -4.81
N ASN F 39 -7.39 22.63 -5.67
CA ASN F 39 -7.73 23.83 -6.42
C ASN F 39 -9.18 24.21 -6.14
N PRO F 40 -9.47 24.68 -4.92
CA PRO F 40 -10.86 24.91 -4.53
C PRO F 40 -11.60 25.96 -5.35
N GLY F 41 -11.11 27.20 -5.39
CA GLY F 41 -11.82 28.28 -6.05
C GLY F 41 -12.26 27.95 -7.47
N PHE F 42 -11.61 26.98 -8.09
CA PHE F 42 -12.10 26.48 -9.35
C PHE F 42 -13.54 26.02 -9.26
N ALA F 43 -14.01 25.69 -8.05
CA ALA F 43 -15.42 25.36 -7.87
C ALA F 43 -16.31 26.50 -8.37
N LEU F 44 -16.21 27.67 -7.74
CA LEU F 44 -17.04 28.78 -8.16
C LEU F 44 -16.66 29.28 -9.55
N ALA F 45 -15.43 29.03 -9.97
CA ALA F 45 -15.10 29.27 -11.38
C ALA F 45 -16.04 28.48 -12.29
N ALA F 46 -16.02 27.16 -12.16
CA ALA F 46 -16.93 26.31 -12.91
C ALA F 46 -18.38 26.73 -12.72
N ALA F 47 -18.73 27.19 -11.52
CA ALA F 47 -20.10 27.60 -11.26
C ALA F 47 -20.49 28.77 -12.15
N ALA F 48 -19.72 29.86 -12.09
CA ALA F 48 -20.01 31.01 -12.94
C ALA F 48 -19.97 30.63 -14.42
N ILE F 49 -19.13 29.68 -14.80
CA ILE F 49 -19.10 29.26 -16.20
C ILE F 49 -20.42 28.59 -16.57
N ALA F 50 -20.74 27.49 -15.89
CA ALA F 50 -21.93 26.70 -16.22
C ALA F 50 -23.21 27.50 -16.09
N TRP F 51 -23.36 28.28 -15.02
CA TRP F 51 -24.56 29.10 -14.85
C TRP F 51 -24.78 30.04 -16.02
N LEU F 52 -23.79 30.20 -16.89
CA LEU F 52 -23.92 31.01 -18.08
C LEU F 52 -24.15 30.19 -19.34
N LEU F 53 -24.24 28.87 -19.24
CA LEU F 53 -24.53 28.01 -20.38
C LEU F 53 -25.75 27.15 -20.09
N GLY F 54 -26.42 26.73 -21.16
CA GLY F 54 -27.57 25.86 -21.00
C GLY F 54 -28.84 26.64 -20.71
N SER F 55 -28.78 27.52 -19.72
CA SER F 55 -29.91 28.37 -19.37
C SER F 55 -31.17 27.55 -19.13
N SER F 56 -31.01 26.48 -18.35
CA SER F 56 -32.11 25.57 -18.09
C SER F 56 -32.39 25.32 -16.61
N THR F 57 -31.46 25.66 -15.71
CA THR F 57 -31.45 25.26 -14.31
C THR F 57 -31.41 23.75 -14.16
N SER F 58 -31.32 23.02 -15.27
CA SER F 58 -31.11 21.58 -15.26
C SER F 58 -29.89 21.16 -16.06
N GLN F 59 -29.63 21.81 -17.20
CA GLN F 59 -28.36 21.62 -17.89
C GLN F 59 -27.23 22.36 -17.19
N LYS F 60 -27.56 23.29 -16.29
CA LYS F 60 -26.53 24.01 -15.57
C LYS F 60 -25.64 23.06 -14.79
N VAL F 61 -26.23 22.18 -13.99
CA VAL F 61 -25.43 21.21 -13.28
C VAL F 61 -24.70 20.29 -14.26
N ILE F 62 -25.26 20.09 -15.45
CA ILE F 62 -24.59 19.25 -16.43
C ILE F 62 -23.30 19.90 -16.90
N TYR F 63 -23.33 21.22 -17.12
CA TYR F 63 -22.09 21.89 -17.49
C TYR F 63 -21.16 22.04 -16.29
N LEU F 64 -21.71 22.02 -15.08
CA LEU F 64 -20.87 21.95 -13.90
C LEU F 64 -20.07 20.65 -13.89
N VAL F 65 -20.74 19.54 -14.22
CA VAL F 65 -20.04 18.27 -14.35
C VAL F 65 -19.02 18.35 -15.48
N MET F 66 -19.43 18.89 -16.62
CA MET F 66 -18.50 19.18 -17.71
C MET F 66 -17.19 19.77 -17.20
N ILE F 67 -17.27 20.92 -16.53
CA ILE F 67 -16.06 21.64 -16.19
C ILE F 67 -15.27 20.91 -15.12
N LEU F 68 -15.95 20.54 -14.03
CA LEU F 68 -15.28 19.84 -12.94
C LEU F 68 -14.77 18.47 -13.36
N LEU F 69 -15.12 18.00 -14.55
CA LEU F 69 -14.61 16.73 -15.03
C LEU F 69 -13.69 16.84 -16.23
N ILE F 70 -13.52 18.02 -16.80
CA ILE F 70 -12.37 18.19 -17.68
C ILE F 70 -11.16 18.59 -16.86
N ALA F 71 -11.39 19.40 -15.84
CA ALA F 71 -10.26 19.95 -15.08
C ALA F 71 -9.29 18.90 -14.55
N PRO F 72 -9.71 17.86 -13.84
CA PRO F 72 -8.74 17.00 -13.15
C PRO F 72 -7.74 16.32 -14.07
N ALA F 73 -8.23 15.49 -14.98
CA ALA F 73 -7.35 14.56 -15.68
C ALA F 73 -6.55 15.25 -16.79
N TYR F 74 -7.25 15.83 -17.77
CA TYR F 74 -6.58 16.37 -18.95
C TYR F 74 -5.66 17.53 -18.63
N SER F 75 -5.61 17.97 -17.37
CA SER F 75 -4.73 19.03 -16.99
C SER F 75 -3.29 18.54 -16.90
N GLU G 1 27.58 17.43 40.81
CA GLU G 1 28.47 17.85 39.75
C GLU G 1 28.14 17.14 38.45
N VAL G 2 28.00 17.92 37.37
CA VAL G 2 27.65 17.37 36.07
C VAL G 2 28.68 16.31 35.69
N GLN G 3 28.20 15.09 35.47
CA GLN G 3 29.08 13.96 35.21
C GLN G 3 28.24 12.77 34.76
N LEU G 4 28.75 12.04 33.78
CA LEU G 4 28.09 10.84 33.26
C LEU G 4 28.87 9.62 33.70
N VAL G 5 28.19 8.48 33.76
CA VAL G 5 28.84 7.23 34.13
C VAL G 5 28.25 6.11 33.29
N GLN G 6 29.11 5.25 32.80
CA GLN G 6 28.71 4.14 31.96
C GLN G 6 28.68 2.87 32.79
N SER G 7 28.21 1.80 32.18
CA SER G 7 28.27 0.48 32.80
C SER G 7 29.67 -0.10 32.59
N GLY G 8 29.89 -1.26 33.19
CA GLY G 8 31.17 -1.93 33.06
C GLY G 8 31.39 -2.45 31.66
N PRO G 9 32.65 -2.73 31.34
CA PRO G 9 32.95 -3.37 30.07
C PRO G 9 32.27 -4.72 29.96
N ASP G 10 31.97 -5.11 28.73
CA ASP G 10 31.20 -6.32 28.50
C ASP G 10 31.68 -7.03 27.25
N VAL G 11 31.45 -8.34 27.22
CA VAL G 11 31.79 -9.19 26.07
C VAL G 11 30.54 -9.96 25.66
N GLU G 12 30.27 -10.01 24.37
CA GLU G 12 29.06 -10.59 23.83
C GLU G 12 29.39 -11.51 22.67
N LYS G 13 28.37 -12.26 22.22
CA LYS G 13 28.36 -13.13 21.06
C LYS G 13 28.20 -12.31 19.78
N PRO G 14 28.83 -12.73 18.69
CA PRO G 14 28.52 -12.13 17.39
C PRO G 14 27.07 -12.41 17.02
N GLY G 15 26.36 -11.34 16.66
CA GLY G 15 24.95 -11.44 16.37
C GLY G 15 24.03 -11.24 17.56
N ALA G 16 24.57 -11.05 18.75
CA ALA G 16 23.80 -10.81 19.96
C ALA G 16 23.42 -9.33 20.03
N SER G 17 22.95 -8.89 21.19
CA SER G 17 22.64 -7.49 21.44
C SER G 17 23.22 -7.07 22.77
N VAL G 18 23.91 -5.93 22.80
CA VAL G 18 24.52 -5.42 24.03
C VAL G 18 23.83 -4.12 24.41
N LYS G 19 23.51 -3.98 25.69
CA LYS G 19 22.94 -2.74 26.19
C LYS G 19 23.85 -2.14 27.23
N VAL G 20 24.31 -0.92 26.95
CA VAL G 20 25.17 -0.15 27.84
C VAL G 20 24.32 0.96 28.46
N SER G 21 24.46 1.16 29.76
CA SER G 21 23.74 2.19 30.47
C SER G 21 24.60 3.44 30.60
N CYS G 22 23.92 4.58 30.73
CA CYS G 22 24.61 5.84 30.94
C CYS G 22 23.76 6.66 31.92
N LYS G 23 24.27 6.84 33.13
CA LYS G 23 23.59 7.55 34.20
C LYS G 23 24.20 8.93 34.36
N ALA G 24 23.33 9.92 34.59
CA ALA G 24 23.75 11.31 34.69
C ALA G 24 23.73 11.79 36.13
N SER G 25 24.49 12.85 36.38
CA SER G 25 24.57 13.42 37.72
C SER G 25 24.87 14.91 37.61
N GLY G 26 24.30 15.67 38.53
CA GLY G 26 24.61 17.08 38.65
C GLY G 26 23.80 18.02 37.80
N TYR G 27 22.86 17.52 37.00
CA TYR G 27 22.07 18.40 36.16
C TYR G 27 20.67 17.84 36.02
N THR G 28 19.76 18.67 35.52
CA THR G 28 18.40 18.22 35.25
C THR G 28 18.43 17.29 34.05
N PHE G 29 18.04 16.04 34.25
CA PHE G 29 18.28 15.00 33.26
C PHE G 29 17.63 15.31 31.92
N THR G 30 16.58 16.14 31.92
CA THR G 30 15.83 16.42 30.71
C THR G 30 16.33 17.67 29.99
N SER G 31 17.61 18.01 30.11
CA SER G 31 18.13 19.21 29.50
C SER G 31 19.40 19.01 28.70
N ASN G 32 19.72 17.78 28.30
CA ASN G 32 20.99 17.55 27.61
C ASN G 32 20.86 16.37 26.65
N TYR G 33 21.02 16.64 25.36
CA TYR G 33 21.01 15.58 24.35
C TYR G 33 22.13 14.59 24.61
N ILE G 34 21.79 13.31 24.71
CA ILE G 34 22.80 12.28 24.92
C ILE G 34 23.29 11.81 23.57
N HIS G 35 24.57 12.05 23.31
CA HIS G 35 25.22 11.57 22.10
C HIS G 35 26.03 10.33 22.42
N TRP G 36 25.89 9.31 21.58
CA TRP G 36 26.71 8.12 21.63
C TRP G 36 27.71 8.15 20.49
N VAL G 37 28.98 7.87 20.79
CA VAL G 37 30.06 7.90 19.82
C VAL G 37 30.94 6.68 20.02
N ARG G 38 31.28 5.98 18.94
CA ARG G 38 32.09 4.78 19.00
C ARG G 38 33.57 5.12 18.85
N GLN G 39 34.42 4.20 19.29
CA GLN G 39 35.85 4.31 19.03
C GLN G 39 36.45 2.93 19.04
N ALA G 40 36.83 2.43 17.87
CA ALA G 40 37.61 1.21 17.78
C ALA G 40 38.97 1.43 18.42
N PRO G 41 39.60 0.38 18.95
CA PRO G 41 40.81 0.58 19.75
C PRO G 41 41.90 1.36 19.03
N GLY G 42 42.09 1.12 17.75
CA GLY G 42 43.10 1.82 16.99
C GLY G 42 42.55 2.93 16.13
N GLN G 43 41.22 2.98 16.02
CA GLN G 43 40.57 3.94 15.14
C GLN G 43 40.25 5.21 15.93
N GLY G 44 39.81 6.22 15.20
CA GLY G 44 39.38 7.46 15.80
C GLY G 44 37.97 7.37 16.34
N LEU G 45 37.38 8.54 16.61
CA LEU G 45 36.01 8.60 17.06
C LEU G 45 35.06 8.81 15.89
N GLU G 46 33.95 8.08 15.93
CA GLU G 46 32.88 8.25 14.94
C GLU G 46 31.55 8.29 15.67
N TRP G 47 30.83 9.38 15.50
CA TRP G 47 29.57 9.61 16.18
C TRP G 47 28.58 8.52 15.82
N MET G 48 28.03 7.84 16.83
CA MET G 48 27.04 6.81 16.55
C MET G 48 25.66 7.42 16.35
N GLY G 49 25.14 8.10 17.38
CA GLY G 49 23.80 8.61 17.31
C GLY G 49 23.48 9.54 18.45
N VAL G 50 22.22 9.95 18.54
CA VAL G 50 21.75 10.86 19.58
C VAL G 50 20.37 10.43 20.04
N ILE G 51 20.11 10.66 21.32
CA ILE G 51 18.82 10.45 21.95
C ILE G 51 18.54 11.66 22.83
N ASN G 52 17.27 11.98 23.03
CA ASN G 52 16.91 12.97 24.02
C ASN G 52 16.38 12.28 25.25
N PRO G 53 16.96 12.53 26.43
CA PRO G 53 16.39 11.97 27.66
C PRO G 53 14.91 12.24 27.83
N ARG G 54 14.41 13.37 27.37
CA ARG G 54 12.98 13.63 27.39
C ARG G 54 12.35 12.99 26.17
N GLY G 55 11.15 12.42 26.35
CA GLY G 55 10.36 11.90 25.23
C GLY G 55 10.98 10.79 24.44
N GLY G 56 12.19 10.36 24.76
CA GLY G 56 12.80 9.24 24.06
C GLY G 56 13.00 9.42 22.58
N SER G 57 13.24 10.64 22.11
CA SER G 57 13.51 10.85 20.70
C SER G 57 14.87 10.29 20.32
N THR G 58 15.01 9.90 19.06
CA THR G 58 16.18 9.14 18.64
C THR G 58 16.58 9.50 17.21
N ALA G 59 17.86 9.29 16.94
CA ALA G 59 18.42 9.33 15.58
C ALA G 59 19.82 8.77 15.64
N SER G 60 20.35 8.41 14.47
CA SER G 60 21.68 7.81 14.39
C SER G 60 22.22 8.02 12.99
N ALA G 61 23.27 7.27 12.66
CA ALA G 61 23.80 7.26 11.31
C ALA G 61 23.49 5.93 10.62
N GLN G 62 23.64 5.92 9.29
CA GLN G 62 23.38 4.71 8.52
C GLN G 62 24.31 3.56 8.85
N LYS G 63 25.47 3.83 9.45
CA LYS G 63 26.35 2.74 9.85
C LYS G 63 25.74 1.85 10.91
N PHE G 64 24.56 2.19 11.43
CA PHE G 64 23.94 1.42 12.49
C PHE G 64 22.43 1.30 12.30
N GLN G 65 21.90 1.79 11.18
CA GLN G 65 20.47 1.68 10.91
C GLN G 65 20.04 0.23 10.98
N GLY G 66 19.03 -0.04 11.81
CA GLY G 66 18.51 -1.38 11.96
C GLY G 66 19.12 -2.19 13.08
N ARG G 67 20.25 -1.77 13.64
CA ARG G 67 20.80 -2.45 14.81
C ARG G 67 20.73 -1.63 16.09
N ILE G 68 20.73 -0.30 15.99
CA ILE G 68 20.87 0.54 17.15
C ILE G 68 19.48 0.93 17.66
N THR G 69 19.30 0.80 18.96
CA THR G 69 18.12 1.33 19.64
C THR G 69 18.60 2.10 20.85
N MET G 70 17.92 3.20 21.16
CA MET G 70 18.31 4.08 22.25
C MET G 70 17.07 4.49 23.01
N THR G 71 17.04 4.17 24.30
CA THR G 71 15.85 4.44 25.10
C THR G 71 16.22 5.26 26.33
N ARG G 72 15.21 5.89 26.91
CA ARG G 72 15.34 6.75 28.07
C ARG G 72 14.89 6.00 29.32
N ASP G 73 15.25 6.54 30.48
CA ASP G 73 14.68 6.09 31.74
C ASP G 73 14.67 7.31 32.65
N THR G 74 13.53 8.01 32.69
CA THR G 74 13.47 9.28 33.38
C THR G 74 13.62 9.12 34.88
N SER G 75 13.26 7.96 35.43
CA SER G 75 13.27 7.80 36.88
C SER G 75 14.68 7.97 37.43
N THR G 76 15.56 7.02 37.11
CA THR G 76 16.93 7.10 37.58
C THR G 76 17.81 7.99 36.72
N SER G 77 17.23 8.72 35.77
CA SER G 77 17.98 9.63 34.91
C SER G 77 19.06 8.88 34.14
N THR G 78 18.62 7.93 33.33
CA THR G 78 19.55 7.06 32.61
C THR G 78 19.14 6.96 31.15
N VAL G 79 20.08 6.57 30.31
CA VAL G 79 19.82 6.27 28.90
C VAL G 79 20.47 4.93 28.59
N TYR G 80 19.74 4.10 27.86
CA TYR G 80 20.17 2.74 27.57
C TYR G 80 20.36 2.58 26.06
N MET G 81 21.52 2.05 25.67
CA MET G 81 21.86 1.84 24.28
C MET G 81 21.92 0.35 24.02
N GLU G 82 21.17 -0.12 23.02
CA GLU G 82 21.30 -1.49 22.53
C GLU G 82 21.88 -1.47 21.13
N LEU G 83 22.94 -2.24 20.95
CA LEU G 83 23.43 -2.61 19.62
C LEU G 83 22.94 -4.02 19.35
N SER G 84 22.30 -4.23 18.20
CA SER G 84 21.78 -5.52 17.82
C SER G 84 22.65 -6.11 16.71
N SER G 85 22.51 -7.43 16.54
CA SER G 85 23.24 -8.19 15.52
C SER G 85 24.72 -7.79 15.50
N LEU G 86 25.39 -8.13 16.61
CA LEU G 86 26.77 -7.71 16.80
C LEU G 86 27.69 -8.31 15.77
N ARG G 87 28.75 -7.58 15.46
CA ARG G 87 29.65 -7.82 14.35
C ARG G 87 31.07 -7.51 14.79
N SER G 88 32.04 -8.14 14.12
CA SER G 88 33.44 -8.08 14.55
C SER G 88 33.97 -6.66 14.69
N ASP G 89 33.39 -5.68 13.99
CA ASP G 89 33.85 -4.30 14.18
C ASP G 89 33.37 -3.70 15.48
N ASP G 90 32.33 -4.28 16.09
CA ASP G 90 31.74 -3.70 17.29
C ASP G 90 32.68 -3.70 18.48
N THR G 91 33.75 -4.50 18.46
CA THR G 91 34.68 -4.50 19.58
C THR G 91 35.35 -3.13 19.63
N ALA G 92 34.94 -2.31 20.58
CA ALA G 92 35.35 -0.92 20.62
C ALA G 92 35.09 -0.39 22.03
N VAL G 93 35.13 0.92 22.18
CA VAL G 93 34.68 1.59 23.38
C VAL G 93 33.68 2.66 22.96
N TYR G 94 32.52 2.68 23.61
CA TYR G 94 31.47 3.61 23.27
C TYR G 94 31.35 4.65 24.38
N TYR G 95 31.06 5.89 23.98
CA TYR G 95 30.98 7.02 24.89
C TYR G 95 29.61 7.66 24.80
N CYS G 96 29.10 8.08 25.95
CA CYS G 96 27.85 8.82 26.04
C CYS G 96 28.16 10.21 26.60
N ALA G 97 27.44 11.22 26.12
CA ALA G 97 27.78 12.59 26.49
C ALA G 97 26.55 13.48 26.47
N ARG G 98 26.52 14.45 27.39
CA ARG G 98 25.44 15.42 27.47
C ARG G 98 25.71 16.55 26.49
N GLY G 99 24.66 17.13 25.92
CA GLY G 99 24.86 18.10 24.87
C GLY G 99 23.87 19.24 24.82
N GLY G 100 24.37 20.47 24.86
CA GLY G 100 23.69 21.68 24.45
C GLY G 100 22.27 21.95 24.92
N ARG G 101 21.57 22.78 24.14
CA ARG G 101 20.25 23.29 24.50
C ARG G 101 19.18 22.27 24.15
N ALA G 102 19.05 21.23 24.96
CA ALA G 102 18.07 20.18 24.70
C ALA G 102 16.68 20.69 25.00
N LEU G 103 16.11 21.49 24.10
CA LEU G 103 14.84 22.12 24.44
C LEU G 103 13.68 21.15 24.34
N PHE G 104 13.35 20.68 23.13
CA PHE G 104 12.31 19.65 23.10
C PHE G 104 12.83 18.24 22.93
N TYR G 105 13.08 17.84 21.68
CA TYR G 105 13.32 16.43 21.39
C TYR G 105 13.99 16.31 20.02
N ASP G 106 15.32 16.40 19.96
CA ASP G 106 16.00 16.34 18.66
C ASP G 106 17.52 16.45 18.77
N SER G 107 18.17 16.65 17.62
CA SER G 107 19.56 17.12 17.59
C SER G 107 19.62 18.64 17.65
N TYR G 108 18.87 19.32 16.78
CA TYR G 108 18.67 20.76 16.84
C TYR G 108 19.98 21.54 16.76
N THR G 109 20.65 21.48 15.60
CA THR G 109 21.98 22.04 15.48
C THR G 109 22.06 23.30 14.62
N THR G 110 21.01 23.64 13.89
CA THR G 110 20.99 24.93 13.23
C THR G 110 21.10 26.06 14.25
N PRO G 111 20.41 26.00 15.40
CA PRO G 111 20.73 26.93 16.49
C PRO G 111 22.10 26.65 17.11
N ARG G 112 22.41 27.36 18.19
CA ARG G 112 23.76 27.37 18.72
C ARG G 112 24.12 26.05 19.38
N ASP G 113 25.37 25.98 19.82
CA ASP G 113 25.97 24.77 20.38
C ASP G 113 27.16 25.19 21.22
N GLY G 114 28.01 24.23 21.55
CA GLY G 114 29.21 24.53 22.29
C GLY G 114 28.95 24.65 23.78
N GLY G 115 29.87 25.34 24.46
CA GLY G 115 29.83 25.41 25.90
C GLY G 115 29.73 24.01 26.46
N SER G 116 30.79 23.22 26.27
CA SER G 116 30.70 21.77 26.32
C SER G 116 29.59 21.29 25.38
N TRP G 117 29.82 21.53 24.09
CA TRP G 117 28.94 21.07 23.03
C TRP G 117 28.40 19.68 23.32
N TRP G 118 29.28 18.71 23.56
CA TRP G 118 28.90 17.50 24.27
C TRP G 118 30.02 16.97 25.16
N PHE G 119 30.78 17.84 25.83
CA PHE G 119 32.05 17.35 26.34
C PHE G 119 32.19 17.49 27.85
N ASP G 120 31.17 17.96 28.54
CA ASP G 120 31.44 17.94 29.98
C ASP G 120 31.44 16.50 30.50
N PRO G 121 30.32 15.77 30.45
CA PRO G 121 30.32 14.43 31.03
C PRO G 121 30.61 13.34 30.01
N TRP G 122 31.86 13.19 29.59
CA TRP G 122 32.18 12.09 28.68
C TRP G 122 32.34 10.78 29.42
N GLY G 123 32.13 10.80 30.74
CA GLY G 123 32.14 9.58 31.52
C GLY G 123 33.46 8.86 31.53
N GLN G 124 33.41 7.54 31.32
CA GLN G 124 34.59 6.69 31.45
C GLN G 124 34.85 5.82 30.24
N GLY G 125 33.87 5.66 29.36
CA GLY G 125 34.04 4.81 28.21
C GLY G 125 33.67 3.37 28.50
N SER G 126 32.82 2.83 27.64
CA SER G 126 32.31 1.47 27.79
C SER G 126 33.03 0.57 26.81
N LEU G 127 33.95 -0.24 27.32
CA LEU G 127 34.67 -1.20 26.48
C LEU G 127 33.82 -2.43 26.24
N VAL G 128 33.58 -2.74 24.97
CA VAL G 128 32.80 -3.92 24.58
C VAL G 128 33.65 -4.74 23.63
N THR G 129 33.63 -6.05 23.80
CA THR G 129 34.33 -7.00 22.96
C THR G 129 33.32 -8.04 22.46
N VAL G 130 33.40 -8.39 21.19
CA VAL G 130 32.44 -9.29 20.57
C VAL G 130 33.18 -10.50 20.02
N SER G 131 33.06 -11.62 20.70
CA SER G 131 33.67 -12.87 20.26
C SER G 131 33.06 -14.02 21.06
N SER G 132 33.66 -15.20 20.93
CA SER G 132 33.21 -16.38 21.66
C SER G 132 34.22 -16.74 22.74
N ASP H 1 30.09 12.03 4.66
CA ASP H 1 29.41 13.14 3.94
C ASP H 1 30.13 14.46 4.27
N ILE H 2 30.91 14.47 5.35
CA ILE H 2 31.65 15.70 5.75
C ILE H 2 33.14 15.37 5.98
N GLN H 3 33.76 14.74 4.98
CA GLN H 3 35.18 14.42 4.95
C GLN H 3 35.98 15.59 5.52
N LEU H 4 36.70 15.32 6.60
CA LEU H 4 37.50 16.33 7.27
C LEU H 4 38.91 15.77 7.49
N THR H 5 39.89 16.35 6.81
CA THR H 5 41.27 15.96 7.00
C THR H 5 41.92 16.76 8.13
N GLN H 6 42.64 16.05 8.99
CA GLN H 6 43.31 16.63 10.16
C GLN H 6 44.80 16.35 10.06
N SER H 7 45.57 17.39 9.74
CA SER H 7 47.00 17.34 9.50
C SER H 7 47.77 17.95 10.66
N PRO H 8 48.96 17.44 10.98
CA PRO H 8 49.57 16.25 10.35
C PRO H 8 48.99 14.96 10.92
N SER H 9 49.66 13.83 10.70
CA SER H 9 49.25 12.60 11.33
C SER H 9 49.81 12.49 12.74
N SER H 10 51.00 13.02 12.95
CA SER H 10 51.68 12.90 14.23
C SER H 10 52.71 14.01 14.33
N LEU H 11 53.17 14.27 15.55
CA LEU H 11 54.24 15.24 15.77
C LEU H 11 54.94 14.88 17.07
N SER H 12 56.13 15.43 17.24
CA SER H 12 56.89 15.25 18.47
C SER H 12 57.73 16.50 18.66
N ALA H 13 57.70 17.06 19.86
CA ALA H 13 58.38 18.32 20.10
C ALA H 13 58.88 18.37 21.53
N SER H 14 59.77 19.33 21.77
CA SER H 14 60.32 19.57 23.10
C SER H 14 59.35 20.40 23.92
N VAL H 15 59.61 20.44 25.22
CA VAL H 15 58.77 21.23 26.12
C VAL H 15 58.96 22.71 25.80
N GLY H 16 57.89 23.48 25.93
CA GLY H 16 57.95 24.91 25.73
C GLY H 16 57.86 25.38 24.29
N ASP H 17 57.49 24.50 23.36
CA ASP H 17 57.35 24.85 21.96
C ASP H 17 55.88 25.14 21.65
N ARG H 18 55.66 25.92 20.60
CA ARG H 18 54.33 26.07 20.04
C ARG H 18 54.12 24.96 19.01
N VAL H 19 52.92 24.41 18.97
CA VAL H 19 52.57 23.45 17.92
C VAL H 19 51.22 23.86 17.34
N THR H 20 51.03 23.59 16.07
CA THR H 20 49.75 23.89 15.43
C THR H 20 49.27 22.70 14.62
N PHE H 21 47.97 22.44 14.70
CA PHE H 21 47.28 21.43 13.92
C PHE H 21 46.30 22.10 12.98
N THR H 22 46.18 21.55 11.78
CA THR H 22 45.23 22.04 10.79
C THR H 22 44.16 21.00 10.57
N CYS H 23 42.93 21.44 10.32
CA CYS H 23 41.88 20.57 9.80
C CYS H 23 41.06 21.31 8.77
N GLN H 24 41.03 20.79 7.55
CA GLN H 24 40.18 21.34 6.52
C GLN H 24 39.15 20.29 6.15
N ALA H 25 37.90 20.72 6.04
CA ALA H 25 36.82 19.85 5.63
C ALA H 25 36.42 20.17 4.20
N SER H 26 35.81 19.20 3.54
CA SER H 26 35.34 19.40 2.17
C SER H 26 34.08 20.25 2.11
N GLN H 27 33.57 20.69 3.25
CA GLN H 27 32.27 21.34 3.33
C GLN H 27 32.43 22.68 4.01
N ASP H 28 31.36 23.48 4.01
CA ASP H 28 31.35 24.73 4.76
C ASP H 28 30.81 24.49 6.16
N ILE H 29 31.64 24.74 7.17
CA ILE H 29 31.36 24.40 8.56
C ILE H 29 31.48 25.65 9.43
N ARG H 30 30.90 26.76 8.97
CA ARG H 30 31.32 28.12 9.34
C ARG H 30 31.93 28.27 10.72
N LYS H 31 31.24 27.80 11.76
CA LYS H 31 31.78 27.92 13.11
C LYS H 31 31.54 26.66 13.95
N TYR H 32 30.98 25.61 13.35
CA TYR H 32 30.57 24.42 14.09
C TYR H 32 31.70 23.39 14.09
N LEU H 33 32.81 23.76 14.72
CA LEU H 33 33.96 22.88 14.83
C LEU H 33 34.45 22.86 16.27
N ASN H 34 34.97 21.71 16.70
CA ASN H 34 35.39 21.57 18.09
C ASN H 34 36.68 20.76 18.16
N TRP H 35 37.39 20.90 19.28
CA TRP H 35 38.70 20.29 19.48
C TRP H 35 38.82 19.67 20.86
N TYR H 36 39.36 18.45 20.90
CA TYR H 36 39.68 17.69 22.11
C TYR H 36 41.14 17.23 22.07
N GLN H 37 41.63 16.79 23.22
CA GLN H 37 42.80 15.91 23.29
C GLN H 37 42.50 14.80 24.29
N GLN H 38 42.86 13.57 23.93
CA GLN H 38 42.55 12.41 24.76
C GLN H 38 43.80 11.56 24.95
N LYS H 39 44.05 11.15 26.19
CA LYS H 39 45.00 10.09 26.44
C LYS H 39 44.39 8.75 26.08
N PRO H 40 45.22 7.74 25.83
CA PRO H 40 44.75 6.35 25.94
C PRO H 40 44.16 6.13 27.32
N GLY H 41 43.00 5.49 27.37
CA GLY H 41 42.37 5.21 28.64
C GLY H 41 41.90 6.44 29.41
N LYS H 42 41.61 7.52 28.71
CA LYS H 42 41.12 8.74 29.34
C LYS H 42 39.85 9.23 28.66
N ALA H 43 39.06 9.96 29.42
CA ALA H 43 38.13 10.90 28.82
C ALA H 43 38.94 12.08 28.30
N PRO H 44 38.60 12.65 27.13
CA PRO H 44 39.47 13.66 26.52
C PRO H 44 39.56 14.93 27.34
N LYS H 45 40.40 15.87 26.90
CA LYS H 45 40.72 17.06 27.66
C LYS H 45 39.98 18.25 27.07
N LEU H 46 39.44 19.09 27.94
CA LEU H 46 38.75 20.32 27.54
C LEU H 46 39.68 21.19 26.71
N LEU H 47 39.40 21.32 25.41
CA LEU H 47 40.18 22.20 24.56
C LEU H 47 39.36 23.34 23.95
N ILE H 48 38.40 23.04 23.08
CA ILE H 48 37.88 24.11 22.22
C ILE H 48 36.46 23.79 21.76
N TYR H 49 35.57 24.76 21.92
CA TYR H 49 34.26 24.75 21.28
C TYR H 49 34.20 25.89 20.27
N ASP H 50 33.44 25.67 19.20
CA ASP H 50 33.20 26.68 18.16
C ASP H 50 34.49 27.10 17.45
N ALA H 51 35.55 26.29 17.57
CA ALA H 51 36.84 26.47 16.89
C ALA H 51 37.52 27.78 17.24
N SER H 52 36.97 28.59 18.13
CA SER H 52 37.58 29.86 18.49
C SER H 52 37.44 30.21 19.96
N ASN H 53 36.91 29.31 20.78
CA ASN H 53 36.47 29.65 22.13
C ASN H 53 37.12 28.74 23.15
N LEU H 54 37.77 29.35 24.12
CA LEU H 54 38.32 28.64 25.27
C LEU H 54 37.22 28.35 26.29
N LYS H 55 37.24 27.13 26.80
CA LYS H 55 36.29 26.72 27.82
C LYS H 55 36.83 27.08 29.20
N THR H 56 35.91 27.31 30.14
CA THR H 56 36.31 27.57 31.51
C THR H 56 37.13 26.42 32.05
N GLY H 57 38.20 26.76 32.77
CA GLY H 57 39.11 25.77 33.33
C GLY H 57 40.23 25.37 32.40
N VAL H 58 40.09 25.59 31.11
CA VAL H 58 41.15 25.26 30.15
C VAL H 58 42.30 26.26 30.33
N PRO H 59 43.54 25.81 30.35
CA PRO H 59 44.66 26.76 30.38
C PRO H 59 44.70 27.59 29.11
N SER H 60 45.16 28.83 29.26
CA SER H 60 45.33 29.72 28.11
C SER H 60 46.47 29.27 27.21
N ARG H 61 47.10 28.15 27.54
CA ARG H 61 48.14 27.51 26.75
C ARG H 61 47.64 27.07 25.39
N PHE H 62 46.32 26.99 25.20
CA PHE H 62 45.71 26.51 23.97
C PHE H 62 44.91 27.61 23.30
N SER H 63 44.83 27.55 21.98
CA SER H 63 44.02 28.49 21.22
C SER H 63 43.54 27.84 19.94
N GLY H 64 42.43 28.34 19.42
CA GLY H 64 41.85 27.82 18.19
C GLY H 64 41.35 28.94 17.32
N SER H 65 41.46 28.73 16.01
CA SER H 65 41.08 29.76 15.05
C SER H 65 40.70 29.10 13.73
N GLY H 66 40.27 29.92 12.79
CA GLY H 66 39.85 29.45 11.49
C GLY H 66 38.41 29.83 11.20
N SER H 67 38.11 30.23 9.98
CA SER H 67 36.75 30.69 9.66
C SER H 67 36.03 29.79 8.66
N GLY H 68 36.51 29.67 7.43
CA GLY H 68 35.67 29.11 6.38
C GLY H 68 35.56 27.61 6.32
N THR H 69 36.67 26.95 6.01
CA THR H 69 36.70 25.50 5.84
C THR H 69 37.89 24.84 6.50
N ASP H 70 38.94 25.59 6.82
CA ASP H 70 40.16 25.06 7.40
C ASP H 70 40.47 25.83 8.68
N PHE H 71 40.95 25.12 9.69
CA PHE H 71 41.01 25.66 11.04
C PHE H 71 42.27 25.19 11.75
N THR H 72 42.84 26.08 12.55
CA THR H 72 44.15 25.90 13.16
C THR H 72 44.02 25.90 14.68
N PHE H 73 44.47 24.84 15.31
CA PHE H 73 44.65 24.81 16.76
C PHE H 73 46.14 24.98 17.08
N THR H 74 46.42 25.56 18.25
CA THR H 74 47.80 25.86 18.62
C THR H 74 47.99 25.72 20.12
N ILE H 75 49.03 24.99 20.50
CA ILE H 75 49.59 24.99 21.84
C ILE H 75 50.71 26.02 21.87
N SER H 76 50.60 26.98 22.79
CA SER H 76 51.60 28.04 22.89
C SER H 76 52.92 27.50 23.44
N SER H 77 52.87 26.73 24.53
CA SER H 77 54.08 26.18 25.14
C SER H 77 53.82 24.73 25.52
N LEU H 78 54.68 23.84 25.02
CA LEU H 78 54.51 22.41 25.28
C LEU H 78 54.80 22.09 26.73
N GLN H 79 54.04 21.15 27.29
CA GLN H 79 54.17 20.71 28.67
C GLN H 79 53.94 19.20 28.76
N PRO H 80 54.47 18.55 29.81
CA PRO H 80 54.33 17.10 29.91
C PRO H 80 52.90 16.58 29.87
N GLU H 81 51.90 17.36 30.27
CA GLU H 81 50.53 16.90 30.26
C GLU H 81 49.89 17.06 28.90
N ASP H 82 50.66 17.43 27.89
CA ASP H 82 50.15 17.64 26.54
C ASP H 82 50.28 16.41 25.68
N VAL H 83 50.79 15.30 26.23
CA VAL H 83 50.86 14.08 25.45
C VAL H 83 49.46 13.49 25.39
N ALA H 84 48.96 13.32 24.17
CA ALA H 84 47.61 12.83 23.90
C ALA H 84 47.47 12.73 22.40
N THR H 85 46.31 12.24 21.97
CA THR H 85 45.90 12.35 20.57
C THR H 85 44.85 13.43 20.48
N TYR H 86 45.10 14.42 19.62
CA TYR H 86 44.23 15.57 19.48
C TYR H 86 43.23 15.30 18.37
N TYR H 87 42.00 15.76 18.55
CA TYR H 87 40.94 15.52 17.60
C TYR H 87 40.18 16.81 17.31
N CYS H 88 39.86 16.98 16.04
CA CYS H 88 38.98 18.03 15.57
C CYS H 88 37.76 17.39 14.92
N GLN H 89 36.59 17.98 15.15
CA GLN H 89 35.35 17.38 14.64
C GLN H 89 34.29 18.44 14.41
N GLN H 90 33.51 18.27 13.35
CA GLN H 90 32.48 19.23 13.02
C GLN H 90 31.19 18.91 13.76
N PHE H 91 30.21 19.80 13.62
CA PHE H 91 28.94 19.69 14.33
C PHE H 91 27.73 19.73 13.41
N ASP H 92 27.92 20.02 12.12
CA ASP H 92 26.80 20.32 11.24
C ASP H 92 26.38 19.12 10.40
N ASP H 93 25.12 19.17 9.94
CA ASP H 93 24.57 18.32 8.88
C ASP H 93 24.37 16.88 9.34
N LEU H 94 24.91 16.56 10.51
CA LEU H 94 24.69 15.34 11.29
C LEU H 94 24.97 13.99 10.63
N PRO H 95 26.01 13.82 9.82
CA PRO H 95 26.80 12.58 9.93
C PRO H 95 28.06 12.86 10.71
N ILE H 96 27.97 13.21 11.99
CA ILE H 96 29.10 13.81 12.69
C ILE H 96 30.33 12.93 12.59
N THR H 97 31.43 13.51 12.10
CA THR H 97 32.69 12.82 11.97
C THR H 97 33.74 13.51 12.83
N PHE H 98 34.83 12.82 13.09
CA PHE H 98 35.99 13.40 13.75
C PHE H 98 37.22 13.21 12.86
N GLY H 99 38.32 13.81 13.27
CA GLY H 99 39.59 13.50 12.65
C GLY H 99 40.13 12.19 13.16
N GLN H 100 40.98 11.57 12.34
CA GLN H 100 41.64 10.34 12.78
C GLN H 100 42.62 10.62 13.90
N GLY H 101 43.24 11.80 13.91
CA GLY H 101 44.06 12.17 15.05
C GLY H 101 45.34 12.92 14.76
N THR H 102 45.87 13.57 15.79
CA THR H 102 47.18 14.19 15.76
C THR H 102 47.86 13.83 17.07
N ARG H 103 48.92 13.04 16.99
CA ARG H 103 49.54 12.42 18.16
C ARG H 103 50.78 13.20 18.59
N LEU H 104 51.03 13.22 19.89
CA LEU H 104 52.15 13.97 20.42
C LEU H 104 53.17 13.04 21.07
N GLN H 105 54.35 13.62 21.30
CA GLN H 105 55.46 12.94 21.96
C GLN H 105 56.43 13.99 22.49
N ILE H 106 56.88 13.81 23.73
CA ILE H 106 57.87 14.70 24.33
C ILE H 106 59.27 14.16 24.03
N LYS H 107 60.23 15.06 23.90
CA LYS H 107 61.59 14.68 23.55
C LYS H 107 62.50 14.56 24.78
N GLU I 1 11.27 -41.43 3.07
CA GLU I 1 10.50 -41.93 4.20
C GLU I 1 10.13 -40.80 5.15
N VAL I 2 8.85 -40.73 5.50
CA VAL I 2 8.34 -39.69 6.39
C VAL I 2 9.14 -39.71 7.70
N GLN I 3 9.78 -38.59 8.00
CA GLN I 3 10.67 -38.52 9.15
C GLN I 3 11.06 -37.06 9.37
N LEU I 4 11.11 -36.67 10.64
CA LEU I 4 11.49 -35.31 11.03
C LEU I 4 12.86 -35.37 11.68
N VAL I 5 13.58 -34.25 11.65
CA VAL I 5 14.89 -34.17 12.27
C VAL I 5 15.04 -32.80 12.89
N GLN I 6 15.58 -32.76 14.10
CA GLN I 6 15.77 -31.52 14.83
C GLN I 6 17.23 -31.11 14.73
N SER I 7 17.51 -29.92 15.25
CA SER I 7 18.88 -29.46 15.35
C SER I 7 19.53 -30.09 16.58
N GLY I 8 20.82 -29.83 16.76
CA GLY I 8 21.53 -30.36 17.89
C GLY I 8 21.09 -29.71 19.19
N PRO I 9 21.42 -30.36 20.29
CA PRO I 9 21.15 -29.76 21.60
C PRO I 9 21.92 -28.46 21.76
N ASP I 10 21.36 -27.56 22.56
CA ASP I 10 21.91 -26.21 22.68
C ASP I 10 21.77 -25.72 24.11
N VAL I 11 22.66 -24.80 24.48
CA VAL I 11 22.65 -24.16 25.80
C VAL I 11 22.64 -22.65 25.58
N GLU I 12 21.81 -21.95 26.31
CA GLU I 12 21.60 -20.52 26.14
C GLU I 12 21.63 -19.82 27.49
N LYS I 13 21.65 -18.47 27.44
CA LYS I 13 21.55 -17.56 28.56
C LYS I 13 20.10 -17.42 29.03
N PRO I 14 19.89 -17.25 30.32
CA PRO I 14 18.56 -16.88 30.79
C PRO I 14 18.16 -15.52 30.24
N GLY I 15 16.98 -15.46 29.63
CA GLY I 15 16.51 -14.25 28.99
C GLY I 15 16.90 -14.11 27.53
N ALA I 16 17.65 -15.07 26.99
CA ALA I 16 18.04 -15.06 25.58
C ALA I 16 16.90 -15.64 24.75
N SER I 17 17.19 -15.98 23.49
CA SER I 17 16.23 -16.63 22.60
C SER I 17 16.91 -17.78 21.90
N VAL I 18 16.26 -18.94 21.88
CA VAL I 18 16.79 -20.13 21.23
C VAL I 18 15.91 -20.49 20.05
N LYS I 19 16.54 -20.81 18.92
CA LYS I 19 15.80 -21.26 17.75
C LYS I 19 16.23 -22.67 17.39
N VAL I 20 15.28 -23.58 17.40
CA VAL I 20 15.47 -24.98 17.03
C VAL I 20 14.83 -25.19 15.68
N SER I 21 15.55 -25.89 14.80
CA SER I 21 15.05 -26.21 13.47
C SER I 21 14.42 -27.59 13.44
N CYS I 22 13.50 -27.78 12.52
CA CYS I 22 12.87 -29.08 12.32
C CYS I 22 12.68 -29.27 10.82
N LYS I 23 13.43 -30.19 10.24
CA LYS I 23 13.41 -30.48 8.82
C LYS I 23 12.64 -31.77 8.56
N ALA I 24 11.84 -31.76 7.50
CA ALA I 24 10.98 -32.89 7.17
C ALA I 24 11.54 -33.68 5.99
N SER I 25 11.09 -34.92 5.88
CA SER I 25 11.55 -35.80 4.82
C SER I 25 10.45 -36.81 4.52
N GLY I 26 10.32 -37.17 3.24
CA GLY I 26 9.44 -38.24 2.82
C GLY I 26 8.01 -37.84 2.56
N TYR I 27 7.64 -36.58 2.69
CA TYR I 27 6.27 -36.18 2.45
C TYR I 27 6.26 -34.76 1.88
N THR I 28 5.11 -34.38 1.34
CA THR I 28 4.93 -33.01 0.85
C THR I 28 4.87 -32.06 2.04
N PHE I 29 5.83 -31.15 2.11
CA PHE I 29 6.03 -30.39 3.35
C PHE I 29 4.80 -29.58 3.72
N THR I 30 3.93 -29.27 2.77
CA THR I 30 2.76 -28.43 3.02
C THR I 30 1.52 -29.23 3.34
N SER I 31 1.66 -30.41 3.93
CA SER I 31 0.51 -31.24 4.23
C SER I 31 0.47 -31.78 5.65
N ASN I 32 1.20 -31.19 6.59
CA ASN I 32 1.24 -31.74 7.94
C ASN I 32 1.49 -30.63 8.95
N TYR I 33 0.52 -30.41 9.83
CA TYR I 33 0.65 -29.44 10.91
C TYR I 33 1.82 -29.82 11.81
N ILE I 34 2.75 -28.88 12.01
CA ILE I 34 3.89 -29.13 12.88
C ILE I 34 3.51 -28.73 14.30
N HIS I 35 3.48 -29.71 15.19
CA HIS I 35 3.23 -29.48 16.60
C HIS I 35 4.55 -29.50 17.35
N TRP I 36 4.74 -28.52 18.22
CA TRP I 36 5.85 -28.47 19.16
C TRP I 36 5.35 -28.81 20.54
N VAL I 37 6.06 -29.70 21.23
CA VAL I 37 5.68 -30.16 22.57
C VAL I 37 6.93 -30.20 23.44
N ARG I 38 6.84 -29.66 24.65
CA ARG I 38 7.98 -29.61 25.56
C ARG I 38 7.98 -30.84 26.46
N GLN I 39 9.15 -31.11 27.04
CA GLN I 39 9.25 -32.14 28.07
C GLN I 39 10.44 -31.81 28.96
N ALA I 40 10.15 -31.38 30.19
CA ALA I 40 11.20 -31.25 31.19
C ALA I 40 11.76 -32.62 31.53
N PRO I 41 13.03 -32.69 31.94
CA PRO I 41 13.69 -34.00 32.08
C PRO I 41 12.92 -34.97 32.96
N GLY I 42 12.34 -34.51 34.06
CA GLY I 42 11.59 -35.37 34.94
C GLY I 42 10.09 -35.26 34.76
N GLN I 43 9.66 -34.27 33.99
CA GLN I 43 8.24 -34.01 33.82
C GLN I 43 7.72 -34.76 32.62
N GLY I 44 6.40 -34.74 32.45
CA GLY I 44 5.77 -35.34 31.30
C GLY I 44 5.83 -34.44 30.08
N LEU I 45 4.99 -34.76 29.10
CA LEU I 45 4.90 -33.94 27.90
C LEU I 45 3.77 -32.92 28.03
N GLU I 46 4.06 -31.70 27.59
CA GLU I 46 3.05 -30.65 27.53
C GLU I 46 3.16 -29.96 26.19
N TRP I 47 2.06 -29.99 25.44
CA TRP I 47 2.02 -29.42 24.10
C TRP I 47 2.35 -27.94 24.14
N MET I 48 3.36 -27.52 23.37
CA MET I 48 3.69 -26.10 23.32
C MET I 48 2.78 -25.36 22.36
N GLY I 49 2.80 -25.73 21.08
CA GLY I 49 2.04 -25.00 20.09
C GLY I 49 2.00 -25.71 18.76
N VAL I 50 1.44 -25.03 17.77
CA VAL I 50 1.32 -25.58 16.42
C VAL I 50 1.58 -24.49 15.40
N ILE I 51 2.15 -24.89 14.28
CA ILE I 51 2.38 -24.05 13.12
C ILE I 51 1.99 -24.86 11.89
N ASN I 52 1.57 -24.16 10.84
CA ASN I 52 1.36 -24.82 9.57
C ASN I 52 2.52 -24.50 8.64
N PRO I 53 3.21 -25.49 8.11
CA PRO I 53 4.26 -25.22 7.12
C PRO I 53 3.82 -24.33 5.99
N ARG I 54 2.56 -24.43 5.56
CA ARG I 54 2.05 -23.52 4.56
C ARG I 54 1.59 -22.24 5.23
N GLY I 55 1.82 -21.10 4.57
CA GLY I 55 1.31 -19.83 5.03
C GLY I 55 1.78 -19.35 6.39
N GLY I 56 2.60 -20.13 7.09
CA GLY I 56 3.14 -19.70 8.36
C GLY I 56 2.12 -19.40 9.44
N SER I 57 0.99 -20.08 9.44
CA SER I 57 0.00 -19.88 10.50
C SER I 57 0.52 -20.44 11.82
N THR I 58 0.05 -19.85 12.92
CA THR I 58 0.62 -20.14 14.22
C THR I 58 -0.43 -20.11 15.32
N ALA I 59 -0.15 -20.84 16.39
CA ALA I 59 -0.90 -20.78 17.63
C ALA I 59 -0.10 -21.53 18.69
N SER I 60 -0.44 -21.29 19.96
CA SER I 60 0.28 -21.90 21.06
C SER I 60 -0.62 -21.91 22.29
N ALA I 61 -0.02 -22.14 23.45
CA ALA I 61 -0.73 -22.04 24.71
C ALA I 61 -0.25 -20.80 25.50
N GLN I 62 -1.05 -20.42 26.49
CA GLN I 62 -0.72 -19.25 27.32
C GLN I 62 0.57 -19.43 28.11
N LYS I 63 1.03 -20.66 28.31
CA LYS I 63 2.30 -20.84 29.00
C LYS I 63 3.48 -20.28 28.22
N PHE I 64 3.26 -19.79 27.02
CA PHE I 64 4.36 -19.28 26.19
C PHE I 64 3.95 -18.04 25.42
N GLN I 65 2.76 -17.51 25.67
CA GLN I 65 2.32 -16.29 25.00
C GLN I 65 3.32 -15.17 25.22
N GLY I 66 3.80 -14.58 24.14
CA GLY I 66 4.76 -13.50 24.20
C GLY I 66 6.21 -13.91 24.12
N ARG I 67 6.52 -15.20 24.29
CA ARG I 67 7.90 -15.64 24.10
C ARG I 67 8.07 -16.52 22.86
N ILE I 68 7.04 -17.24 22.43
CA ILE I 68 7.17 -18.24 21.40
C ILE I 68 6.87 -17.62 20.05
N THR I 69 7.74 -17.89 19.09
CA THR I 69 7.49 -17.57 17.69
C THR I 69 7.80 -18.81 16.87
N MET I 70 7.03 -19.02 15.82
CA MET I 70 7.15 -20.22 15.00
C MET I 70 7.02 -19.80 13.54
N THR I 71 8.06 -20.08 12.75
CA THR I 71 8.09 -19.65 11.37
C THR I 71 8.34 -20.83 10.45
N ARG I 72 7.99 -20.64 9.19
CA ARG I 72 8.12 -21.66 8.15
C ARG I 72 9.34 -21.36 7.30
N ASP I 73 9.77 -22.36 6.53
CA ASP I 73 10.75 -22.15 5.47
C ASP I 73 10.43 -23.17 4.38
N THR I 74 9.66 -22.73 3.40
CA THR I 74 9.13 -23.65 2.39
C THR I 74 10.23 -24.23 1.52
N SER I 75 11.35 -23.52 1.36
CA SER I 75 12.38 -23.97 0.44
C SER I 75 12.95 -25.31 0.88
N THR I 76 13.66 -25.32 2.00
CA THR I 76 14.24 -26.54 2.51
C THR I 76 13.26 -27.38 3.30
N SER I 77 11.98 -27.00 3.33
CA SER I 77 10.95 -27.75 4.04
C SER I 77 11.28 -27.85 5.53
N THR I 78 11.36 -26.69 6.16
CA THR I 78 11.78 -26.63 7.55
C THR I 78 10.83 -25.73 8.33
N VAL I 79 10.82 -25.90 9.65
CA VAL I 79 10.10 -25.02 10.56
C VAL I 79 11.04 -24.62 11.69
N TYR I 80 11.02 -23.35 12.05
CA TYR I 80 11.94 -22.80 13.02
C TYR I 80 11.16 -22.29 14.23
N MET I 81 11.58 -22.71 15.41
CA MET I 81 10.95 -22.33 16.67
C MET I 81 11.90 -21.44 17.44
N GLU I 82 11.44 -20.26 17.83
CA GLU I 82 12.17 -19.40 18.75
C GLU I 82 11.41 -19.33 20.07
N LEU I 83 12.12 -19.61 21.15
CA LEU I 83 11.68 -19.27 22.50
C LEU I 83 12.44 -18.02 22.91
N SER I 84 11.71 -17.02 23.37
CA SER I 84 12.30 -15.76 23.80
C SER I 84 12.25 -15.66 25.32
N SER I 85 13.08 -14.75 25.85
CA SER I 85 13.18 -14.49 27.29
C SER I 85 13.23 -15.80 28.07
N LEU I 86 14.33 -16.52 27.86
CA LEU I 86 14.49 -17.85 28.43
C LEU I 86 14.51 -17.81 29.95
N ARG I 87 14.03 -18.90 30.54
CA ARG I 87 13.73 -19.01 31.96
C ARG I 87 14.14 -20.40 32.43
N SER I 88 14.41 -20.52 33.72
CA SER I 88 14.97 -21.74 34.28
C SER I 88 14.15 -23.00 33.99
N ASP I 89 12.85 -22.86 33.74
CA ASP I 89 12.06 -24.03 33.38
C ASP I 89 12.33 -24.50 31.96
N ASP I 90 12.88 -23.63 31.11
CA ASP I 90 13.07 -23.96 29.71
C ASP I 90 14.05 -25.09 29.47
N THR I 91 14.89 -25.43 30.45
CA THR I 91 15.81 -26.54 30.28
C THR I 91 15.00 -27.82 30.16
N ALA I 92 14.90 -28.33 28.93
CA ALA I 92 13.99 -29.43 28.64
C ALA I 92 14.42 -30.05 27.31
N VAL I 93 13.56 -30.87 26.74
CA VAL I 93 13.71 -31.36 25.38
C VAL I 93 12.42 -31.06 24.65
N TYR I 94 12.53 -30.45 23.48
CA TYR I 94 11.37 -30.07 22.70
C TYR I 94 11.26 -30.97 21.47
N TYR I 95 10.03 -31.31 21.10
CA TYR I 95 9.77 -32.22 20.00
C TYR I 95 8.88 -31.53 18.97
N CYS I 96 9.18 -31.82 17.70
CA CYS I 96 8.39 -31.34 16.58
C CYS I 96 7.79 -32.55 15.87
N ALA I 97 6.56 -32.41 15.37
CA ALA I 97 5.86 -33.57 14.81
C ALA I 97 4.90 -33.15 13.71
N ARG I 98 4.77 -34.01 12.70
CA ARG I 98 3.82 -33.77 11.61
C ARG I 98 2.45 -34.26 12.03
N GLY I 99 1.40 -33.60 11.55
CA GLY I 99 0.07 -33.92 12.02
C GLY I 99 -1.04 -33.79 11.00
N GLY I 100 -1.81 -34.86 10.84
CA GLY I 100 -3.12 -34.88 10.23
C GLY I 100 -3.38 -34.16 8.92
N ARG I 101 -4.64 -33.82 8.71
CA ARG I 101 -5.11 -33.27 7.45
C ARG I 101 -4.85 -31.77 7.40
N ALA I 102 -3.61 -31.39 7.15
CA ALA I 102 -3.23 -29.99 7.12
C ALA I 102 -3.77 -29.35 5.85
N LEU I 103 -5.05 -29.04 5.81
CA LEU I 103 -5.62 -28.58 4.55
C LEU I 103 -5.26 -27.13 4.24
N PHE I 104 -5.74 -26.18 5.05
CA PHE I 104 -5.27 -24.83 4.80
C PHE I 104 -4.20 -24.35 5.78
N TYR I 105 -4.62 -23.85 6.93
CA TYR I 105 -3.72 -23.13 7.82
C TYR I 105 -4.33 -23.05 9.22
N ASP I 106 -4.10 -24.06 10.06
CA ASP I 106 -4.71 -24.07 11.38
C ASP I 106 -4.36 -25.29 12.23
N SER I 107 -5.07 -25.46 13.34
CA SER I 107 -5.08 -26.74 14.05
C SER I 107 -6.15 -27.66 13.47
N TYR I 108 -7.39 -27.16 13.35
CA TYR I 108 -8.47 -27.85 12.65
C TYR I 108 -8.77 -29.22 13.23
N THR I 109 -9.29 -29.26 14.46
CA THR I 109 -9.45 -30.52 15.17
C THR I 109 -10.89 -30.96 15.33
N THR I 110 -11.86 -30.10 15.05
CA THR I 110 -13.24 -30.58 15.00
C THR I 110 -13.41 -31.66 13.94
N PRO I 111 -12.80 -31.54 12.75
CA PRO I 111 -12.73 -32.71 11.86
C PRO I 111 -11.80 -33.78 12.39
N ARG I 112 -11.56 -34.81 11.58
CA ARG I 112 -10.91 -36.02 12.06
C ARG I 112 -9.43 -35.78 12.33
N ASP I 113 -8.79 -36.84 12.83
CA ASP I 113 -7.41 -36.81 13.28
C ASP I 113 -6.89 -38.24 13.28
N GLY I 114 -5.77 -38.45 13.96
CA GLY I 114 -5.22 -39.79 14.09
C GLY I 114 -4.43 -40.20 12.87
N GLY I 115 -4.29 -41.52 12.72
CA GLY I 115 -3.44 -42.06 11.68
C GLY I 115 -2.08 -41.42 11.76
N SER I 116 -1.37 -41.68 12.86
CA SER I 116 -0.28 -40.82 13.31
C SER I 116 -0.79 -39.39 13.43
N TRP I 117 -1.72 -39.21 14.37
CA TRP I 117 -2.27 -37.91 14.73
C TRP I 117 -1.20 -36.84 14.70
N TRP I 118 -0.13 -37.04 15.46
CA TRP I 118 1.12 -36.33 15.19
C TRP I 118 2.35 -37.20 15.47
N PHE I 119 2.32 -38.49 15.17
CA PHE I 119 3.31 -39.35 15.80
C PHE I 119 4.20 -40.09 14.80
N ASP I 120 4.04 -39.84 13.51
CA ASP I 120 5.01 -40.57 12.70
C ASP I 120 6.40 -39.95 12.89
N PRO I 121 6.64 -38.69 12.49
CA PRO I 121 8.00 -38.15 12.61
C PRO I 121 8.22 -37.38 13.90
N TRP I 122 8.39 -38.08 15.01
CA TRP I 122 8.70 -37.36 16.25
C TRP I 122 10.17 -37.02 16.34
N GLY I 123 10.93 -37.35 15.31
CA GLY I 123 12.32 -36.97 15.23
C GLY I 123 13.19 -37.54 16.32
N GLN I 124 14.02 -36.68 16.94
CA GLN I 124 15.01 -37.14 17.89
C GLN I 124 14.95 -36.40 19.21
N GLY I 125 14.28 -35.25 19.26
CA GLY I 125 14.23 -34.47 20.48
C GLY I 125 15.37 -33.49 20.59
N SER I 126 15.02 -32.24 20.85
CA SER I 126 15.99 -31.16 20.94
C SER I 126 16.22 -30.83 22.40
N LEU I 127 17.37 -31.24 22.93
CA LEU I 127 17.72 -30.93 24.30
C LEU I 127 18.27 -29.51 24.40
N VAL I 128 17.64 -28.69 25.24
CA VAL I 128 18.07 -27.33 25.46
C VAL I 128 18.28 -27.13 26.96
N THR I 129 19.36 -26.43 27.31
CA THR I 129 19.70 -26.11 28.69
C THR I 129 19.90 -24.60 28.78
N VAL I 130 19.38 -24.00 29.84
CA VAL I 130 19.41 -22.55 30.00
C VAL I 130 20.14 -22.22 31.30
N SER I 131 21.37 -21.76 31.17
CA SER I 131 22.16 -21.34 32.32
C SER I 131 23.37 -20.54 31.82
N SER I 132 24.30 -20.28 32.72
CA SER I 132 25.52 -19.55 32.40
C SER I 132 26.71 -20.48 32.42
N ASP J 1 -9.29 -26.84 32.70
CA ASP J 1 -10.27 -27.04 31.61
C ASP J 1 -9.93 -28.35 30.87
N ILE J 2 -8.66 -28.76 30.92
CA ILE J 2 -8.19 -29.99 30.20
C ILE J 2 -7.53 -30.93 31.22
N GLN J 3 -7.81 -30.72 32.51
CA GLN J 3 -7.25 -31.55 33.56
C GLN J 3 -7.56 -33.02 33.30
N LEU J 4 -6.51 -33.82 33.13
CA LEU J 4 -6.64 -35.24 32.85
C LEU J 4 -5.74 -36.02 33.80
N THR J 5 -6.36 -36.79 34.69
CA THR J 5 -5.62 -37.63 35.60
C THR J 5 -5.35 -38.99 34.98
N GLN J 6 -4.11 -39.46 35.12
CA GLN J 6 -3.65 -40.72 34.56
C GLN J 6 -3.13 -41.60 35.70
N SER J 7 -3.91 -42.63 36.05
CA SER J 7 -3.67 -43.52 37.15
C SER J 7 -3.22 -44.89 36.66
N PRO J 8 -2.35 -45.58 37.41
CA PRO J 8 -1.71 -45.09 38.64
C PRO J 8 -0.54 -44.16 38.34
N SER J 9 0.32 -43.92 39.32
CA SER J 9 1.54 -43.16 39.05
C SER J 9 2.63 -44.06 38.49
N SER J 10 2.66 -45.31 38.95
CA SER J 10 3.72 -46.24 38.58
C SER J 10 3.20 -47.65 38.78
N LEU J 11 3.88 -48.62 38.17
CA LEU J 11 3.57 -50.02 38.38
C LEU J 11 4.81 -50.83 38.08
N SER J 12 4.82 -52.07 38.55
CA SER J 12 5.89 -53.01 38.27
C SER J 12 5.28 -54.40 38.26
N ALA J 13 5.62 -55.17 37.23
CA ALA J 13 5.00 -56.48 37.08
C ALA J 13 5.97 -57.43 36.42
N SER J 14 5.63 -58.71 36.49
CA SER J 14 6.42 -59.76 35.87
C SER J 14 6.07 -59.87 34.39
N VAL J 15 6.91 -60.60 33.66
CA VAL J 15 6.68 -60.79 32.24
C VAL J 15 5.44 -61.65 32.06
N GLY J 16 4.68 -61.37 31.00
CA GLY J 16 3.51 -62.16 30.68
C GLY J 16 2.24 -61.78 31.42
N ASP J 17 2.23 -60.66 32.12
CA ASP J 17 1.05 -60.19 32.84
C ASP J 17 0.29 -59.18 32.00
N ARG J 18 -1.00 -59.04 32.30
CA ARG J 18 -1.80 -57.95 31.74
C ARG J 18 -1.66 -56.77 32.71
N VAL J 19 -1.57 -55.57 32.15
CA VAL J 19 -1.60 -54.36 32.96
C VAL J 19 -2.59 -53.39 32.33
N THR J 20 -3.24 -52.60 33.16
CA THR J 20 -4.17 -51.59 32.65
C THR J 20 -3.91 -50.25 33.31
N PHE J 21 -3.99 -49.20 32.49
CA PHE J 21 -3.89 -47.82 32.93
C PHE J 21 -5.21 -47.11 32.68
N THR J 22 -5.59 -46.24 33.61
CA THR J 22 -6.80 -45.45 33.49
C THR J 22 -6.42 -43.99 33.30
N CYS J 23 -7.21 -43.26 32.52
CA CYS J 23 -7.15 -41.81 32.49
C CYS J 23 -8.54 -41.23 32.39
N GLN J 24 -8.91 -40.43 33.38
CA GLN J 24 -10.19 -39.72 33.34
C GLN J 24 -9.88 -38.24 33.27
N ALA J 25 -10.58 -37.54 32.39
CA ALA J 25 -10.45 -36.09 32.27
C ALA J 25 -11.68 -35.43 32.86
N SER J 26 -11.52 -34.17 33.25
CA SER J 26 -12.64 -33.42 33.81
C SER J 26 -13.61 -32.96 32.73
N GLN J 27 -13.35 -33.31 31.47
CA GLN J 27 -14.10 -32.77 30.35
C GLN J 27 -14.64 -33.92 29.50
N ASP J 28 -15.50 -33.60 28.53
CA ASP J 28 -15.96 -34.61 27.59
C ASP J 28 -15.04 -34.64 26.37
N ILE J 29 -14.39 -35.78 26.15
CA ILE J 29 -13.33 -35.93 25.15
C ILE J 29 -13.70 -37.08 24.20
N ARG J 30 -14.95 -37.12 23.73
CA ARG J 30 -15.63 -38.32 23.29
C ARG J 30 -14.72 -39.40 22.71
N LYS J 31 -13.89 -39.06 21.71
CA LYS J 31 -13.00 -40.05 21.12
C LYS J 31 -11.61 -39.49 20.84
N TYR J 32 -11.35 -38.25 21.25
CA TYR J 32 -10.10 -37.56 20.90
C TYR J 32 -9.05 -37.80 21.99
N LEU J 33 -8.67 -39.05 22.16
CA LEU J 33 -7.67 -39.43 23.15
C LEU J 33 -6.63 -40.33 22.50
N ASN J 34 -5.39 -40.23 22.95
CA ASN J 34 -4.31 -40.99 22.34
C ASN J 34 -3.34 -41.48 23.41
N TRP J 35 -2.57 -42.52 23.07
CA TRP J 35 -1.68 -43.20 24.00
C TRP J 35 -0.33 -43.47 23.37
N TYR J 36 0.74 -43.18 24.13
CA TYR J 36 2.12 -43.46 23.79
C TYR J 36 2.80 -44.23 24.91
N GLN J 37 3.98 -44.79 24.62
CA GLN J 37 4.95 -45.16 25.63
C GLN J 37 6.32 -44.71 25.16
N GLN J 38 7.10 -44.11 26.06
CA GLN J 38 8.41 -43.56 25.71
C GLN J 38 9.46 -44.05 26.69
N LYS J 39 10.60 -44.49 26.16
CA LYS J 39 11.77 -44.66 26.99
C LYS J 39 12.40 -43.31 27.31
N PRO J 40 13.20 -43.24 28.37
CA PRO J 40 14.18 -42.15 28.48
C PRO J 40 15.06 -42.15 27.25
N GLY J 41 15.28 -40.98 26.67
CA GLY J 41 16.13 -40.87 25.51
C GLY J 41 15.58 -41.52 24.26
N LYS J 42 14.26 -41.66 24.16
CA LYS J 42 13.63 -42.26 22.99
C LYS J 42 12.53 -41.36 22.45
N ALA J 43 12.28 -41.50 21.16
CA ALA J 43 10.97 -41.13 20.63
C ALA J 43 9.97 -42.18 21.10
N PRO J 44 8.75 -41.79 21.47
CA PRO J 44 7.83 -42.75 22.09
C PRO J 44 7.42 -43.87 21.15
N LYS J 45 6.64 -44.83 21.66
CA LYS J 45 6.32 -46.05 20.94
C LYS J 45 4.88 -45.96 20.44
N LEU J 46 4.66 -46.40 19.20
CA LEU J 46 3.33 -46.44 18.60
C LEU J 46 2.40 -47.28 19.45
N LEU J 47 1.43 -46.64 20.10
CA LEU J 47 0.43 -47.37 20.87
C LEU J 47 -0.99 -47.18 20.34
N ILE J 48 -1.56 -45.98 20.42
CA ILE J 48 -3.01 -45.87 20.28
C ILE J 48 -3.40 -44.48 19.78
N TYR J 49 -4.23 -44.45 18.75
CA TYR J 49 -4.96 -43.27 18.33
C TYR J 49 -6.45 -43.46 18.58
N ASP J 50 -7.14 -42.37 18.89
CA ASP J 50 -8.59 -42.36 19.08
C ASP J 50 -9.03 -43.24 20.25
N ALA J 51 -8.10 -43.60 21.13
CA ALA J 51 -8.34 -44.35 22.36
C ALA J 51 -8.92 -45.74 22.12
N SER J 52 -9.11 -46.15 20.87
CA SER J 52 -9.68 -47.45 20.58
C SER J 52 -9.05 -48.14 19.38
N ASN J 53 -8.00 -47.56 18.79
CA ASN J 53 -7.52 -47.98 17.48
C ASN J 53 -6.05 -48.34 17.54
N LEU J 54 -5.74 -49.54 17.08
CA LEU J 54 -4.36 -49.98 16.92
C LEU J 54 -3.78 -49.43 15.63
N LYS J 55 -2.55 -48.94 15.71
CA LYS J 55 -1.84 -48.44 14.55
C LYS J 55 -1.11 -49.57 13.85
N THR J 56 -0.92 -49.41 12.54
CA THR J 56 -0.17 -50.40 11.77
C THR J 56 1.23 -50.55 12.36
N GLY J 57 1.69 -51.80 12.45
CA GLY J 57 2.98 -52.10 13.01
C GLY J 57 2.99 -52.31 14.50
N VAL J 58 1.97 -51.84 15.21
CA VAL J 58 1.89 -52.02 16.66
C VAL J 58 1.54 -53.48 16.93
N PRO J 59 2.19 -54.14 17.88
CA PRO J 59 1.78 -55.49 18.25
C PRO J 59 0.38 -55.49 18.83
N SER J 60 -0.34 -56.58 18.61
CA SER J 60 -1.68 -56.76 19.18
C SER J 60 -1.63 -56.97 20.69
N ARG J 61 -0.43 -56.93 21.27
CA ARG J 61 -0.20 -56.99 22.70
C ARG J 61 -0.84 -55.84 23.45
N PHE J 62 -1.22 -54.77 22.76
CA PHE J 62 -1.78 -53.56 23.35
C PHE J 62 -3.21 -53.36 22.89
N SER J 63 -4.01 -52.73 23.76
CA SER J 63 -5.38 -52.39 23.41
C SER J 63 -5.81 -51.16 24.19
N GLY J 64 -6.78 -50.45 23.63
CA GLY J 64 -7.30 -49.25 24.28
C GLY J 64 -8.80 -49.18 24.14
N SER J 65 -9.44 -48.62 25.17
CA SER J 65 -10.89 -48.55 25.20
C SER J 65 -11.31 -47.38 26.08
N GLY J 66 -12.62 -47.17 26.15
CA GLY J 66 -13.19 -46.08 26.92
C GLY J 66 -13.99 -45.15 26.04
N SER J 67 -15.13 -44.67 26.52
CA SER J 67 -16.00 -43.83 25.70
C SER J 67 -16.13 -42.41 26.22
N GLY J 68 -16.70 -42.20 27.41
CA GLY J 68 -17.14 -40.86 27.76
C GLY J 68 -16.09 -39.90 28.25
N THR J 69 -15.51 -40.20 29.42
CA THR J 69 -14.54 -39.32 30.07
C THR J 69 -13.35 -40.06 30.63
N ASP J 70 -13.45 -41.37 30.82
CA ASP J 70 -12.39 -42.18 31.41
C ASP J 70 -12.09 -43.34 30.49
N PHE J 71 -10.82 -43.68 30.36
CA PHE J 71 -10.36 -44.57 29.31
C PHE J 71 -9.26 -45.49 29.81
N THR J 72 -9.28 -46.73 29.33
CA THR J 72 -8.44 -47.81 29.83
C THR J 72 -7.53 -48.33 28.72
N PHE J 73 -6.24 -48.29 28.97
CA PHE J 73 -5.28 -48.98 28.12
C PHE J 73 -4.84 -50.27 28.80
N THR J 74 -4.46 -51.26 28.00
CA THR J 74 -4.12 -52.57 28.53
C THR J 74 -3.03 -53.22 27.71
N ILE J 75 -2.00 -53.70 28.39
CA ILE J 75 -1.03 -54.64 27.85
C ILE J 75 -1.50 -56.05 28.18
N SER J 76 -1.66 -56.89 27.15
CA SER J 76 -2.14 -58.25 27.37
C SER J 76 -1.08 -59.11 28.04
N SER J 77 0.16 -59.07 27.55
CA SER J 77 1.24 -59.86 28.12
C SER J 77 2.50 -59.00 28.21
N LEU J 78 3.06 -58.92 29.41
CA LEU J 78 4.24 -58.08 29.63
C LEU J 78 5.46 -58.68 28.95
N GLN J 79 6.31 -57.82 28.41
CA GLN J 79 7.53 -58.21 27.72
C GLN J 79 8.65 -57.22 28.03
N PRO J 80 9.91 -57.64 27.90
CA PRO J 80 11.03 -56.75 28.25
C PRO J 80 11.04 -55.41 27.53
N GLU J 81 10.46 -55.30 26.34
CA GLU J 81 10.46 -54.03 25.61
C GLU J 81 9.33 -53.12 26.07
N ASP J 82 8.61 -53.50 27.11
CA ASP J 82 7.50 -52.72 27.61
C ASP J 82 7.91 -51.76 28.71
N VAL J 83 9.19 -51.73 29.07
CA VAL J 83 9.64 -50.77 30.07
C VAL J 83 9.68 -49.40 29.40
N ALA J 84 8.93 -48.45 29.96
CA ALA J 84 8.80 -47.10 29.44
C ALA J 84 7.89 -46.34 30.39
N THR J 85 7.71 -45.06 30.11
CA THR J 85 6.67 -44.27 30.74
C THR J 85 5.54 -44.10 29.73
N TYR J 86 4.34 -44.51 30.13
CA TYR J 86 3.18 -44.48 29.25
C TYR J 86 2.44 -43.17 29.46
N TYR J 87 1.91 -42.62 28.37
CA TYR J 87 1.23 -41.33 28.40
C TYR J 87 -0.09 -41.41 27.66
N CYS J 88 -1.09 -40.78 28.24
CA CYS J 88 -2.37 -40.56 27.61
C CYS J 88 -2.60 -39.05 27.49
N GLN J 89 -3.18 -38.64 26.36
CA GLN J 89 -3.35 -37.21 26.11
C GLN J 89 -4.55 -36.95 25.20
N GLN J 90 -5.28 -35.88 25.48
CA GLN J 90 -6.45 -35.55 24.69
C GLN J 90 -6.07 -34.74 23.46
N PHE J 91 -7.05 -34.48 22.60
CA PHE J 91 -6.84 -33.79 21.35
C PHE J 91 -7.74 -32.57 21.16
N ASP J 92 -8.71 -32.37 22.04
CA ASP J 92 -9.76 -31.39 21.80
C ASP J 92 -9.50 -30.07 22.51
N ASP J 93 -10.13 -29.01 22.00
CA ASP J 93 -10.29 -27.71 22.65
C ASP J 93 -8.98 -26.93 22.71
N LEU J 94 -7.88 -27.59 22.39
CA LEU J 94 -6.55 -27.04 22.16
C LEU J 94 -5.87 -26.22 23.25
N PRO J 95 -6.00 -26.54 24.54
CA PRO J 95 -4.83 -26.45 25.41
C PRO J 95 -4.25 -27.83 25.61
N ILE J 96 -3.72 -28.47 24.56
CA ILE J 96 -3.46 -29.90 24.61
C ILE J 96 -2.56 -30.25 25.79
N THR J 97 -3.03 -31.17 26.63
CA THR J 97 -2.29 -31.64 27.78
C THR J 97 -2.01 -33.12 27.65
N PHE J 98 -1.06 -33.62 28.42
CA PHE J 98 -0.80 -35.04 28.53
C PHE J 98 -0.92 -35.46 29.98
N GLY J 99 -0.83 -36.77 30.21
CA GLY J 99 -0.67 -37.25 31.56
C GLY J 99 0.76 -37.10 32.04
N GLN J 100 0.90 -37.04 33.37
CA GLN J 100 2.25 -36.98 33.92
C GLN J 100 2.98 -38.29 33.70
N GLY J 101 2.27 -39.41 33.69
CA GLY J 101 2.90 -40.66 33.32
C GLY J 101 2.48 -41.89 34.09
N THR J 102 2.77 -43.05 33.50
CA THR J 102 2.61 -44.34 34.17
C THR J 102 3.87 -45.14 33.85
N ARG J 103 4.66 -45.42 34.87
CA ARG J 103 5.99 -45.97 34.70
C ARG J 103 5.99 -47.49 34.94
N LEU J 104 6.85 -48.19 34.22
CA LEU J 104 6.90 -49.64 34.32
C LEU J 104 8.24 -50.11 34.89
N GLN J 105 8.25 -51.37 35.29
CA GLN J 105 9.44 -52.04 35.80
C GLN J 105 9.23 -53.55 35.71
N ILE J 106 10.24 -54.26 35.24
CA ILE J 106 10.19 -55.71 35.15
C ILE J 106 10.75 -56.29 36.46
N LYS J 107 10.24 -57.45 36.86
CA LYS J 107 10.64 -58.07 38.11
C LYS J 107 11.71 -59.15 37.91
N GLU K 1 48.79 19.73 -11.20
CA GLU K 1 49.53 20.48 -12.21
C GLU K 1 49.18 20.00 -13.60
N VAL K 2 48.85 20.94 -14.48
CA VAL K 2 48.47 20.63 -15.86
C VAL K 2 49.58 19.81 -16.50
N GLN K 3 49.23 18.60 -16.95
CA GLN K 3 50.23 17.68 -17.48
C GLN K 3 49.50 16.51 -18.12
N LEU K 4 50.01 16.05 -19.26
CA LEU K 4 49.46 14.92 -19.98
C LEU K 4 50.41 13.75 -19.86
N VAL K 5 49.90 12.54 -20.00
CA VAL K 5 50.72 11.34 -19.93
C VAL K 5 50.20 10.34 -20.94
N GLN K 6 51.11 9.72 -21.66
CA GLN K 6 50.77 8.75 -22.70
C GLN K 6 50.98 7.35 -22.14
N SER K 7 50.58 6.36 -22.94
CA SER K 7 50.86 4.98 -22.62
C SER K 7 52.30 4.65 -23.01
N GLY K 8 52.72 3.42 -22.68
CA GLY K 8 54.05 3.00 -23.03
C GLY K 8 54.21 2.80 -24.52
N PRO K 9 55.46 2.75 -24.95
CA PRO K 9 55.74 2.43 -26.36
C PRO K 9 55.23 1.05 -26.70
N ASP K 10 54.85 0.87 -27.97
CA ASP K 10 54.22 -0.36 -28.41
C ASP K 10 54.69 -0.74 -29.80
N VAL K 11 54.61 -2.03 -30.09
CA VAL K 11 54.96 -2.58 -31.40
C VAL K 11 53.78 -3.41 -31.88
N GLU K 12 53.41 -3.23 -33.15
CA GLU K 12 52.23 -3.87 -33.72
C GLU K 12 52.58 -4.49 -35.08
N LYS K 13 51.62 -5.26 -35.61
CA LYS K 13 51.62 -5.87 -36.93
C LYS K 13 51.25 -4.85 -37.99
N PRO K 14 51.84 -4.94 -39.18
CA PRO K 14 51.35 -4.16 -40.30
C PRO K 14 49.92 -4.54 -40.63
N GLY K 15 49.05 -3.53 -40.72
CA GLY K 15 47.64 -3.76 -40.94
C GLY K 15 46.81 -3.93 -39.69
N ALA K 16 47.43 -3.90 -38.52
CA ALA K 16 46.73 -4.03 -37.25
C ALA K 16 46.18 -2.67 -36.85
N SER K 17 45.77 -2.52 -35.59
CA SER K 17 45.32 -1.26 -35.04
C SER K 17 45.95 -1.05 -33.68
N VAL K 18 46.49 0.15 -33.46
CA VAL K 18 47.14 0.49 -32.20
C VAL K 18 46.32 1.58 -31.51
N LYS K 19 46.11 1.42 -30.21
CA LYS K 19 45.42 2.44 -29.43
C LYS K 19 46.35 2.95 -28.33
N VAL K 20 46.63 4.24 -28.37
CA VAL K 20 47.45 4.93 -27.40
C VAL K 20 46.53 5.77 -26.52
N SER K 21 46.76 5.71 -25.21
CA SER K 21 45.98 6.47 -24.26
C SER K 21 46.68 7.78 -23.92
N CYS K 22 45.90 8.77 -23.52
CA CYS K 22 46.44 10.05 -23.08
C CYS K 22 45.58 10.53 -21.92
N LYS K 23 46.16 10.53 -20.72
CA LYS K 23 45.49 10.91 -19.50
C LYS K 23 45.93 12.31 -19.08
N ALA K 24 44.99 13.11 -18.62
CA ALA K 24 45.23 14.49 -18.24
C ALA K 24 45.27 14.66 -16.73
N SER K 25 45.91 15.75 -16.30
CA SER K 25 46.04 16.04 -14.89
C SER K 25 46.15 17.54 -14.69
N GLY K 26 45.57 18.03 -13.60
CA GLY K 26 45.72 19.42 -13.21
C GLY K 26 44.72 20.39 -13.81
N TYR K 27 43.79 19.93 -14.63
CA TYR K 27 42.83 20.85 -15.22
C TYR K 27 41.49 20.13 -15.40
N THR K 28 40.46 20.92 -15.65
CA THR K 28 39.15 20.35 -15.95
C THR K 28 39.19 19.69 -17.31
N PHE K 29 38.97 18.37 -17.34
CA PHE K 29 39.25 17.61 -18.55
C PHE K 29 38.46 18.08 -19.74
N THR K 30 37.32 18.74 -19.51
CA THR K 30 36.44 19.15 -20.60
C THR K 30 36.71 20.58 -21.06
N SER K 31 37.95 21.06 -20.95
CA SER K 31 38.26 22.43 -21.33
C SER K 31 39.48 22.56 -22.22
N ASN K 32 39.92 21.50 -22.90
CA ASN K 32 41.13 21.58 -23.69
C ASN K 32 41.08 20.60 -24.85
N TYR K 33 41.09 21.14 -26.07
CA TYR K 33 41.12 20.32 -27.28
C TYR K 33 42.38 19.46 -27.30
N ILE K 34 42.20 18.15 -27.44
CA ILE K 34 43.34 17.25 -27.52
C ILE K 34 43.78 17.13 -28.96
N HIS K 35 44.99 17.58 -29.24
CA HIS K 35 45.58 17.46 -30.57
C HIS K 35 46.57 16.30 -30.55
N TRP K 36 46.48 15.46 -31.58
CA TRP K 36 47.45 14.40 -31.82
C TRP K 36 48.33 14.80 -33.00
N VAL K 37 49.63 14.64 -32.82
CA VAL K 37 50.62 15.01 -33.83
C VAL K 37 51.66 13.90 -33.94
N ARG K 38 51.99 13.50 -35.16
CA ARG K 38 52.95 12.43 -35.40
C ARG K 38 54.35 12.99 -35.56
N GLN K 39 55.34 12.12 -35.38
CA GLN K 39 56.72 12.48 -35.69
C GLN K 39 57.49 11.21 -36.01
N ALA K 40 57.83 11.03 -37.28
CA ALA K 40 58.73 9.96 -37.65
C ALA K 40 60.12 10.24 -37.07
N PRO K 41 60.91 9.19 -36.80
CA PRO K 41 62.16 9.40 -36.05
C PRO K 41 63.07 10.45 -36.65
N GLY K 42 63.18 10.49 -37.97
CA GLY K 42 64.03 11.47 -38.61
C GLY K 42 63.27 12.64 -39.19
N GLN K 43 61.94 12.52 -39.21
CA GLN K 43 61.11 13.55 -39.83
C GLN K 43 60.70 14.57 -38.79
N GLY K 44 60.08 15.65 -39.25
CA GLY K 44 59.55 16.67 -38.38
C GLY K 44 58.22 16.28 -37.80
N LEU K 45 57.52 17.28 -37.26
CA LEU K 45 56.19 17.06 -36.71
C LEU K 45 55.11 17.37 -37.76
N GLU K 46 54.12 16.49 -37.83
CA GLU K 46 52.96 16.71 -38.69
C GLU K 46 51.70 16.42 -37.88
N TRP K 47 50.84 17.43 -37.79
CA TRP K 47 49.63 17.32 -36.99
C TRP K 47 48.75 16.21 -37.52
N MET K 48 48.39 15.27 -36.65
CA MET K 48 47.50 14.20 -37.08
C MET K 48 46.04 14.64 -37.06
N GLY K 49 45.54 15.01 -35.90
CA GLY K 49 44.13 15.35 -35.77
C GLY K 49 43.80 15.98 -34.44
N VAL K 50 42.51 16.19 -34.21
CA VAL K 50 42.03 16.80 -32.97
C VAL K 50 40.75 16.09 -32.54
N ILE K 51 40.57 16.02 -31.22
CA ILE K 51 39.38 15.53 -30.57
C ILE K 51 39.04 16.48 -29.44
N ASN K 52 37.75 16.57 -29.11
CA ASN K 52 37.36 17.30 -27.91
C ASN K 52 37.03 16.31 -26.82
N PRO K 53 37.67 16.39 -25.66
CA PRO K 53 37.28 15.53 -24.53
C PRO K 53 35.79 15.54 -24.23
N ARG K 54 35.12 16.67 -24.41
CA ARG K 54 33.68 16.71 -24.26
C ARG K 54 33.03 16.25 -25.55
N GLY K 55 31.93 15.50 -25.43
CA GLY K 55 31.12 15.12 -26.57
C GLY K 55 31.80 14.28 -27.62
N GLY K 56 33.08 13.96 -27.46
CA GLY K 56 33.76 13.10 -28.41
C GLY K 56 33.80 13.60 -29.84
N SER K 57 33.85 14.91 -30.05
CA SER K 57 33.97 15.43 -31.41
C SER K 57 35.36 15.15 -31.96
N THR K 58 35.44 15.04 -33.29
CA THR K 58 36.65 14.56 -33.93
C THR K 58 36.88 15.24 -35.27
N ALA K 59 38.15 15.27 -35.65
CA ALA K 59 38.58 15.65 -36.99
C ALA K 59 40.04 15.30 -37.15
N SER K 60 40.51 15.24 -38.38
CA SER K 60 41.89 14.86 -38.67
C SER K 60 42.29 15.42 -40.03
N ALA K 61 43.39 14.90 -40.56
CA ALA K 61 43.80 15.23 -41.91
C ALA K 61 43.60 14.04 -42.84
N GLN K 62 43.64 14.31 -44.15
CA GLN K 62 43.45 13.26 -45.15
C GLN K 62 44.54 12.21 -45.12
N LYS K 63 45.71 12.51 -44.53
CA LYS K 63 46.75 11.49 -44.43
C LYS K 63 46.34 10.33 -43.55
N PHE K 64 45.18 10.39 -42.90
CA PHE K 64 44.75 9.35 -41.99
C PHE K 64 43.26 9.06 -42.11
N GLN K 65 42.58 9.68 -43.07
CA GLN K 65 41.16 9.44 -43.28
C GLN K 65 40.90 7.96 -43.49
N GLY K 66 40.01 7.39 -42.68
CA GLY K 66 39.68 5.99 -42.78
C GLY K 66 40.47 5.06 -41.88
N ARG K 67 41.58 5.52 -41.31
CA ARG K 67 42.31 4.71 -40.36
C ARG K 67 42.25 5.23 -38.93
N ILE K 68 42.08 6.54 -38.75
CA ILE K 68 42.21 7.15 -37.44
C ILE K 68 40.85 7.23 -36.79
N THR K 69 40.78 6.82 -35.52
CA THR K 69 39.62 7.04 -34.70
C THR K 69 40.10 7.61 -33.38
N MET K 70 39.31 8.51 -32.80
CA MET K 70 39.69 9.22 -31.58
C MET K 70 38.47 9.28 -30.68
N THR K 71 38.58 8.72 -29.49
CA THR K 71 37.45 8.65 -28.57
C THR K 71 37.82 9.25 -27.22
N ARG K 72 36.79 9.61 -26.47
CA ARG K 72 36.91 10.23 -25.17
C ARG K 72 36.66 9.19 -24.08
N ASP K 73 37.06 9.53 -22.86
CA ASP K 73 36.65 8.77 -21.68
C ASP K 73 36.58 9.77 -20.54
N THR K 74 35.37 10.28 -20.29
CA THR K 74 35.20 11.37 -19.34
C THR K 74 35.50 10.94 -17.92
N SER K 75 35.33 9.65 -17.61
CA SER K 75 35.49 9.21 -16.23
C SER K 75 36.90 9.45 -15.74
N THR K 76 37.87 8.72 -16.30
CA THR K 76 39.25 8.89 -15.90
C THR K 76 39.94 10.05 -16.60
N SER K 77 39.20 10.86 -17.35
CA SER K 77 39.76 12.03 -18.04
C SER K 77 40.85 11.60 -19.02
N THR K 78 40.46 10.78 -19.98
CA THR K 78 41.42 10.20 -20.91
C THR K 78 40.90 10.34 -22.33
N VAL K 79 41.81 10.26 -23.29
CA VAL K 79 41.47 10.21 -24.71
C VAL K 79 42.24 9.07 -25.34
N TYR K 80 41.57 8.30 -26.19
CA TYR K 80 42.13 7.10 -26.78
C TYR K 80 42.22 7.27 -28.29
N MET K 81 43.39 7.01 -28.84
CA MET K 81 43.64 7.12 -30.27
C MET K 81 43.85 5.72 -30.84
N GLU K 82 43.10 5.37 -31.88
CA GLU K 82 43.33 4.16 -32.64
C GLU K 82 43.80 4.55 -34.04
N LEU K 83 44.92 3.97 -34.45
CA LEU K 83 45.33 3.95 -35.84
C LEU K 83 45.01 2.56 -36.37
N SER K 84 44.31 2.51 -37.50
CA SER K 84 43.92 1.26 -38.12
C SER K 84 44.74 1.01 -39.38
N SER K 85 44.76 -0.25 -39.80
CA SER K 85 45.48 -0.68 -41.00
C SER K 85 46.90 -0.09 -41.02
N LEU K 86 47.69 -0.53 -40.05
CA LEU K 86 49.02 0.03 -39.85
C LEU K 86 49.93 -0.23 -41.04
N ARG K 87 50.85 0.69 -41.24
CA ARG K 87 51.68 0.79 -42.44
C ARG K 87 53.08 1.20 -42.02
N SER K 88 54.06 0.86 -42.86
CA SER K 88 55.47 1.03 -42.52
C SER K 88 55.83 2.45 -42.11
N ASP K 89 55.10 3.46 -42.56
CA ASP K 89 55.39 4.81 -42.11
C ASP K 89 54.95 5.07 -40.68
N ASP K 90 54.05 4.25 -40.15
CA ASP K 90 53.49 4.49 -38.83
C ASP K 90 54.52 4.38 -37.72
N THR K 91 55.67 3.75 -37.96
CA THR K 91 56.69 3.66 -36.92
C THR K 91 57.20 5.07 -36.64
N ALA K 92 56.77 5.62 -35.51
CA ALA K 92 57.00 7.02 -35.20
C ALA K 92 56.80 7.22 -33.70
N VAL K 93 56.69 8.47 -33.29
CA VAL K 93 56.27 8.82 -31.94
C VAL K 93 55.12 9.80 -32.07
N TYR K 94 54.02 9.53 -31.37
CA TYR K 94 52.84 10.35 -31.44
C TYR K 94 52.68 11.13 -30.14
N TYR K 95 52.21 12.37 -30.25
CA TYR K 95 52.08 13.26 -29.12
C TYR K 95 50.63 13.72 -29.00
N CYS K 96 50.18 13.83 -27.75
CA CYS K 96 48.86 14.37 -27.44
C CYS K 96 49.04 15.63 -26.62
N ALA K 97 48.17 16.62 -26.83
CA ALA K 97 48.37 17.92 -26.21
C ALA K 97 47.03 18.62 -25.96
N ARG K 98 46.96 19.37 -24.87
CA ARG K 98 45.78 20.15 -24.53
C ARG K 98 45.84 21.47 -25.27
N GLY K 99 44.68 22.01 -25.63
CA GLY K 99 44.67 23.19 -26.46
C GLY K 99 43.53 24.16 -26.22
N GLY K 100 43.89 25.43 -25.96
CA GLY K 100 43.02 26.58 -26.06
C GLY K 100 41.64 26.56 -25.47
N ARG K 101 40.78 27.42 -26.01
CA ARG K 101 39.45 27.66 -25.47
C ARG K 101 38.48 26.61 -25.97
N ALA K 102 38.55 25.41 -25.39
CA ALA K 102 37.69 24.31 -25.82
C ALA K 102 36.27 24.56 -25.32
N LEU K 103 35.54 25.43 -26.00
CA LEU K 103 34.24 25.79 -25.47
C LEU K 103 33.18 24.72 -25.70
N PHE K 104 32.83 24.45 -26.96
CA PHE K 104 31.92 23.33 -27.14
C PHE K 104 32.59 22.06 -27.64
N TYR K 105 32.78 21.95 -28.95
CA TYR K 105 33.16 20.68 -29.56
C TYR K 105 33.72 20.93 -30.95
N ASP K 106 35.02 21.21 -31.07
CA ASP K 106 35.60 21.50 -32.39
C ASP K 106 37.09 21.80 -32.35
N SER K 107 37.62 22.32 -33.46
CA SER K 107 38.92 22.96 -33.47
C SER K 107 38.81 24.44 -33.09
N TYR K 108 37.91 25.16 -33.76
CA TYR K 108 37.54 26.52 -33.39
C TYR K 108 38.73 27.47 -33.39
N THR K 109 39.30 27.73 -34.57
CA THR K 109 40.54 28.49 -34.65
C THR K 109 40.40 29.89 -35.22
N THR K 110 39.24 30.22 -35.81
CA THR K 110 39.02 31.61 -36.18
C THR K 110 39.07 32.51 -34.95
N PRO K 111 38.50 32.13 -33.80
CA PRO K 111 38.79 32.86 -32.56
C PRO K 111 40.23 32.65 -32.09
N ARG K 112 40.54 33.17 -30.92
CA ARG K 112 41.92 33.26 -30.47
C ARG K 112 42.50 31.90 -30.12
N ASP K 113 43.78 31.91 -29.78
CA ASP K 113 44.56 30.72 -29.52
C ASP K 113 45.75 31.11 -28.67
N GLY K 114 46.75 30.23 -28.60
CA GLY K 114 47.96 30.54 -27.89
C GLY K 114 47.82 30.32 -26.40
N GLY K 115 48.70 30.97 -25.65
CA GLY K 115 48.78 30.75 -24.22
C GLY K 115 48.90 29.26 -23.96
N SER K 116 50.02 28.69 -24.38
CA SER K 116 50.11 27.26 -24.62
C SER K 116 49.00 26.83 -25.57
N TRP K 117 49.09 27.35 -26.80
CA TRP K 117 48.19 27.00 -27.88
C TRP K 117 47.84 25.51 -27.85
N TRP K 118 48.85 24.65 -27.89
CA TRP K 118 48.68 23.28 -27.42
C TRP K 118 49.92 22.75 -26.72
N PHE K 119 50.62 23.56 -25.94
CA PHE K 119 51.99 23.16 -25.61
C PHE K 119 52.25 23.01 -24.11
N ASP K 120 51.24 23.17 -23.28
CA ASP K 120 51.62 22.91 -21.90
C ASP K 120 51.85 21.41 -21.69
N PRO K 121 50.82 20.56 -21.82
CA PRO K 121 51.03 19.14 -21.54
C PRO K 121 51.37 18.33 -22.78
N TRP K 122 52.59 18.44 -23.29
CA TRP K 122 52.96 17.60 -24.42
C TRP K 122 53.35 16.20 -23.98
N GLY K 123 53.25 15.93 -22.69
CA GLY K 123 53.47 14.59 -22.18
C GLY K 123 54.87 14.06 -22.39
N GLN K 124 54.96 12.82 -22.88
CA GLN K 124 56.24 12.14 -22.99
C GLN K 124 56.50 11.57 -24.37
N GLY K 125 55.49 11.46 -25.21
CA GLY K 125 55.65 10.88 -26.52
C GLY K 125 55.48 9.37 -26.51
N SER K 126 54.64 8.91 -27.42
CA SER K 126 54.31 7.50 -27.53
C SER K 126 55.05 6.91 -28.71
N LEU K 127 56.11 6.14 -28.43
CA LEU K 127 56.87 5.49 -29.49
C LEU K 127 56.15 4.22 -29.94
N VAL K 128 55.84 4.14 -31.23
CA VAL K 128 55.20 2.97 -31.81
C VAL K 128 56.05 2.49 -32.96
N THR K 129 56.20 1.17 -33.07
CA THR K 129 56.94 0.51 -34.13
C THR K 129 56.02 -0.53 -34.78
N VAL K 130 56.04 -0.61 -36.09
CA VAL K 130 55.14 -1.48 -36.83
C VAL K 130 55.98 -2.45 -37.67
N SER K 131 56.05 -3.69 -37.22
CA SER K 131 56.77 -4.74 -37.95
C SER K 131 56.38 -6.09 -37.37
N SER K 132 57.11 -7.13 -37.78
CA SER K 132 56.87 -8.48 -37.30
C SER K 132 58.00 -8.91 -36.37
N ASP L 1 48.85 22.56 -48.31
CA ASP L 1 48.81 23.69 -47.39
C ASP L 1 49.73 23.45 -46.20
N ILE L 2 49.68 24.35 -45.24
CA ILE L 2 50.10 25.72 -45.49
C ILE L 2 51.61 25.71 -45.55
N GLN L 3 52.17 25.98 -46.72
CA GLN L 3 53.61 25.85 -46.90
C GLN L 3 54.33 26.92 -46.09
N LEU L 4 55.16 26.48 -45.16
CA LEU L 4 55.91 27.37 -44.27
C LEU L 4 57.37 26.95 -44.27
N THR L 5 58.23 27.79 -44.82
CA THR L 5 59.66 27.54 -44.82
C THR L 5 60.30 28.09 -43.55
N GLN L 6 61.16 27.29 -42.93
CA GLN L 6 61.85 27.62 -41.69
C GLN L 6 63.34 27.55 -41.94
N SER L 7 63.98 28.73 -42.00
CA SER L 7 65.38 28.90 -42.32
C SER L 7 66.18 29.29 -41.08
N PRO L 8 67.44 28.86 -40.96
CA PRO L 8 68.11 27.95 -41.91
C PRO L 8 67.71 26.49 -41.67
N SER L 9 68.48 25.55 -42.21
CA SER L 9 68.24 24.15 -41.90
C SER L 9 68.91 23.76 -40.59
N SER L 10 70.06 24.36 -40.30
CA SER L 10 70.85 24.00 -39.13
C SER L 10 71.76 25.17 -38.81
N LEU L 11 72.28 25.16 -37.58
CA LEU L 11 73.26 26.15 -37.17
C LEU L 11 74.10 25.57 -36.04
N SER L 12 75.24 26.19 -35.78
CA SER L 12 76.10 25.81 -34.68
C SER L 12 76.82 27.05 -34.22
N ALA L 13 76.83 27.28 -32.91
CA ALA L 13 77.40 28.51 -32.40
C ALA L 13 77.99 28.26 -31.02
N SER L 14 78.79 29.22 -30.58
CA SER L 14 79.42 29.18 -29.27
C SER L 14 78.43 29.66 -28.21
N VAL L 15 78.78 29.41 -26.95
CA VAL L 15 77.94 29.84 -25.85
C VAL L 15 77.95 31.36 -25.77
N GLY L 16 76.83 31.94 -25.40
CA GLY L 16 76.73 33.38 -25.23
C GLY L 16 76.48 34.18 -26.49
N ASP L 17 76.13 33.52 -27.59
CA ASP L 17 75.84 34.20 -28.85
C ASP L 17 74.34 34.37 -29.01
N ARG L 18 73.95 35.36 -29.81
CA ARG L 18 72.57 35.49 -30.24
C ARG L 18 72.41 34.67 -31.51
N VAL L 19 71.27 34.00 -31.64
CA VAL L 19 70.94 33.30 -32.88
C VAL L 19 69.52 33.67 -33.26
N THR L 20 69.25 33.73 -34.56
CA THR L 20 67.91 34.02 -35.03
C THR L 20 67.49 33.03 -36.10
N PHE L 21 66.24 32.61 -36.03
CA PHE L 21 65.60 31.75 -37.01
C PHE L 21 64.48 32.51 -37.69
N THR L 22 64.32 32.28 -39.00
CA THR L 22 63.27 32.89 -39.78
C THR L 22 62.28 31.81 -40.20
N CYS L 23 61.00 32.16 -40.27
CA CYS L 23 60.00 31.33 -40.94
C CYS L 23 59.04 32.20 -41.71
N GLN L 24 58.98 32.00 -43.02
CA GLN L 24 57.99 32.70 -43.83
C GLN L 24 57.05 31.66 -44.40
N ALA L 25 55.75 31.95 -44.34
CA ALA L 25 54.75 31.08 -44.92
C ALA L 25 54.20 31.71 -46.19
N SER L 26 53.65 30.87 -47.06
CA SER L 26 53.06 31.36 -48.29
C SER L 26 51.71 32.04 -48.08
N GLN L 27 51.26 32.12 -46.83
CA GLN L 27 49.91 32.57 -46.53
C GLN L 27 49.97 33.71 -45.52
N ASP L 28 48.83 34.35 -45.27
CA ASP L 28 48.76 35.35 -44.23
C ASP L 28 48.34 34.71 -42.91
N ILE L 29 49.23 34.78 -41.92
CA ILE L 29 49.09 34.07 -40.65
C ILE L 29 49.15 35.07 -39.49
N ARG L 30 48.42 36.19 -39.61
CA ARG L 30 48.73 37.44 -38.94
C ARG L 30 49.42 37.30 -37.58
N LYS L 31 48.87 36.51 -36.66
CA LYS L 31 49.50 36.36 -35.35
C LYS L 31 49.45 34.91 -34.87
N TYR L 32 48.96 33.98 -35.69
CA TYR L 32 48.72 32.60 -35.27
C TYR L 32 49.95 31.75 -35.58
N LEU L 33 51.06 32.08 -34.93
CA LEU L 33 52.30 31.34 -35.11
C LEU L 33 52.90 31.02 -33.76
N ASN L 34 53.57 29.87 -33.66
CA ASN L 34 54.10 29.43 -32.38
C ASN L 34 55.47 28.78 -32.59
N TRP L 35 56.24 28.71 -31.49
CA TRP L 35 57.63 28.23 -31.53
C TRP L 35 57.91 27.30 -30.36
N TYR L 36 58.58 26.19 -30.67
CA TYR L 36 59.06 25.19 -29.72
C TYR L 36 60.55 24.94 -29.94
N GLN L 37 61.18 24.28 -28.97
CA GLN L 37 62.43 23.56 -29.19
C GLN L 37 62.32 22.21 -28.50
N GLN L 38 62.77 21.15 -29.18
CA GLN L 38 62.65 19.80 -28.67
C GLN L 38 63.99 19.08 -28.76
N LYS L 39 64.38 18.41 -27.68
CA LYS L 39 65.45 17.43 -27.77
C LYS L 39 64.96 16.15 -28.44
N PRO L 40 65.86 15.35 -28.98
CA PRO L 40 65.53 13.94 -29.22
C PRO L 40 65.08 13.30 -27.90
N GLY L 41 64.00 12.54 -27.96
CA GLY L 41 63.50 11.88 -26.77
C GLY L 41 62.98 12.80 -25.71
N LYS L 42 62.51 13.99 -26.07
CA LYS L 42 61.96 14.95 -25.13
C LYS L 42 60.59 15.44 -25.60
N ALA L 43 59.79 15.85 -24.64
CA ALA L 43 58.73 16.80 -24.93
C ALA L 43 59.37 18.16 -25.17
N PRO L 44 58.90 18.95 -26.13
CA PRO L 44 59.61 20.18 -26.49
C PRO L 44 59.63 21.21 -25.38
N LYS L 45 60.32 22.32 -25.61
CA LYS L 45 60.59 23.31 -24.58
C LYS L 45 59.69 24.51 -24.80
N LEU L 46 59.12 25.05 -23.71
CA LEU L 46 58.29 26.24 -23.75
C LEU L 46 59.06 27.39 -24.37
N LEU L 47 58.67 27.81 -25.58
CA LEU L 47 59.30 28.97 -26.21
C LEU L 47 58.32 30.11 -26.46
N ILE L 48 57.32 29.95 -27.33
CA ILE L 48 56.63 31.12 -27.86
C ILE L 48 55.23 30.75 -28.32
N TYR L 49 54.25 31.54 -27.86
CA TYR L 49 52.90 31.55 -28.42
C TYR L 49 52.65 32.89 -29.10
N ASP L 50 51.84 32.85 -30.15
CA ASP L 50 51.43 34.06 -30.88
C ASP L 50 52.60 34.79 -31.52
N ALA L 51 53.74 34.11 -31.67
CA ALA L 51 54.94 34.60 -32.33
C ALA L 51 55.53 35.86 -31.69
N SER L 52 54.96 36.35 -30.59
CA SER L 52 55.46 37.55 -29.95
C SER L 52 55.41 37.49 -28.43
N ASN L 53 55.03 36.36 -27.85
CA ASN L 53 54.66 36.30 -26.44
C ASN L 53 55.48 35.23 -25.73
N LEU L 54 56.14 35.66 -24.65
CA LEU L 54 56.84 34.75 -23.76
C LEU L 54 55.87 34.09 -22.80
N LYS L 55 56.04 32.78 -22.62
CA LYS L 55 55.22 32.02 -21.69
C LYS L 55 55.83 32.07 -20.30
N THR L 56 54.96 31.96 -19.29
CA THR L 56 55.43 31.91 -17.92
C THR L 56 56.41 30.76 -17.73
N GLY L 57 57.50 31.03 -17.01
CA GLY L 57 58.53 30.05 -16.77
C GLY L 57 59.62 30.03 -17.82
N VAL L 58 59.36 30.57 -19.01
CA VAL L 58 60.37 30.61 -20.06
C VAL L 58 61.41 31.66 -19.69
N PRO L 59 62.70 31.37 -19.84
CA PRO L 59 63.72 32.40 -19.63
C PRO L 59 63.56 33.53 -20.63
N SER L 60 63.91 34.74 -20.19
CA SER L 60 63.90 35.90 -21.08
C SER L 60 65.01 35.83 -22.12
N ARG L 61 65.78 34.75 -22.11
CA ARG L 61 66.81 34.46 -23.10
C ARG L 61 66.26 34.31 -24.51
N PHE L 62 64.95 34.14 -24.65
CA PHE L 62 64.29 33.90 -25.92
C PHE L 62 63.34 35.04 -26.25
N SER L 63 63.16 35.31 -27.53
CA SER L 63 62.21 36.30 -27.98
C SER L 63 61.69 35.95 -29.37
N GLY L 64 60.49 36.43 -29.68
CA GLY L 64 59.89 36.16 -30.97
C GLY L 64 59.21 37.41 -31.49
N SER L 65 59.23 37.55 -32.82
CA SER L 65 58.68 38.73 -33.46
C SER L 65 58.27 38.39 -34.89
N GLY L 66 57.69 39.37 -35.56
CA GLY L 66 57.21 39.19 -36.92
C GLY L 66 55.72 39.46 -37.02
N SER L 67 55.29 40.12 -38.09
CA SER L 67 53.88 40.47 -38.22
C SER L 67 53.18 39.78 -39.37
N GLY L 68 53.58 40.03 -40.62
CA GLY L 68 52.72 39.66 -41.72
C GLY L 68 52.76 38.21 -42.17
N THR L 69 53.90 37.79 -42.70
CA THR L 69 54.06 36.44 -43.24
C THR L 69 55.36 35.79 -42.84
N ASP L 70 56.35 36.54 -42.38
CA ASP L 70 57.66 36.04 -42.01
C ASP L 70 57.98 36.49 -40.60
N PHE L 71 58.60 35.61 -39.82
CA PHE L 71 58.71 35.80 -38.38
C PHE L 71 60.08 35.31 -37.88
N THR L 72 60.60 36.04 -36.92
CA THR L 72 61.97 35.86 -36.43
C THR L 72 61.96 35.47 -34.96
N PHE L 73 62.57 34.34 -34.65
CA PHE L 73 62.86 33.97 -33.27
C PHE L 73 64.33 34.23 -32.99
N THR L 74 64.65 34.51 -31.72
CA THR L 74 66.01 34.88 -31.34
C THR L 74 66.33 34.39 -29.95
N ILE L 75 67.48 33.71 -29.83
CA ILE L 75 68.14 33.45 -28.57
C ILE L 75 69.13 34.57 -28.31
N SER L 76 69.00 35.24 -27.17
CA SER L 76 69.89 36.34 -26.85
C SER L 76 71.30 35.84 -26.52
N SER L 77 71.41 34.82 -25.66
CA SER L 77 72.71 34.28 -25.28
C SER L 77 72.64 32.77 -25.28
N LEU L 78 73.54 32.13 -26.03
CA LEU L 78 73.54 30.68 -26.15
C LEU L 78 73.97 30.03 -24.84
N GLN L 79 73.35 28.91 -24.51
CA GLN L 79 73.63 28.15 -23.31
C GLN L 79 73.56 26.65 -23.60
N PRO L 80 74.23 25.83 -22.78
CA PRO L 80 74.25 24.38 -23.05
C PRO L 80 72.88 23.73 -23.16
N GLU L 81 71.85 24.26 -22.52
CA GLU L 81 70.52 23.65 -22.57
C GLU L 81 69.77 24.08 -23.83
N ASP L 82 70.42 24.79 -24.74
CA ASP L 82 69.79 25.26 -25.95
C ASP L 82 69.97 24.31 -27.11
N VAL L 83 70.64 23.18 -26.90
CA VAL L 83 70.78 22.20 -27.97
C VAL L 83 69.44 21.49 -28.11
N ALA L 84 68.87 21.57 -29.31
CA ALA L 84 67.57 21.01 -29.63
C ALA L 84 67.31 21.27 -31.11
N THR L 85 66.19 20.78 -31.59
CA THR L 85 65.66 21.18 -32.89
C THR L 85 64.51 22.13 -32.64
N TYR L 86 64.59 23.32 -33.23
CA TYR L 86 63.58 24.36 -33.02
C TYR L 86 62.55 24.26 -34.12
N TYR L 87 61.29 24.51 -33.76
CA TYR L 87 60.18 24.40 -34.69
C TYR L 87 59.29 25.62 -34.60
N CYS L 88 58.85 26.07 -35.76
CA CYS L 88 57.83 27.09 -35.90
C CYS L 88 56.64 26.49 -36.63
N GLN L 89 55.42 26.87 -36.21
CA GLN L 89 54.23 26.27 -36.79
C GLN L 89 53.05 27.21 -36.69
N GLN L 90 52.22 27.24 -37.73
CA GLN L 90 51.06 28.12 -37.74
C GLN L 90 49.87 27.47 -37.04
N PHE L 91 48.80 28.25 -36.90
CA PHE L 91 47.61 27.81 -36.19
C PHE L 91 46.34 27.93 -37.01
N ASP L 92 46.39 28.56 -38.18
CA ASP L 92 45.18 28.94 -38.89
C ASP L 92 44.82 27.95 -39.99
N ASP L 93 43.54 27.97 -40.37
CA ASP L 93 43.00 27.36 -41.58
C ASP L 93 42.98 25.84 -41.49
N LEU L 94 43.63 25.29 -40.48
CA LEU L 94 43.61 23.90 -40.04
C LEU L 94 43.97 22.80 -41.04
N PRO L 95 44.96 22.96 -41.91
CA PRO L 95 45.87 21.84 -42.17
C PRO L 95 47.16 22.07 -41.41
N ILE L 96 47.13 22.06 -40.08
CA ILE L 96 48.24 22.60 -39.30
C ILE L 96 49.54 21.92 -39.68
N THR L 97 50.53 22.72 -40.06
CA THR L 97 51.86 22.26 -40.43
C THR L 97 52.88 22.83 -39.47
N PHE L 98 54.06 22.22 -39.44
CA PHE L 98 55.20 22.75 -38.72
C PHE L 98 56.36 22.95 -39.68
N GLY L 99 57.43 23.54 -39.17
CA GLY L 99 58.67 23.54 -39.91
C GLY L 99 59.39 22.22 -39.80
N GLN L 100 60.23 21.93 -40.79
CA GLN L 100 61.03 20.72 -40.71
C GLN L 100 62.07 20.82 -39.60
N GLY L 101 62.56 22.03 -39.32
CA GLY L 101 63.42 22.19 -38.17
C GLY L 101 64.60 23.13 -38.31
N THR L 102 65.13 23.56 -37.18
CA THR L 102 66.38 24.32 -37.11
C THR L 102 67.19 23.72 -35.96
N ARG L 103 68.31 23.11 -36.31
CA ARG L 103 69.07 22.30 -35.37
C ARG L 103 70.25 23.07 -34.82
N LEU L 104 70.60 22.80 -33.56
CA LEU L 104 71.69 23.52 -32.90
C LEU L 104 72.84 22.59 -32.58
N GLN L 105 73.98 23.23 -32.25
CA GLN L 105 75.18 22.54 -31.84
C GLN L 105 76.08 23.52 -31.12
N ILE L 106 76.64 23.08 -29.99
CA ILE L 106 77.58 23.91 -29.23
C ILE L 106 78.99 23.63 -29.72
N LYS L 107 79.85 24.64 -29.67
CA LYS L 107 81.22 24.52 -30.16
C LYS L 107 82.21 24.22 -29.05
C1 NAG M . 40.07 35.65 -21.90
C2 NAG M . 39.08 36.78 -22.19
C3 NAG M . 39.83 38.11 -22.31
C4 NAG M . 40.68 38.34 -21.06
C5 NAG M . 41.58 37.14 -20.80
C6 NAG M . 42.37 37.26 -19.51
C7 NAG M . 37.08 36.04 -23.38
C8 NAG M . 36.44 35.81 -24.72
N2 NAG M . 38.33 36.51 -23.40
O3 NAG M . 38.90 39.17 -22.46
O4 NAG M . 41.48 39.51 -21.23
O5 NAG M . 40.80 35.94 -20.70
O6 NAG M . 43.26 36.16 -19.35
O7 NAG M . 36.48 35.80 -22.34
C1 NAG N . -5.99 -40.42 -0.71
C2 NAG N . -7.46 -40.19 -1.09
C3 NAG N . -8.24 -41.49 -0.98
C4 NAG N . -7.56 -42.58 -1.79
C5 NAG N . -6.09 -42.72 -1.40
C6 NAG N . -5.33 -43.71 -2.25
C7 NAG N . -8.20 -37.89 -0.69
C8 NAG N . -8.83 -36.95 0.30
N2 NAG N . -8.05 -39.15 -0.27
O3 NAG N . -9.57 -41.28 -1.44
O4 NAG N . -8.22 -43.83 -1.57
O5 NAG N . -5.43 -41.44 -1.55
O6 NAG N . -3.99 -43.85 -1.81
O7 NAG N . -7.86 -37.52 -1.80
C1 NAG O . -36.30 -37.68 48.73
C2 NAG O . -37.55 -37.54 47.86
C3 NAG O . -38.39 -38.81 47.95
C4 NAG O . -37.55 -40.02 47.59
C5 NAG O . -36.28 -40.06 48.45
C6 NAG O . -35.34 -41.17 48.07
C7 NAG O . -38.29 -35.21 47.61
C8 NAG O . -39.15 -34.12 48.16
N2 NAG O . -38.34 -36.37 48.27
O3 NAG O . -39.50 -38.71 47.06
O4 NAG O . -38.29 -41.22 47.81
O5 NAG O . -35.55 -38.83 48.30
O6 NAG O . -34.22 -41.22 48.93
O7 NAG O . -37.60 -35.05 46.61
#